data_2H2M
#
_entry.id   2H2M
#
_entity_poly.entity_id   1
_entity_poly.type   'polypeptide(L)'
_entity_poly.pdbx_seq_one_letter_code
;MAAGELEGGKPLSGLLNALAQDTFHGYPGITEELLRSQLYPEVPPEEFRPFLAKMRGILKSIASADMDFNQLEAFLTAQT
KKQGGITSDQAAVISKFWKSHKTKIRES
;
_entity_poly.pdbx_strand_id   A
#
# COMPACT_ATOMS: atom_id res chain seq x y z
N MET A 1 -14.70 -13.18 -3.79
CA MET A 1 -15.97 -12.44 -3.54
C MET A 1 -16.16 -12.18 -2.04
N ALA A 2 -16.06 -13.23 -1.25
CA ALA A 2 -16.23 -13.12 0.20
C ALA A 2 -14.87 -13.04 0.90
N ALA A 3 -13.80 -12.99 0.12
CA ALA A 3 -12.46 -12.91 0.67
C ALA A 3 -11.52 -12.16 -0.27
N GLY A 4 -12.04 -11.76 -1.44
CA GLY A 4 -11.24 -11.05 -2.40
C GLY A 4 -11.57 -9.56 -2.44
N GLU A 5 -11.23 -8.85 -1.37
CA GLU A 5 -11.50 -7.43 -1.28
C GLU A 5 -10.69 -6.78 -0.16
N LEU A 6 -10.35 -7.59 0.85
CA LEU A 6 -9.58 -7.12 1.99
C LEU A 6 -10.34 -6.02 2.74
N GLU A 7 -11.20 -6.43 3.66
CA GLU A 7 -12.00 -5.49 4.45
C GLU A 7 -12.81 -4.56 3.53
N GLY A 8 -12.17 -3.46 3.10
CA GLY A 8 -12.83 -2.52 2.23
C GLY A 8 -11.87 -1.52 1.62
N GLY A 9 -12.28 -0.27 1.53
CA GLY A 9 -11.43 0.76 0.97
C GLY A 9 -10.47 1.34 2.00
N LYS A 10 -10.82 1.18 3.27
CA LYS A 10 -10.00 1.69 4.37
C LYS A 10 -8.59 1.09 4.38
N PRO A 11 -8.46 -0.24 4.26
CA PRO A 11 -7.13 -0.90 4.28
C PRO A 11 -6.31 -0.57 3.05
N LEU A 12 -6.85 -0.88 1.88
CA LEU A 12 -6.16 -0.62 0.62
C LEU A 12 -5.64 0.81 0.55
N SER A 13 -6.36 1.72 1.21
CA SER A 13 -5.96 3.13 1.22
C SER A 13 -4.76 3.35 2.13
N GLY A 14 -4.75 2.66 3.27
CA GLY A 14 -3.65 2.81 4.21
C GLY A 14 -2.77 1.58 4.26
N LEU A 15 -2.71 0.85 3.15
CA LEU A 15 -1.90 -0.36 3.07
C LEU A 15 -0.42 -0.02 3.07
N LEU A 16 0.01 0.74 2.08
CA LEU A 16 1.42 1.15 1.98
C LEU A 16 1.86 1.82 3.28
N ASN A 17 0.88 2.32 4.02
CA ASN A 17 1.14 2.99 5.30
C ASN A 17 1.45 1.97 6.39
N ALA A 18 0.55 1.01 6.57
CA ALA A 18 0.72 -0.03 7.57
C ALA A 18 1.97 -0.86 7.28
N LEU A 19 2.11 -1.27 6.03
CA LEU A 19 3.24 -2.09 5.58
C LEU A 19 4.58 -1.53 6.01
N ALA A 20 4.61 -0.27 6.42
CA ALA A 20 5.84 0.37 6.87
C ALA A 20 6.49 -0.41 8.00
N GLN A 21 7.35 -1.35 7.65
CA GLN A 21 8.05 -2.17 8.64
C GLN A 21 9.47 -1.66 8.86
N ASP A 22 10.16 -1.33 7.78
CA ASP A 22 11.52 -0.83 7.85
C ASP A 22 11.63 0.53 7.18
N THR A 23 11.49 1.60 7.97
CA THR A 23 11.58 2.95 7.46
C THR A 23 13.02 3.45 7.48
N PHE A 24 13.67 3.31 8.63
CA PHE A 24 15.05 3.74 8.80
C PHE A 24 15.64 3.16 10.08
N HIS A 25 14.79 2.96 11.08
CA HIS A 25 15.22 2.40 12.35
C HIS A 25 14.07 1.66 13.04
N GLY A 26 12.85 2.11 12.77
CA GLY A 26 11.68 1.47 13.36
C GLY A 26 11.02 2.34 14.41
N TYR A 27 9.83 2.84 14.11
CA TYR A 27 9.10 3.70 15.04
C TYR A 27 8.40 2.86 16.11
N PRO A 28 8.31 3.37 17.35
CA PRO A 28 7.65 2.66 18.45
C PRO A 28 6.15 2.52 18.22
N GLY A 29 5.65 3.18 17.19
CA GLY A 29 4.24 3.12 16.87
C GLY A 29 3.91 1.99 15.90
N ILE A 30 4.40 2.09 14.68
CA ILE A 30 4.16 1.08 13.66
C ILE A 30 5.03 -0.15 13.89
N THR A 31 4.46 -1.33 13.65
CA THR A 31 5.19 -2.58 13.83
C THR A 31 4.77 -3.60 12.76
N GLU A 32 5.64 -4.57 12.51
CA GLU A 32 5.36 -5.60 11.51
C GLU A 32 4.03 -6.30 11.77
N GLU A 33 3.83 -6.74 13.01
CA GLU A 33 2.60 -7.42 13.38
C GLU A 33 1.48 -6.41 13.61
N LEU A 34 1.85 -5.14 13.64
CA LEU A 34 0.89 -4.06 13.86
C LEU A 34 0.23 -3.62 12.56
N LEU A 35 0.98 -3.70 11.46
CA LEU A 35 0.45 -3.26 10.16
C LEU A 35 -0.89 -3.91 9.84
N ARG A 36 -1.03 -5.19 10.13
CA ARG A 36 -2.27 -5.88 9.86
C ARG A 36 -3.37 -5.38 10.80
N SER A 37 -3.08 -5.39 12.09
CA SER A 37 -4.03 -4.93 13.09
C SER A 37 -4.40 -3.48 12.84
N GLN A 38 -3.54 -2.78 12.10
CA GLN A 38 -3.75 -1.37 11.79
C GLN A 38 -4.99 -1.14 10.94
N LEU A 39 -5.13 -1.90 9.85
CA LEU A 39 -6.27 -1.76 8.96
C LEU A 39 -6.92 -3.09 8.62
N TYR A 40 -6.11 -4.12 8.41
CA TYR A 40 -6.64 -5.45 8.07
C TYR A 40 -6.43 -6.45 9.19
N PRO A 41 -7.35 -6.48 10.17
CA PRO A 41 -7.26 -7.41 11.30
C PRO A 41 -7.64 -8.83 10.89
N GLU A 42 -8.17 -8.96 9.68
CA GLU A 42 -8.58 -10.26 9.16
C GLU A 42 -7.38 -11.05 8.68
N VAL A 43 -6.41 -10.36 8.08
CA VAL A 43 -5.21 -11.00 7.57
C VAL A 43 -4.23 -11.27 8.70
N PRO A 44 -3.58 -12.45 8.69
CA PRO A 44 -2.63 -12.81 9.71
C PRO A 44 -1.23 -12.30 9.37
N PRO A 45 -0.36 -12.13 10.38
CA PRO A 45 1.01 -11.66 10.19
C PRO A 45 1.90 -12.69 9.48
N GLU A 46 1.26 -13.59 8.73
CA GLU A 46 2.00 -14.62 8.00
C GLU A 46 1.41 -14.80 6.60
N GLU A 47 0.09 -14.84 6.51
CA GLU A 47 -0.60 -15.02 5.24
C GLU A 47 -0.89 -13.66 4.57
N PHE A 48 -0.14 -12.65 4.98
CA PHE A 48 -0.32 -11.30 4.43
C PHE A 48 0.36 -11.17 3.07
N ARG A 49 1.45 -11.91 2.89
CA ARG A 49 2.22 -11.87 1.65
C ARG A 49 1.36 -12.20 0.41
N PRO A 50 0.65 -13.35 0.41
CA PRO A 50 -0.20 -13.74 -0.72
C PRO A 50 -1.12 -12.63 -1.17
N PHE A 51 -1.62 -11.85 -0.22
CA PHE A 51 -2.50 -10.74 -0.56
C PHE A 51 -1.70 -9.58 -1.12
N LEU A 52 -0.45 -9.47 -0.67
CA LEU A 52 0.45 -8.44 -1.15
C LEU A 52 1.00 -8.80 -2.53
N ALA A 53 0.65 -10.00 -3.00
CA ALA A 53 1.10 -10.44 -4.32
C ALA A 53 0.71 -9.41 -5.38
N LYS A 54 -0.25 -8.57 -5.02
CA LYS A 54 -0.73 -7.52 -5.90
C LYS A 54 -0.59 -6.16 -5.22
N MET A 55 -0.09 -6.18 -3.98
CA MET A 55 0.10 -4.95 -3.21
C MET A 55 1.51 -4.86 -2.64
N ARG A 56 2.45 -5.62 -3.22
CA ARG A 56 3.84 -5.61 -2.76
C ARG A 56 4.71 -4.68 -3.60
N GLY A 57 4.38 -4.56 -4.88
CA GLY A 57 5.15 -3.70 -5.76
C GLY A 57 5.25 -2.28 -5.25
N ILE A 58 4.20 -1.84 -4.55
CA ILE A 58 4.17 -0.49 -4.01
C ILE A 58 4.86 -0.41 -2.66
N LEU A 59 4.97 -1.56 -1.99
CA LEU A 59 5.61 -1.64 -0.69
C LEU A 59 7.10 -1.36 -0.79
N LYS A 60 7.78 -2.08 -1.68
CA LYS A 60 9.22 -1.91 -1.87
C LYS A 60 9.52 -0.58 -2.54
N SER A 61 8.50 0.03 -3.16
CA SER A 61 8.67 1.31 -3.84
C SER A 61 8.65 2.47 -2.86
N ILE A 62 7.67 2.47 -1.96
CA ILE A 62 7.53 3.53 -0.97
C ILE A 62 8.41 3.30 0.26
N ALA A 63 8.45 2.08 0.74
CA ALA A 63 9.24 1.75 1.93
C ALA A 63 10.71 1.46 1.61
N SER A 64 10.95 0.43 0.81
CA SER A 64 12.32 0.03 0.46
C SER A 64 13.01 1.02 -0.48
N ALA A 65 12.25 1.75 -1.26
CA ALA A 65 12.83 2.70 -2.21
C ALA A 65 12.53 4.15 -1.85
N ASP A 66 11.33 4.40 -1.33
CA ASP A 66 10.91 5.74 -0.95
C ASP A 66 10.93 6.68 -2.17
N MET A 67 9.78 6.83 -2.81
CA MET A 67 9.66 7.68 -3.99
C MET A 67 8.78 8.90 -3.71
N ASP A 68 8.62 9.74 -4.72
CA ASP A 68 7.81 10.94 -4.61
C ASP A 68 6.70 10.95 -5.65
N PHE A 69 6.01 12.08 -5.79
CA PHE A 69 4.93 12.20 -6.76
C PHE A 69 5.48 12.22 -8.19
N ASN A 70 4.61 11.94 -9.15
CA ASN A 70 4.97 11.93 -10.57
C ASN A 70 5.92 10.78 -10.88
N GLN A 71 6.42 10.11 -9.85
CA GLN A 71 7.34 8.98 -10.03
C GLN A 71 6.59 7.66 -9.92
N LEU A 72 5.69 7.58 -8.94
CA LEU A 72 4.90 6.37 -8.74
C LEU A 72 3.66 6.37 -9.64
N GLU A 73 3.25 7.57 -10.04
CA GLU A 73 2.07 7.72 -10.90
C GLU A 73 2.15 6.81 -12.11
N ALA A 74 3.34 6.72 -12.70
CA ALA A 74 3.56 5.88 -13.87
C ALA A 74 3.82 4.44 -13.45
N PHE A 75 4.17 4.25 -12.19
CA PHE A 75 4.45 2.91 -11.66
C PHE A 75 3.16 2.11 -11.48
N LEU A 76 2.08 2.80 -11.10
CA LEU A 76 0.80 2.13 -10.89
C LEU A 76 0.30 1.47 -12.15
N THR A 77 0.70 1.99 -13.31
CA THR A 77 0.30 1.41 -14.57
C THR A 77 0.76 -0.03 -14.64
N ALA A 78 1.82 -0.32 -13.88
CA ALA A 78 2.39 -1.66 -13.82
C ALA A 78 1.50 -2.58 -12.99
N GLN A 79 0.82 -2.00 -12.01
CA GLN A 79 -0.07 -2.77 -11.14
C GLN A 79 -1.37 -3.12 -11.85
N THR A 80 -1.59 -2.50 -13.00
CA THR A 80 -2.80 -2.75 -13.77
C THR A 80 -2.50 -3.44 -15.09
N LYS A 81 -1.25 -3.84 -15.29
CA LYS A 81 -0.84 -4.53 -16.51
C LYS A 81 -0.15 -5.85 -16.20
N LYS A 82 0.36 -5.98 -14.98
CA LYS A 82 1.03 -7.20 -14.55
C LYS A 82 0.11 -8.40 -14.66
N GLN A 83 0.66 -9.61 -14.54
CA GLN A 83 -0.13 -10.83 -14.62
C GLN A 83 -1.33 -10.75 -13.69
N GLY A 84 -2.48 -10.39 -14.24
CA GLY A 84 -3.69 -10.27 -13.45
C GLY A 84 -3.78 -8.90 -12.81
N GLY A 85 -2.82 -8.59 -11.94
CA GLY A 85 -2.78 -7.30 -11.27
C GLY A 85 -4.07 -6.99 -10.54
N ILE A 86 -4.19 -5.74 -10.11
CA ILE A 86 -5.37 -5.30 -9.38
C ILE A 86 -6.41 -4.71 -10.32
N THR A 87 -7.56 -4.36 -9.77
CA THR A 87 -8.65 -3.80 -10.55
C THR A 87 -8.70 -2.28 -10.42
N SER A 88 -9.56 -1.64 -11.20
CA SER A 88 -9.70 -0.18 -11.16
C SER A 88 -10.12 0.28 -9.77
N ASP A 89 -10.74 -0.62 -9.01
CA ASP A 89 -11.19 -0.28 -7.66
C ASP A 89 -10.00 -0.11 -6.71
N GLN A 90 -8.99 -0.96 -6.89
CA GLN A 90 -7.79 -0.89 -6.06
C GLN A 90 -6.86 0.23 -6.53
N ALA A 91 -6.55 0.22 -7.83
CA ALA A 91 -5.68 1.23 -8.41
C ALA A 91 -6.17 2.65 -8.11
N ALA A 92 -7.46 2.76 -7.78
CA ALA A 92 -8.06 4.06 -7.46
C ALA A 92 -7.48 4.64 -6.17
N VAL A 93 -7.30 3.79 -5.17
CA VAL A 93 -6.78 4.23 -3.89
C VAL A 93 -5.25 4.22 -3.86
N ILE A 94 -4.64 3.25 -4.54
CA ILE A 94 -3.19 3.16 -4.57
C ILE A 94 -2.57 4.32 -5.34
N SER A 95 -3.17 4.67 -6.48
CA SER A 95 -2.68 5.78 -7.31
C SER A 95 -2.56 7.07 -6.49
N LYS A 96 -3.19 7.08 -5.33
CA LYS A 96 -3.21 8.25 -4.45
C LYS A 96 -2.03 8.24 -3.48
N PHE A 97 -1.18 7.23 -3.60
CA PHE A 97 0.00 7.08 -2.72
C PHE A 97 0.81 8.37 -2.54
N TRP A 98 0.68 9.35 -3.45
CA TRP A 98 1.45 10.59 -3.30
C TRP A 98 0.57 11.84 -3.22
N LYS A 99 -0.71 11.72 -3.58
CA LYS A 99 -1.61 12.87 -3.53
C LYS A 99 -2.30 12.97 -2.18
N SER A 100 -2.37 11.84 -1.48
CA SER A 100 -3.02 11.79 -0.17
C SER A 100 -2.21 12.56 0.88
N HIS A 101 -0.95 12.85 0.55
CA HIS A 101 -0.08 13.57 1.48
C HIS A 101 0.52 14.82 0.83
N LYS A 102 0.05 15.16 -0.36
CA LYS A 102 0.54 16.34 -1.06
C LYS A 102 -0.61 17.15 -1.68
N THR A 103 -1.67 17.35 -0.90
CA THR A 103 -2.83 18.12 -1.36
C THR A 103 -3.33 19.07 -0.28
N LYS A 104 -3.95 18.52 0.75
CA LYS A 104 -4.47 19.32 1.85
C LYS A 104 -3.45 19.38 3.00
N ILE A 105 -2.20 19.08 2.66
CA ILE A 105 -1.11 19.08 3.64
C ILE A 105 -0.87 20.48 4.20
N ARG A 106 -0.04 21.26 3.52
CA ARG A 106 0.27 22.61 3.97
C ARG A 106 -0.60 23.64 3.27
N GLU A 107 -1.16 23.26 2.12
CA GLU A 107 -2.02 24.15 1.34
C GLU A 107 -1.28 25.43 0.95
N SER A 108 -0.73 25.43 -0.26
CA SER A 108 -0.01 26.59 -0.76
C SER A 108 0.06 26.58 -2.28
N MET A 1 -14.26 -16.54 -7.12
CA MET A 1 -13.00 -15.85 -7.50
C MET A 1 -12.99 -14.40 -7.01
N ALA A 2 -11.84 -13.77 -7.10
CA ALA A 2 -11.69 -12.37 -6.67
C ALA A 2 -12.05 -12.20 -5.19
N ALA A 3 -12.07 -10.96 -4.73
CA ALA A 3 -12.40 -10.65 -3.34
C ALA A 3 -11.44 -11.35 -2.38
N GLY A 4 -10.21 -11.58 -2.84
CA GLY A 4 -9.22 -12.24 -2.01
C GLY A 4 -8.87 -11.43 -0.78
N GLU A 5 -9.41 -11.84 0.36
CA GLU A 5 -9.14 -11.16 1.63
C GLU A 5 -9.46 -9.67 1.51
N LEU A 6 -8.87 -8.89 2.41
CA LEU A 6 -9.06 -7.43 2.42
C LEU A 6 -10.53 -7.09 2.68
N GLU A 7 -10.79 -6.45 3.81
CA GLU A 7 -12.16 -6.07 4.18
C GLU A 7 -12.76 -5.12 3.16
N GLY A 8 -11.95 -4.19 2.66
CA GLY A 8 -12.43 -3.23 1.68
C GLY A 8 -11.31 -2.55 0.92
N GLY A 9 -11.67 -1.63 0.04
CA GLY A 9 -10.68 -0.92 -0.75
C GLY A 9 -10.10 0.28 -0.02
N LYS A 10 -10.85 0.80 0.96
CA LYS A 10 -10.40 1.96 1.72
C LYS A 10 -9.11 1.66 2.50
N PRO A 11 -9.07 0.55 3.28
CA PRO A 11 -7.88 0.20 4.05
C PRO A 11 -6.70 -0.16 3.14
N LEU A 12 -7.02 -0.48 1.89
CA LEU A 12 -5.97 -0.83 0.92
C LEU A 12 -5.06 0.37 0.67
N SER A 13 -5.54 1.56 1.00
CA SER A 13 -4.74 2.77 0.83
C SER A 13 -3.67 2.86 1.91
N GLY A 14 -3.93 2.21 3.04
CA GLY A 14 -2.99 2.23 4.14
C GLY A 14 -2.01 1.08 4.07
N LEU A 15 -2.12 0.25 3.04
CA LEU A 15 -1.21 -0.88 2.87
C LEU A 15 0.23 -0.43 2.95
N LEU A 16 0.59 0.47 2.04
CA LEU A 16 1.95 1.01 1.99
C LEU A 16 2.35 1.60 3.35
N ASN A 17 1.35 1.92 4.15
CA ASN A 17 1.55 2.50 5.47
C ASN A 17 1.86 1.43 6.52
N ALA A 18 0.93 0.50 6.69
CA ALA A 18 1.10 -0.59 7.67
C ALA A 18 2.37 -1.38 7.40
N LEU A 19 2.71 -1.54 6.12
CA LEU A 19 3.89 -2.29 5.71
C LEU A 19 5.18 -1.56 6.05
N ALA A 20 5.07 -0.42 6.75
CA ALA A 20 6.24 0.34 7.13
C ALA A 20 6.89 -0.24 8.38
N GLN A 21 6.90 -1.57 8.46
CA GLN A 21 7.49 -2.27 9.60
C GLN A 21 8.99 -2.05 9.68
N ASP A 22 9.38 -0.92 10.27
CA ASP A 22 10.78 -0.57 10.41
C ASP A 22 11.54 -0.74 9.10
N THR A 23 11.44 0.26 8.23
CA THR A 23 12.12 0.21 6.93
C THR A 23 13.55 0.75 7.04
N PHE A 24 13.68 1.91 7.68
CA PHE A 24 15.00 2.53 7.86
C PHE A 24 14.89 3.75 8.76
N HIS A 25 14.80 3.51 10.07
CA HIS A 25 14.69 4.59 11.05
C HIS A 25 13.55 5.54 10.69
N GLY A 26 12.34 5.22 11.14
CA GLY A 26 11.19 6.05 10.85
C GLY A 26 10.19 6.07 11.98
N TYR A 27 8.91 6.16 11.63
CA TYR A 27 7.84 6.19 12.62
C TYR A 27 7.78 4.87 13.39
N PRO A 28 8.08 4.89 14.71
CA PRO A 28 8.05 3.68 15.54
C PRO A 28 6.62 3.23 15.84
N GLY A 29 6.50 2.24 16.73
CA GLY A 29 5.19 1.73 17.09
C GLY A 29 4.73 0.62 16.15
N ILE A 30 5.12 0.71 14.89
CA ILE A 30 4.74 -0.30 13.90
C ILE A 30 5.21 -1.68 14.33
N THR A 31 4.34 -2.67 14.16
CA THR A 31 4.65 -4.05 14.53
C THR A 31 3.99 -5.02 13.56
N GLU A 32 4.52 -6.24 13.50
CA GLU A 32 3.97 -7.26 12.61
C GLU A 32 2.47 -7.45 12.80
N GLU A 33 2.05 -7.58 14.07
CA GLU A 33 0.64 -7.76 14.39
C GLU A 33 -0.09 -6.42 14.36
N LEU A 34 0.68 -5.34 14.28
CA LEU A 34 0.12 -3.99 14.25
C LEU A 34 -0.30 -3.60 12.84
N LEU A 35 0.58 -3.83 11.87
CA LEU A 35 0.31 -3.50 10.48
C LEU A 35 -1.00 -4.12 10.01
N ARG A 36 -1.33 -5.27 10.57
CA ARG A 36 -2.57 -5.98 10.24
C ARG A 36 -3.76 -5.35 10.93
N SER A 37 -3.64 -5.19 12.24
CA SER A 37 -4.70 -4.63 13.06
C SER A 37 -5.08 -3.21 12.64
N GLN A 38 -4.18 -2.53 11.92
CA GLN A 38 -4.45 -1.15 11.51
C GLN A 38 -5.18 -1.08 10.17
N LEU A 39 -5.37 -2.21 9.51
CA LEU A 39 -6.06 -2.21 8.22
C LEU A 39 -6.87 -3.48 7.99
N TYR A 40 -6.18 -4.60 7.77
CA TYR A 40 -6.83 -5.87 7.51
C TYR A 40 -6.82 -6.78 8.73
N PRO A 41 -7.87 -6.73 9.56
CA PRO A 41 -7.98 -7.56 10.77
C PRO A 41 -8.35 -8.99 10.44
N GLU A 42 -8.87 -9.20 9.23
CA GLU A 42 -9.27 -10.53 8.79
C GLU A 42 -8.06 -11.36 8.40
N VAL A 43 -7.07 -10.70 7.80
CA VAL A 43 -5.85 -11.39 7.39
C VAL A 43 -4.86 -11.46 8.55
N PRO A 44 -4.20 -12.60 8.75
CA PRO A 44 -3.24 -12.75 9.84
C PRO A 44 -1.91 -12.07 9.53
N PRO A 45 -1.11 -11.73 10.57
CA PRO A 45 0.18 -11.07 10.39
C PRO A 45 1.24 -11.99 9.79
N GLU A 46 0.79 -13.04 9.10
CA GLU A 46 1.70 -14.01 8.49
C GLU A 46 1.28 -14.33 7.06
N GLU A 47 -0.02 -14.53 6.85
CA GLU A 47 -0.54 -14.85 5.53
C GLU A 47 -0.90 -13.60 4.75
N PHE A 48 -0.30 -12.47 5.13
CA PHE A 48 -0.55 -11.20 4.46
C PHE A 48 0.26 -11.09 3.16
N ARG A 49 1.33 -11.89 3.08
CA ARG A 49 2.21 -11.88 1.91
C ARG A 49 1.51 -12.35 0.64
N PRO A 50 0.80 -13.50 0.66
CA PRO A 50 0.12 -14.02 -0.53
C PRO A 50 -0.63 -12.93 -1.30
N PHE A 51 -1.26 -12.01 -0.57
CA PHE A 51 -1.97 -10.92 -1.22
C PHE A 51 -1.01 -9.79 -1.49
N LEU A 52 -0.06 -9.63 -0.57
CA LEU A 52 0.96 -8.59 -0.69
C LEU A 52 1.73 -8.74 -2.00
N ALA A 53 1.76 -9.96 -2.53
CA ALA A 53 2.47 -10.22 -3.78
C ALA A 53 1.96 -9.29 -4.87
N LYS A 54 0.75 -8.80 -4.68
CA LYS A 54 0.12 -7.89 -5.64
C LYS A 54 0.07 -6.47 -5.07
N MET A 55 0.36 -6.34 -3.79
CA MET A 55 0.34 -5.04 -3.11
C MET A 55 1.73 -4.70 -2.54
N ARG A 56 2.76 -5.36 -3.06
CA ARG A 56 4.13 -5.13 -2.59
C ARG A 56 4.90 -4.20 -3.52
N GLY A 57 4.61 -4.30 -4.82
CA GLY A 57 5.28 -3.45 -5.79
C GLY A 57 5.26 -1.99 -5.41
N ILE A 58 4.29 -1.63 -4.57
CA ILE A 58 4.15 -0.25 -4.11
C ILE A 58 4.90 -0.03 -2.80
N LEU A 59 4.92 -1.06 -1.95
CA LEU A 59 5.60 -0.97 -0.66
C LEU A 59 7.10 -0.77 -0.83
N LYS A 60 7.73 -1.65 -1.61
CA LYS A 60 9.16 -1.55 -1.87
C LYS A 60 9.50 -0.29 -2.64
N SER A 61 8.49 0.31 -3.26
CA SER A 61 8.68 1.52 -4.05
C SER A 61 8.66 2.77 -3.18
N ILE A 62 7.72 2.83 -2.24
CA ILE A 62 7.60 3.99 -1.35
C ILE A 62 8.54 3.90 -0.15
N ALA A 63 8.62 2.73 0.47
CA ALA A 63 9.46 2.54 1.65
C ALA A 63 10.92 2.24 1.29
N SER A 64 11.14 1.12 0.60
CA SER A 64 12.49 0.71 0.23
C SER A 64 13.13 1.63 -0.81
N ALA A 65 12.35 2.08 -1.78
CA ALA A 65 12.88 2.95 -2.84
C ALA A 65 12.63 4.42 -2.54
N ASP A 66 11.47 4.74 -1.97
CA ASP A 66 11.12 6.12 -1.65
C ASP A 66 11.15 7.00 -2.90
N MET A 67 9.97 7.22 -3.47
CA MET A 67 9.85 8.04 -4.67
C MET A 67 9.29 9.42 -4.36
N ASP A 68 9.01 10.19 -5.40
CA ASP A 68 8.46 11.54 -5.23
C ASP A 68 6.99 11.59 -5.64
N PHE A 69 6.74 11.85 -6.92
CA PHE A 69 5.36 11.94 -7.42
C PHE A 69 5.24 11.31 -8.81
N ASN A 70 5.72 12.02 -9.82
CA ASN A 70 5.66 11.53 -11.20
C ASN A 70 6.34 10.17 -11.33
N GLN A 71 7.22 9.86 -10.39
CA GLN A 71 7.93 8.59 -10.40
C GLN A 71 6.97 7.42 -10.18
N LEU A 72 6.12 7.54 -9.17
CA LEU A 72 5.14 6.50 -8.86
C LEU A 72 4.00 6.51 -9.87
N GLU A 73 3.67 7.68 -10.39
CA GLU A 73 2.59 7.84 -11.35
C GLU A 73 2.79 6.91 -12.55
N ALA A 74 4.04 6.60 -12.86
CA ALA A 74 4.36 5.72 -13.98
C ALA A 74 4.26 4.26 -13.58
N PHE A 75 4.45 3.98 -12.29
CA PHE A 75 4.40 2.62 -11.78
C PHE A 75 2.95 2.12 -11.68
N LEU A 76 2.07 2.97 -11.14
CA LEU A 76 0.67 2.61 -10.98
C LEU A 76 0.07 2.19 -12.32
N THR A 77 0.58 2.80 -13.40
CA THR A 77 0.11 2.48 -14.75
C THR A 77 0.33 1.00 -15.03
N ALA A 78 1.43 0.47 -14.50
CA ALA A 78 1.76 -0.94 -14.69
C ALA A 78 0.78 -1.83 -13.94
N GLN A 79 0.32 -1.37 -12.78
CA GLN A 79 -0.63 -2.13 -11.98
C GLN A 79 -1.99 -2.16 -12.67
N THR A 80 -2.92 -2.92 -12.10
CA THR A 80 -4.27 -3.07 -12.64
C THR A 80 -4.24 -3.18 -14.17
N LYS A 81 -3.13 -3.71 -14.68
CA LYS A 81 -2.95 -3.90 -16.12
C LYS A 81 -2.07 -5.11 -16.39
N LYS A 82 -1.25 -5.46 -15.40
CA LYS A 82 -0.35 -6.61 -15.51
C LYS A 82 -1.12 -7.92 -15.39
N GLN A 83 -0.37 -9.02 -15.24
CA GLN A 83 -0.98 -10.34 -15.10
C GLN A 83 -1.78 -10.41 -13.80
N GLY A 84 -3.09 -10.22 -13.90
CA GLY A 84 -3.94 -10.26 -12.73
C GLY A 84 -3.84 -8.99 -11.92
N GLY A 85 -2.72 -8.83 -11.20
CA GLY A 85 -2.52 -7.65 -10.39
C GLY A 85 -3.73 -7.30 -9.56
N ILE A 86 -3.99 -6.00 -9.42
CA ILE A 86 -5.13 -5.53 -8.66
C ILE A 86 -6.25 -5.04 -9.58
N THR A 87 -7.43 -4.83 -9.03
CA THR A 87 -8.58 -4.37 -9.82
C THR A 87 -8.53 -2.86 -10.03
N SER A 88 -9.48 -2.36 -10.82
CA SER A 88 -9.55 -0.93 -11.12
C SER A 88 -9.88 -0.14 -9.86
N ASP A 89 -10.91 -0.58 -9.14
CA ASP A 89 -11.34 0.09 -7.92
C ASP A 89 -10.21 0.07 -6.88
N GLN A 90 -9.37 -0.94 -6.97
CA GLN A 90 -8.25 -1.08 -6.04
C GLN A 90 -7.13 -0.11 -6.38
N ALA A 91 -6.80 -0.01 -7.67
CA ALA A 91 -5.75 0.88 -8.13
C ALA A 91 -6.09 2.34 -7.82
N ALA A 92 -7.37 2.63 -7.70
CA ALA A 92 -7.83 3.99 -7.41
C ALA A 92 -7.30 4.45 -6.05
N VAL A 93 -7.13 3.49 -5.14
CA VAL A 93 -6.64 3.79 -3.80
C VAL A 93 -5.11 3.81 -3.76
N ILE A 94 -4.49 3.06 -4.66
CA ILE A 94 -3.02 3.00 -4.72
C ILE A 94 -2.43 4.23 -5.37
N SER A 95 -3.02 4.67 -6.47
CA SER A 95 -2.55 5.85 -7.20
C SER A 95 -2.51 7.08 -6.30
N LYS A 96 -3.19 7.00 -5.16
CA LYS A 96 -3.25 8.09 -4.20
C LYS A 96 -2.04 8.08 -3.27
N PHE A 97 -1.13 7.14 -3.52
CA PHE A 97 0.07 6.97 -2.70
C PHE A 97 0.83 8.28 -2.42
N TRP A 98 0.51 9.37 -3.11
CA TRP A 98 1.22 10.64 -2.85
C TRP A 98 0.28 11.83 -2.71
N LYS A 99 -1.02 11.57 -2.61
CA LYS A 99 -1.99 12.66 -2.46
C LYS A 99 -2.74 12.54 -1.13
N SER A 100 -2.66 11.37 -0.53
CA SER A 100 -3.33 11.12 0.74
C SER A 100 -2.46 11.53 1.93
N HIS A 101 -1.16 11.71 1.67
CA HIS A 101 -0.23 12.08 2.71
C HIS A 101 0.63 13.29 2.29
N LYS A 102 0.33 13.85 1.12
CA LYS A 102 1.09 15.00 0.63
C LYS A 102 0.17 15.98 -0.11
N THR A 103 -0.59 16.74 0.66
CA THR A 103 -1.51 17.74 0.10
C THR A 103 -1.76 18.86 1.10
N LYS A 104 -2.34 18.51 2.24
CA LYS A 104 -2.63 19.48 3.29
C LYS A 104 -2.32 18.87 4.65
N ILE A 105 -1.57 17.77 4.63
CA ILE A 105 -1.19 17.08 5.86
C ILE A 105 0.16 17.58 6.39
N ARG A 106 1.14 17.66 5.49
CA ARG A 106 2.48 18.12 5.86
C ARG A 106 3.08 17.26 6.94
N GLU A 107 3.75 16.18 6.54
CA GLU A 107 4.37 15.27 7.49
C GLU A 107 5.30 14.29 6.77
N SER A 108 6.34 13.84 7.46
CA SER A 108 7.29 12.90 6.89
C SER A 108 7.04 11.49 7.41
N MET A 1 -10.33 -18.00 -1.29
CA MET A 1 -11.74 -18.30 -0.93
C MET A 1 -11.99 -18.08 0.55
N ALA A 2 -10.94 -17.65 1.26
CA ALA A 2 -11.03 -17.41 2.69
C ALA A 2 -11.05 -15.91 2.99
N ALA A 3 -10.40 -15.14 2.14
CA ALA A 3 -10.33 -13.70 2.31
C ALA A 3 -11.25 -12.98 1.32
N GLY A 4 -11.03 -13.23 0.04
CA GLY A 4 -11.85 -12.60 -0.99
C GLY A 4 -11.60 -11.11 -1.10
N GLU A 5 -12.49 -10.32 -0.51
CA GLU A 5 -12.36 -8.87 -0.53
C GLU A 5 -11.75 -8.36 0.78
N LEU A 6 -10.85 -7.40 0.67
CA LEU A 6 -10.20 -6.84 1.85
C LEU A 6 -10.88 -5.56 2.29
N GLU A 7 -11.95 -5.73 3.06
CA GLU A 7 -12.74 -4.61 3.58
C GLU A 7 -13.19 -3.69 2.45
N GLY A 8 -12.31 -2.78 2.02
CA GLY A 8 -12.65 -1.85 0.96
C GLY A 8 -11.49 -0.94 0.62
N GLY A 9 -11.78 0.35 0.47
CA GLY A 9 -10.73 1.31 0.16
C GLY A 9 -10.00 1.79 1.39
N LYS A 10 -10.63 1.63 2.55
CA LYS A 10 -10.04 2.06 3.82
C LYS A 10 -8.68 1.39 4.07
N PRO A 11 -8.58 0.05 3.95
CA PRO A 11 -7.32 -0.66 4.19
C PRO A 11 -6.28 -0.43 3.08
N LEU A 12 -6.68 -0.71 1.85
CA LEU A 12 -5.79 -0.55 0.71
C LEU A 12 -5.18 0.85 0.67
N SER A 13 -5.88 1.81 1.26
CA SER A 13 -5.40 3.19 1.31
C SER A 13 -4.28 3.32 2.33
N GLY A 14 -4.41 2.58 3.43
CA GLY A 14 -3.41 2.61 4.48
C GLY A 14 -2.53 1.37 4.46
N LEU A 15 -2.56 0.65 3.34
CA LEU A 15 -1.77 -0.57 3.19
C LEU A 15 -0.28 -0.27 3.19
N LEU A 16 0.15 0.54 2.22
CA LEU A 16 1.56 0.92 2.11
C LEU A 16 2.04 1.52 3.43
N ASN A 17 1.09 1.96 4.23
CA ASN A 17 1.38 2.57 5.53
C ASN A 17 1.58 1.50 6.60
N ALA A 18 0.62 0.58 6.71
CA ALA A 18 0.68 -0.49 7.70
C ALA A 18 1.86 -1.42 7.46
N LEU A 19 2.12 -1.72 6.19
CA LEU A 19 3.21 -2.62 5.81
C LEU A 19 4.56 -2.10 6.31
N ALA A 20 4.61 -0.84 6.72
CA ALA A 20 5.85 -0.25 7.22
C ALA A 20 6.35 -0.98 8.45
N GLN A 21 7.26 -1.93 8.26
CA GLN A 21 7.82 -2.70 9.35
C GLN A 21 9.18 -2.14 9.77
N ASP A 22 9.19 -1.42 10.90
CA ASP A 22 10.41 -0.82 11.42
C ASP A 22 11.09 0.05 10.37
N THR A 23 10.71 1.33 10.33
CA THR A 23 11.27 2.28 9.37
C THR A 23 12.52 2.94 9.93
N PHE A 24 12.49 3.28 11.21
CA PHE A 24 13.62 3.93 11.88
C PHE A 24 13.89 5.31 11.28
N HIS A 25 13.02 5.73 10.36
CA HIS A 25 13.18 7.03 9.71
C HIS A 25 11.82 7.73 9.57
N GLY A 26 10.79 7.12 10.14
CA GLY A 26 9.45 7.70 10.08
C GLY A 26 8.71 7.59 11.38
N TYR A 27 7.51 7.01 11.33
CA TYR A 27 6.68 6.84 12.52
C TYR A 27 7.02 5.53 13.24
N PRO A 28 7.61 5.60 14.44
CA PRO A 28 7.97 4.40 15.21
C PRO A 28 6.76 3.77 15.88
N GLY A 29 5.57 4.27 15.56
CA GLY A 29 4.36 3.74 16.15
C GLY A 29 3.85 2.51 15.43
N ILE A 30 4.33 2.31 14.20
CA ILE A 30 3.92 1.15 13.42
C ILE A 30 4.81 -0.05 13.70
N THR A 31 4.18 -1.16 14.09
CA THR A 31 4.91 -2.38 14.40
C THR A 31 4.51 -3.49 13.45
N GLU A 32 5.37 -4.50 13.31
CA GLU A 32 5.11 -5.61 12.41
C GLU A 32 3.78 -6.29 12.73
N GLU A 33 3.57 -6.60 14.00
CA GLU A 33 2.34 -7.25 14.43
C GLU A 33 1.16 -6.30 14.28
N LEU A 34 1.46 -5.01 14.19
CA LEU A 34 0.43 -3.99 14.05
C LEU A 34 0.03 -3.81 12.59
N LEU A 35 0.95 -4.09 11.67
CA LEU A 35 0.69 -3.95 10.24
C LEU A 35 -0.70 -4.48 9.88
N ARG A 36 -1.08 -5.60 10.48
CA ARG A 36 -2.38 -6.20 10.23
C ARG A 36 -3.47 -5.57 11.09
N SER A 37 -3.29 -5.67 12.41
CA SER A 37 -4.26 -5.15 13.38
C SER A 37 -4.60 -3.68 13.16
N GLN A 38 -3.76 -2.96 12.43
CA GLN A 38 -3.99 -1.54 12.19
C GLN A 38 -5.24 -1.29 11.35
N LEU A 39 -5.32 -1.89 10.17
CA LEU A 39 -6.48 -1.69 9.31
C LEU A 39 -7.14 -3.02 8.91
N TYR A 40 -6.34 -4.01 8.53
CA TYR A 40 -6.88 -5.31 8.12
C TYR A 40 -6.68 -6.37 9.20
N PRO A 41 -7.70 -6.59 10.05
CA PRO A 41 -7.63 -7.60 11.11
C PRO A 41 -7.88 -9.00 10.56
N GLU A 42 -8.45 -9.07 9.37
CA GLU A 42 -8.74 -10.34 8.72
C GLU A 42 -7.47 -10.99 8.19
N VAL A 43 -6.67 -10.21 7.46
CA VAL A 43 -5.42 -10.70 6.90
C VAL A 43 -4.40 -10.96 8.01
N PRO A 44 -4.08 -12.24 8.29
CA PRO A 44 -3.12 -12.60 9.33
C PRO A 44 -1.74 -12.00 9.04
N PRO A 45 -0.89 -11.86 10.07
CA PRO A 45 0.46 -11.30 9.92
C PRO A 45 1.40 -12.25 9.16
N GLU A 46 0.80 -13.19 8.43
CA GLU A 46 1.57 -14.15 7.65
C GLU A 46 0.90 -14.42 6.29
N GLU A 47 -0.42 -14.49 6.29
CA GLU A 47 -1.18 -14.73 5.07
C GLU A 47 -1.35 -13.46 4.25
N PHE A 48 -0.62 -12.42 4.62
CA PHE A 48 -0.69 -11.15 3.91
C PHE A 48 0.12 -11.20 2.61
N ARG A 49 1.15 -12.04 2.61
CA ARG A 49 2.03 -12.18 1.45
C ARG A 49 1.28 -12.55 0.17
N PRO A 50 0.46 -13.62 0.18
CA PRO A 50 -0.29 -14.04 -1.02
C PRO A 50 -1.11 -12.91 -1.62
N PHE A 51 -1.64 -12.05 -0.77
CA PHE A 51 -2.44 -10.92 -1.23
C PHE A 51 -1.56 -9.70 -1.47
N LEU A 52 -0.36 -9.72 -0.88
CA LEU A 52 0.58 -8.62 -1.01
C LEU A 52 1.49 -8.82 -2.20
N ALA A 53 1.47 -10.02 -2.77
CA ALA A 53 2.30 -10.32 -3.94
C ALA A 53 2.11 -9.27 -5.02
N LYS A 54 0.91 -8.72 -5.09
CA LYS A 54 0.59 -7.69 -6.06
C LYS A 54 0.45 -6.33 -5.37
N MET A 55 0.58 -6.35 -4.04
CA MET A 55 0.48 -5.15 -3.23
C MET A 55 1.75 -4.90 -2.42
N ARG A 56 2.86 -5.49 -2.87
CA ARG A 56 4.15 -5.35 -2.18
C ARG A 56 5.09 -4.43 -2.94
N GLY A 57 5.01 -4.46 -4.27
CA GLY A 57 5.89 -3.63 -5.08
C GLY A 57 5.71 -2.15 -4.83
N ILE A 58 4.79 -1.81 -3.93
CA ILE A 58 4.51 -0.42 -3.60
C ILE A 58 5.14 -0.02 -2.27
N LEU A 59 5.27 -1.00 -1.37
CA LEU A 59 5.83 -0.74 -0.05
C LEU A 59 7.30 -0.33 -0.13
N LYS A 60 8.13 -1.20 -0.68
CA LYS A 60 9.56 -0.92 -0.80
C LYS A 60 9.81 0.28 -1.71
N SER A 61 8.81 0.63 -2.51
CA SER A 61 8.92 1.75 -3.44
C SER A 61 8.75 3.09 -2.72
N ILE A 62 7.81 3.16 -1.79
CA ILE A 62 7.54 4.38 -1.05
C ILE A 62 8.48 4.56 0.14
N ALA A 63 8.63 3.52 0.94
CA ALA A 63 9.47 3.58 2.13
C ALA A 63 10.95 3.33 1.83
N SER A 64 11.26 2.14 1.34
CA SER A 64 12.65 1.76 1.05
C SER A 64 13.26 2.58 -0.09
N ALA A 65 12.46 2.92 -1.09
CA ALA A 65 12.96 3.69 -2.23
C ALA A 65 12.63 5.17 -2.13
N ASP A 66 11.43 5.49 -1.64
CA ASP A 66 11.01 6.88 -1.49
C ASP A 66 11.12 7.62 -2.83
N MET A 67 10.02 7.66 -3.57
CA MET A 67 10.00 8.33 -4.87
C MET A 67 9.45 9.75 -4.75
N ASP A 68 9.16 10.37 -5.90
CA ASP A 68 8.64 11.73 -5.93
C ASP A 68 7.13 11.73 -6.14
N PHE A 69 6.69 11.77 -7.39
CA PHE A 69 5.26 11.79 -7.70
C PHE A 69 4.99 11.20 -9.08
N ASN A 70 5.87 11.47 -10.02
CA ASN A 70 5.70 10.96 -11.38
C ASN A 70 6.19 9.52 -11.49
N GLN A 71 7.03 9.12 -10.55
CA GLN A 71 7.57 7.76 -10.54
C GLN A 71 6.48 6.74 -10.29
N LEU A 72 5.85 6.81 -9.12
CA LEU A 72 4.79 5.88 -8.76
C LEU A 72 3.58 6.04 -9.68
N GLU A 73 3.34 7.26 -10.14
CA GLU A 73 2.22 7.55 -11.03
C GLU A 73 2.10 6.53 -12.15
N ALA A 74 3.20 6.29 -12.84
CA ALA A 74 3.21 5.33 -13.94
C ALA A 74 3.37 3.91 -13.44
N PHE A 75 3.84 3.77 -12.20
CA PHE A 75 4.05 2.45 -11.61
C PHE A 75 2.72 1.74 -11.35
N LEU A 76 1.73 2.47 -10.86
CA LEU A 76 0.43 1.90 -10.58
C LEU A 76 -0.22 1.38 -11.85
N THR A 77 -0.05 2.10 -12.94
CA THR A 77 -0.61 1.69 -14.23
C THR A 77 -0.11 0.31 -14.61
N ALA A 78 1.08 -0.04 -14.10
CA ALA A 78 1.68 -1.33 -14.37
C ALA A 78 0.98 -2.45 -13.61
N GLN A 79 0.40 -2.09 -12.46
CA GLN A 79 -0.30 -3.06 -11.64
C GLN A 79 -1.66 -3.38 -12.23
N THR A 80 -2.08 -2.58 -13.20
CA THR A 80 -3.38 -2.77 -13.85
C THR A 80 -3.20 -3.33 -15.26
N LYS A 81 -1.95 -3.43 -15.71
CA LYS A 81 -1.66 -3.94 -17.04
C LYS A 81 -0.74 -5.16 -16.98
N LYS A 82 -0.52 -5.67 -15.77
CA LYS A 82 0.34 -6.83 -15.58
C LYS A 82 -0.48 -8.12 -15.61
N GLN A 83 0.17 -9.23 -15.26
CA GLN A 83 -0.51 -10.52 -15.23
C GLN A 83 -1.45 -10.60 -14.03
N GLY A 84 -2.70 -10.25 -14.26
CA GLY A 84 -3.68 -10.25 -13.18
C GLY A 84 -3.71 -8.93 -12.45
N GLY A 85 -2.63 -8.63 -11.72
CA GLY A 85 -2.54 -7.38 -10.99
C GLY A 85 -3.75 -7.12 -10.11
N ILE A 86 -4.08 -5.85 -9.96
CA ILE A 86 -5.22 -5.46 -9.14
C ILE A 86 -6.39 -4.99 -10.01
N THR A 87 -7.52 -4.71 -9.37
CA THR A 87 -8.71 -4.26 -10.08
C THR A 87 -8.72 -2.74 -10.22
N SER A 88 -9.83 -2.21 -10.73
CA SER A 88 -9.98 -0.76 -10.93
C SER A 88 -10.16 -0.05 -9.58
N ASP A 89 -11.11 -0.54 -8.80
CA ASP A 89 -11.39 0.04 -7.49
C ASP A 89 -10.13 0.13 -6.63
N GLN A 90 -9.19 -0.79 -6.87
CA GLN A 90 -7.93 -0.80 -6.12
C GLN A 90 -7.00 0.30 -6.61
N ALA A 91 -6.75 0.33 -7.91
CA ALA A 91 -5.86 1.33 -8.51
C ALA A 91 -6.29 2.75 -8.15
N ALA A 92 -7.53 2.90 -7.74
CA ALA A 92 -8.07 4.21 -7.38
C ALA A 92 -7.50 4.74 -6.08
N VAL A 93 -7.36 3.86 -5.08
CA VAL A 93 -6.84 4.28 -3.77
C VAL A 93 -5.31 4.23 -3.70
N ILE A 94 -4.69 3.32 -4.43
CA ILE A 94 -3.24 3.18 -4.40
C ILE A 94 -2.54 4.24 -5.24
N SER A 95 -3.06 4.51 -6.43
CA SER A 95 -2.47 5.51 -7.32
C SER A 95 -2.29 6.86 -6.63
N LYS A 96 -2.96 7.03 -5.50
CA LYS A 96 -2.90 8.27 -4.73
C LYS A 96 -1.70 8.32 -3.79
N PHE A 97 -0.89 7.27 -3.82
CA PHE A 97 0.27 7.14 -2.95
C PHE A 97 1.22 8.36 -3.00
N TRP A 98 1.16 9.17 -4.04
CA TRP A 98 2.06 10.34 -4.12
C TRP A 98 1.31 11.67 -4.06
N LYS A 99 0.00 11.63 -3.89
CA LYS A 99 -0.79 12.85 -3.81
C LYS A 99 -0.45 13.63 -2.54
N SER A 100 0.08 12.91 -1.56
CA SER A 100 0.48 13.53 -0.30
C SER A 100 1.63 14.46 -0.57
N HIS A 101 2.23 14.27 -1.75
CA HIS A 101 3.36 15.07 -2.19
C HIS A 101 3.26 15.32 -3.69
N LYS A 102 2.23 16.05 -4.08
CA LYS A 102 1.98 16.36 -5.48
C LYS A 102 3.02 17.31 -6.04
N THR A 103 2.68 17.87 -7.19
CA THR A 103 3.54 18.81 -7.88
C THR A 103 3.71 20.09 -7.07
N LYS A 104 2.60 20.61 -6.59
CA LYS A 104 2.61 21.83 -5.79
C LYS A 104 2.94 21.52 -4.33
N ILE A 105 2.97 20.24 -4.01
CA ILE A 105 3.28 19.81 -2.65
C ILE A 105 4.71 19.28 -2.54
N ARG A 106 4.89 17.99 -2.86
CA ARG A 106 6.21 17.34 -2.82
C ARG A 106 6.66 17.11 -1.38
N GLU A 107 6.37 18.05 -0.49
CA GLU A 107 6.75 17.93 0.91
C GLU A 107 5.68 18.51 1.83
N SER A 108 5.66 19.83 1.96
CA SER A 108 4.68 20.51 2.80
C SER A 108 4.70 19.96 4.23
N MET A 1 -15.38 -13.10 -5.81
CA MET A 1 -14.80 -12.30 -6.92
C MET A 1 -15.17 -10.82 -6.76
N ALA A 2 -16.12 -10.56 -5.87
CA ALA A 2 -16.57 -9.19 -5.62
C ALA A 2 -15.97 -8.64 -4.33
N ALA A 3 -15.73 -9.52 -3.37
CA ALA A 3 -15.15 -9.13 -2.09
C ALA A 3 -13.71 -9.62 -1.96
N GLY A 4 -13.13 -9.43 -0.79
CA GLY A 4 -11.76 -9.86 -0.56
C GLY A 4 -11.57 -10.46 0.83
N GLU A 5 -10.55 -9.97 1.53
CA GLU A 5 -10.24 -10.47 2.88
C GLU A 5 -9.55 -9.39 3.69
N LEU A 6 -9.88 -8.14 3.40
CA LEU A 6 -9.29 -7.01 4.11
C LEU A 6 -10.24 -5.82 4.12
N GLU A 7 -11.50 -6.10 4.43
CA GLU A 7 -12.55 -5.08 4.49
C GLU A 7 -12.95 -4.62 3.09
N GLY A 8 -12.02 -3.95 2.41
CA GLY A 8 -12.29 -3.47 1.07
C GLY A 8 -11.25 -2.47 0.60
N GLY A 9 -11.68 -1.48 -0.17
CA GLY A 9 -10.77 -0.48 -0.67
C GLY A 9 -10.52 0.65 0.33
N LYS A 10 -11.43 0.81 1.27
CA LYS A 10 -11.31 1.85 2.28
C LYS A 10 -9.98 1.78 3.04
N PRO A 11 -9.60 0.59 3.56
CA PRO A 11 -8.35 0.43 4.29
C PRO A 11 -7.15 0.29 3.35
N LEU A 12 -7.36 -0.42 2.25
CA LEU A 12 -6.31 -0.64 1.26
C LEU A 12 -5.64 0.67 0.86
N SER A 13 -6.32 1.79 1.11
CA SER A 13 -5.79 3.11 0.79
C SER A 13 -4.41 3.31 1.41
N GLY A 14 -4.36 3.35 2.73
CA GLY A 14 -3.09 3.52 3.42
C GLY A 14 -2.48 2.20 3.81
N LEU A 15 -2.37 1.31 2.83
CA LEU A 15 -1.80 -0.02 3.06
C LEU A 15 -0.29 0.03 3.05
N LEU A 16 0.25 0.89 2.19
CA LEU A 16 1.70 1.04 2.08
C LEU A 16 2.24 1.48 3.43
N ASN A 17 1.35 2.02 4.24
CA ASN A 17 1.69 2.49 5.58
C ASN A 17 1.99 1.31 6.49
N ALA A 18 1.00 0.42 6.65
CA ALA A 18 1.15 -0.76 7.50
C ALA A 18 2.36 -1.58 7.06
N LEU A 19 2.58 -1.65 5.76
CA LEU A 19 3.67 -2.41 5.18
C LEU A 19 5.04 -1.77 5.45
N ALA A 20 5.08 -0.76 6.31
CA ALA A 20 6.32 -0.08 6.64
C ALA A 20 7.25 -1.00 7.44
N GLN A 21 6.67 -1.74 8.39
CA GLN A 21 7.43 -2.64 9.23
C GLN A 21 8.54 -1.90 9.96
N ASP A 22 8.39 -0.58 10.08
CA ASP A 22 9.37 0.26 10.76
C ASP A 22 10.74 0.11 10.10
N THR A 23 10.98 0.91 9.06
CA THR A 23 12.25 0.87 8.36
C THR A 23 13.29 1.74 9.04
N PHE A 24 12.95 3.02 9.24
CA PHE A 24 13.83 3.97 9.89
C PHE A 24 13.18 5.34 9.99
N HIS A 25 12.64 5.82 8.87
CA HIS A 25 11.97 7.11 8.82
C HIS A 25 10.46 6.95 8.93
N GLY A 26 9.74 8.04 8.66
CA GLY A 26 8.29 7.99 8.73
C GLY A 26 7.79 8.02 10.16
N TYR A 27 6.78 7.20 10.45
CA TYR A 27 6.22 7.15 11.80
C TYR A 27 6.93 6.06 12.62
N PRO A 28 7.61 6.47 13.72
CA PRO A 28 8.32 5.51 14.58
C PRO A 28 7.37 4.70 15.45
N GLY A 29 7.55 3.38 15.43
CA GLY A 29 6.70 2.51 16.21
C GLY A 29 5.64 1.80 15.37
N ILE A 30 6.10 0.97 14.45
CA ILE A 30 5.18 0.23 13.57
C ILE A 30 5.71 -1.17 13.29
N THR A 31 5.18 -2.16 14.01
CA THR A 31 5.58 -3.55 13.84
C THR A 31 4.67 -4.26 12.86
N GLU A 32 5.17 -5.34 12.27
CA GLU A 32 4.40 -6.12 11.30
C GLU A 32 3.11 -6.65 11.93
N GLU A 33 3.22 -7.20 13.15
CA GLU A 33 2.05 -7.73 13.84
C GLU A 33 0.98 -6.66 13.96
N LEU A 34 1.43 -5.40 13.94
CA LEU A 34 0.54 -4.26 14.05
C LEU A 34 -0.03 -3.88 12.69
N LEU A 35 0.76 -4.07 11.65
CA LEU A 35 0.36 -3.75 10.28
C LEU A 35 -1.00 -4.34 9.95
N ARG A 36 -1.29 -5.52 10.50
CA ARG A 36 -2.56 -6.19 10.27
C ARG A 36 -3.67 -5.51 11.05
N SER A 37 -3.48 -5.39 12.35
CA SER A 37 -4.47 -4.79 13.23
C SER A 37 -4.75 -3.32 12.86
N GLN A 38 -3.84 -2.70 12.14
CA GLN A 38 -4.01 -1.30 11.75
C GLN A 38 -5.05 -1.13 10.64
N LEU A 39 -5.32 -2.20 9.89
CA LEU A 39 -6.29 -2.10 8.80
C LEU A 39 -7.14 -3.37 8.67
N TYR A 40 -6.51 -4.49 8.34
CA TYR A 40 -7.24 -5.76 8.19
C TYR A 40 -7.01 -6.70 9.37
N PRO A 41 -7.83 -6.59 10.43
CA PRO A 41 -7.70 -7.46 11.61
C PRO A 41 -8.24 -8.87 11.36
N GLU A 42 -8.47 -9.20 10.09
CA GLU A 42 -9.00 -10.51 9.73
C GLU A 42 -7.89 -11.40 9.16
N VAL A 43 -7.11 -10.86 8.22
CA VAL A 43 -6.03 -11.62 7.60
C VAL A 43 -4.75 -11.51 8.44
N PRO A 44 -4.16 -12.65 8.84
CA PRO A 44 -2.93 -12.68 9.64
C PRO A 44 -1.84 -11.79 9.03
N PRO A 45 -0.89 -11.31 9.85
CA PRO A 45 0.19 -10.46 9.38
C PRO A 45 1.14 -11.18 8.44
N GLU A 46 0.97 -12.49 8.34
CA GLU A 46 1.81 -13.32 7.47
C GLU A 46 1.02 -13.80 6.25
N GLU A 47 -0.29 -13.93 6.41
CA GLU A 47 -1.14 -14.40 5.31
C GLU A 47 -1.36 -13.30 4.28
N PHE A 48 -0.94 -12.09 4.59
CA PHE A 48 -1.07 -10.97 3.66
C PHE A 48 0.00 -11.01 2.59
N ARG A 49 1.11 -11.67 2.89
CA ARG A 49 2.22 -11.77 1.96
C ARG A 49 1.76 -12.17 0.55
N PRO A 50 0.97 -13.25 0.41
CA PRO A 50 0.46 -13.68 -0.90
C PRO A 50 -0.39 -12.59 -1.55
N PHE A 51 -1.17 -11.90 -0.74
CA PHE A 51 -2.02 -10.83 -1.24
C PHE A 51 -1.16 -9.61 -1.61
N LEU A 52 0.06 -9.59 -1.08
CA LEU A 52 0.98 -8.49 -1.36
C LEU A 52 1.61 -8.63 -2.73
N ALA A 53 1.68 -9.85 -3.27
CA ALA A 53 2.27 -10.06 -4.58
C ALA A 53 1.77 -9.00 -5.57
N LYS A 54 0.58 -8.47 -5.29
CA LYS A 54 -0.02 -7.43 -6.12
C LYS A 54 0.14 -6.07 -5.44
N MET A 55 0.22 -6.10 -4.11
CA MET A 55 0.37 -4.89 -3.29
C MET A 55 1.80 -4.80 -2.75
N ARG A 56 2.75 -5.35 -3.51
CA ARG A 56 4.14 -5.40 -3.09
C ARG A 56 5.00 -4.40 -3.85
N GLY A 57 4.62 -4.11 -5.09
CA GLY A 57 5.39 -3.17 -5.89
C GLY A 57 5.35 -1.76 -5.34
N ILE A 58 4.65 -1.57 -4.22
CA ILE A 58 4.52 -0.25 -3.63
C ILE A 58 5.16 -0.15 -2.23
N LEU A 59 5.13 -1.24 -1.47
CA LEU A 59 5.68 -1.24 -0.12
C LEU A 59 7.18 -0.98 -0.11
N LYS A 60 7.92 -1.64 -1.00
CA LYS A 60 9.36 -1.47 -1.07
C LYS A 60 9.73 -0.25 -1.91
N SER A 61 8.79 0.23 -2.70
CA SER A 61 9.01 1.38 -3.56
C SER A 61 8.91 2.68 -2.75
N ILE A 62 7.96 2.72 -1.82
CA ILE A 62 7.76 3.89 -0.99
C ILE A 62 8.71 3.91 0.21
N ALA A 63 8.92 2.75 0.82
CA ALA A 63 9.78 2.65 2.00
C ALA A 63 11.26 2.54 1.65
N SER A 64 11.63 1.46 0.97
CA SER A 64 13.03 1.22 0.62
C SER A 64 13.53 2.19 -0.45
N ALA A 65 12.76 2.36 -1.51
CA ALA A 65 13.16 3.24 -2.60
C ALA A 65 12.82 4.70 -2.31
N ASP A 66 11.67 4.93 -1.69
CA ASP A 66 11.22 6.28 -1.36
C ASP A 66 11.21 7.16 -2.61
N MET A 67 10.09 7.17 -3.30
CA MET A 67 9.95 7.96 -4.53
C MET A 67 9.42 9.35 -4.22
N ASP A 68 9.19 10.14 -5.28
CA ASP A 68 8.69 11.49 -5.13
C ASP A 68 7.19 11.55 -5.43
N PHE A 69 6.85 11.62 -6.72
CA PHE A 69 5.45 11.69 -7.13
C PHE A 69 5.29 11.31 -8.60
N ASN A 70 6.22 11.76 -9.44
CA ASN A 70 6.17 11.46 -10.87
C ASN A 70 6.86 10.13 -11.18
N GLN A 71 7.12 9.35 -10.14
CA GLN A 71 7.77 8.05 -10.30
C GLN A 71 6.80 6.90 -10.07
N LEU A 72 5.92 7.06 -9.08
CA LEU A 72 4.95 6.02 -8.75
C LEU A 72 3.72 6.11 -9.66
N GLU A 73 3.39 7.33 -10.07
CA GLU A 73 2.22 7.56 -10.93
C GLU A 73 2.22 6.59 -12.11
N ALA A 74 3.29 6.60 -12.89
CA ALA A 74 3.41 5.73 -14.05
C ALA A 74 3.59 4.27 -13.64
N PHE A 75 3.96 4.05 -12.38
CA PHE A 75 4.18 2.70 -11.88
C PHE A 75 2.87 1.98 -11.60
N LEU A 76 1.91 2.69 -11.03
CA LEU A 76 0.62 2.11 -10.71
C LEU A 76 -0.03 1.47 -11.94
N THR A 77 0.18 2.09 -13.09
CA THR A 77 -0.37 1.57 -14.34
C THR A 77 0.12 0.14 -14.58
N ALA A 78 1.31 -0.16 -14.06
CA ALA A 78 1.90 -1.48 -14.22
C ALA A 78 1.18 -2.50 -13.34
N GLN A 79 0.64 -2.03 -12.22
CA GLN A 79 -0.08 -2.89 -11.29
C GLN A 79 -1.44 -3.27 -11.86
N THR A 80 -1.82 -2.62 -12.96
CA THR A 80 -3.10 -2.88 -13.59
C THR A 80 -2.93 -3.51 -14.97
N LYS A 81 -1.72 -3.42 -15.51
CA LYS A 81 -1.43 -3.97 -16.82
C LYS A 81 -0.61 -5.25 -16.71
N LYS A 82 -0.40 -5.72 -15.47
CA LYS A 82 0.36 -6.94 -15.23
C LYS A 82 -0.52 -8.16 -15.37
N GLN A 83 0.06 -9.34 -15.15
CA GLN A 83 -0.67 -10.59 -15.24
C GLN A 83 -1.74 -10.65 -14.15
N GLY A 84 -2.95 -10.21 -14.50
CA GLY A 84 -4.03 -10.19 -13.54
C GLY A 84 -4.00 -8.94 -12.69
N GLY A 85 -3.02 -8.86 -11.81
CA GLY A 85 -2.88 -7.69 -10.95
C GLY A 85 -4.11 -7.41 -10.13
N ILE A 86 -4.35 -6.13 -9.87
CA ILE A 86 -5.49 -5.71 -9.08
C ILE A 86 -6.60 -5.13 -9.95
N THR A 87 -7.71 -4.76 -9.31
CA THR A 87 -8.85 -4.19 -10.02
C THR A 87 -8.80 -2.66 -10.00
N SER A 88 -9.78 -2.04 -10.66
CA SER A 88 -9.85 -0.58 -10.72
C SER A 88 -10.09 0.02 -9.33
N ASP A 89 -10.93 -0.64 -8.55
CA ASP A 89 -11.27 -0.18 -7.21
C ASP A 89 -10.02 -0.14 -6.32
N GLN A 90 -9.05 -1.00 -6.65
CA GLN A 90 -7.81 -1.06 -5.88
C GLN A 90 -6.81 -0.03 -6.38
N ALA A 91 -6.53 -0.07 -7.68
CA ALA A 91 -5.59 0.85 -8.29
C ALA A 91 -5.98 2.30 -8.07
N ALA A 92 -7.27 2.54 -7.84
CA ALA A 92 -7.78 3.88 -7.62
C ALA A 92 -7.36 4.43 -6.27
N VAL A 93 -7.24 3.54 -5.27
CA VAL A 93 -6.86 3.97 -3.93
C VAL A 93 -5.35 4.02 -3.78
N ILE A 94 -4.63 3.14 -4.48
CA ILE A 94 -3.18 3.11 -4.42
C ILE A 94 -2.58 4.26 -5.22
N SER A 95 -3.24 4.61 -6.32
CA SER A 95 -2.79 5.72 -7.16
C SER A 95 -2.70 7.01 -6.35
N LYS A 96 -3.32 7.00 -5.18
CA LYS A 96 -3.33 8.16 -4.29
C LYS A 96 -2.08 8.19 -3.40
N PHE A 97 -1.20 7.21 -3.62
CA PHE A 97 0.02 7.07 -2.83
C PHE A 97 0.79 8.38 -2.60
N TRP A 98 0.53 9.43 -3.40
CA TRP A 98 1.25 10.70 -3.18
C TRP A 98 0.33 11.91 -3.21
N LYS A 99 -0.94 11.72 -3.54
CA LYS A 99 -1.88 12.84 -3.59
C LYS A 99 -2.59 13.00 -2.25
N SER A 100 -2.33 12.07 -1.33
CA SER A 100 -2.95 12.12 -0.01
C SER A 100 -2.21 13.09 0.90
N HIS A 101 -1.00 13.47 0.50
CA HIS A 101 -0.19 14.40 1.28
C HIS A 101 0.25 15.60 0.45
N LYS A 102 0.18 15.46 -0.87
CA LYS A 102 0.58 16.54 -1.78
C LYS A 102 -0.61 17.04 -2.60
N THR A 103 -1.47 17.84 -1.95
CA THR A 103 -2.63 18.39 -2.62
C THR A 103 -3.08 19.68 -1.94
N LYS A 104 -3.18 19.65 -0.62
CA LYS A 104 -3.60 20.81 0.15
C LYS A 104 -3.20 20.65 1.61
N ILE A 105 -2.37 19.65 1.89
CA ILE A 105 -1.91 19.37 3.25
C ILE A 105 -0.60 20.09 3.53
N ARG A 106 0.35 19.98 2.61
CA ARG A 106 1.65 20.61 2.77
C ARG A 106 1.71 21.94 2.04
N GLU A 107 1.09 21.99 0.86
CA GLU A 107 1.06 23.21 0.06
C GLU A 107 0.00 24.18 0.57
N SER A 108 0.34 25.45 0.62
CA SER A 108 -0.58 26.48 1.09
C SER A 108 -0.50 27.74 0.23
N MET A 1 -11.05 -18.11 1.40
CA MET A 1 -10.72 -19.02 2.51
C MET A 1 -9.85 -18.32 3.55
N ALA A 2 -8.98 -17.44 3.09
CA ALA A 2 -8.07 -16.70 3.97
C ALA A 2 -7.72 -15.34 3.39
N ALA A 3 -6.94 -15.34 2.32
CA ALA A 3 -6.52 -14.11 1.66
C ALA A 3 -7.71 -13.42 0.99
N GLY A 4 -7.45 -12.23 0.45
CA GLY A 4 -8.50 -11.48 -0.22
C GLY A 4 -9.45 -10.84 0.78
N GLU A 5 -10.34 -9.98 0.27
CA GLU A 5 -11.30 -9.28 1.12
C GLU A 5 -10.60 -8.46 2.20
N LEU A 6 -9.30 -8.22 2.00
CA LEU A 6 -8.52 -7.44 2.96
C LEU A 6 -8.81 -5.94 2.83
N GLU A 7 -9.99 -5.61 2.34
CA GLU A 7 -10.40 -4.22 2.15
C GLU A 7 -9.58 -3.52 1.09
N GLY A 8 -10.26 -2.98 0.09
CA GLY A 8 -9.57 -2.28 -0.98
C GLY A 8 -10.14 -0.88 -1.21
N GLY A 9 -11.08 -0.49 -0.36
CA GLY A 9 -11.69 0.82 -0.50
C GLY A 9 -10.89 1.93 0.16
N LYS A 10 -10.69 1.83 1.47
CA LYS A 10 -9.94 2.85 2.21
C LYS A 10 -8.71 2.28 2.92
N PRO A 11 -8.85 1.17 3.68
CA PRO A 11 -7.72 0.56 4.40
C PRO A 11 -6.58 0.14 3.47
N LEU A 12 -6.84 0.12 2.17
CA LEU A 12 -5.83 -0.26 1.18
C LEU A 12 -4.88 0.90 0.91
N SER A 13 -5.32 2.11 1.23
CA SER A 13 -4.49 3.30 1.02
C SER A 13 -3.34 3.33 2.00
N GLY A 14 -3.61 2.92 3.24
CA GLY A 14 -2.59 2.90 4.26
C GLY A 14 -1.81 1.61 4.27
N LEU A 15 -1.92 0.86 3.19
CA LEU A 15 -1.23 -0.41 3.06
C LEU A 15 0.27 -0.19 3.04
N LEU A 16 0.68 0.87 2.34
CA LEU A 16 2.09 1.21 2.24
C LEU A 16 2.60 1.65 3.60
N ASN A 17 1.64 2.02 4.45
CA ASN A 17 1.93 2.48 5.82
C ASN A 17 2.09 1.29 6.77
N ALA A 18 1.06 0.46 6.86
CA ALA A 18 1.08 -0.72 7.73
C ALA A 18 2.32 -1.56 7.50
N LEU A 19 2.52 -1.98 6.26
CA LEU A 19 3.65 -2.81 5.88
C LEU A 19 4.98 -2.15 6.25
N ALA A 20 5.05 -0.84 6.08
CA ALA A 20 6.28 -0.10 6.40
C ALA A 20 6.55 -0.07 7.89
N GLN A 21 7.16 -1.13 8.41
CA GLN A 21 7.49 -1.22 9.82
C GLN A 21 8.81 -0.48 10.09
N ASP A 22 8.94 0.70 9.50
CA ASP A 22 10.15 1.51 9.65
C ASP A 22 11.35 0.81 9.04
N THR A 23 11.66 1.16 7.79
CA THR A 23 12.78 0.56 7.09
C THR A 23 14.10 1.24 7.48
N PHE A 24 14.00 2.39 8.14
CA PHE A 24 15.19 3.12 8.57
C PHE A 24 16.03 2.30 9.52
N HIS A 25 15.51 2.06 10.72
CA HIS A 25 16.22 1.28 11.73
C HIS A 25 15.27 0.77 12.80
N GLY A 26 14.66 1.68 13.56
CA GLY A 26 13.74 1.29 14.60
C GLY A 26 12.36 1.87 14.42
N TYR A 27 11.34 1.03 14.65
CA TYR A 27 9.95 1.46 14.51
C TYR A 27 9.45 2.11 15.81
N PRO A 28 8.76 3.26 15.69
CA PRO A 28 8.22 3.97 16.86
C PRO A 28 6.97 3.32 17.40
N GLY A 29 6.16 2.76 16.51
CA GLY A 29 4.93 2.11 16.91
C GLY A 29 4.28 1.35 15.76
N ILE A 30 5.06 0.52 15.08
CA ILE A 30 4.56 -0.26 13.96
C ILE A 30 5.25 -1.62 13.89
N THR A 31 4.47 -2.69 14.10
CA THR A 31 5.01 -4.05 14.06
C THR A 31 4.16 -4.94 13.16
N GLU A 32 4.51 -6.22 13.10
CA GLU A 32 3.78 -7.18 12.27
C GLU A 32 2.31 -7.28 12.70
N GLU A 33 2.09 -7.40 14.01
CA GLU A 33 0.74 -7.52 14.54
C GLU A 33 -0.09 -6.26 14.25
N LEU A 34 0.58 -5.14 14.06
CA LEU A 34 -0.11 -3.88 13.78
C LEU A 34 -0.44 -3.74 12.30
N LEU A 35 0.53 -4.02 11.45
CA LEU A 35 0.34 -3.91 10.00
C LEU A 35 -1.01 -4.51 9.60
N ARG A 36 -1.40 -5.59 10.27
CA ARG A 36 -2.67 -6.26 9.99
C ARG A 36 -3.83 -5.60 10.74
N SER A 37 -3.74 -5.59 12.06
CA SER A 37 -4.78 -5.03 12.92
C SER A 37 -5.12 -3.58 12.59
N GLN A 38 -4.21 -2.87 11.93
CA GLN A 38 -4.44 -1.47 11.59
C GLN A 38 -5.13 -1.31 10.24
N LEU A 39 -5.32 -2.40 9.51
CA LEU A 39 -5.97 -2.34 8.20
C LEU A 39 -6.85 -3.57 7.95
N TYR A 40 -6.23 -4.75 7.85
CA TYR A 40 -6.97 -5.98 7.61
C TYR A 40 -6.87 -6.95 8.78
N PRO A 41 -7.64 -6.73 9.86
CA PRO A 41 -7.63 -7.60 11.04
C PRO A 41 -8.13 -9.01 10.72
N GLU A 42 -8.75 -9.16 9.56
CA GLU A 42 -9.29 -10.46 9.14
C GLU A 42 -8.17 -11.40 8.70
N VAL A 43 -7.26 -10.90 7.86
CA VAL A 43 -6.15 -11.71 7.38
C VAL A 43 -5.01 -11.67 8.40
N PRO A 44 -4.47 -12.84 8.79
CA PRO A 44 -3.37 -12.91 9.76
C PRO A 44 -2.12 -12.20 9.28
N PRO A 45 -1.21 -11.83 10.21
CA PRO A 45 0.04 -11.15 9.86
C PRO A 45 1.05 -12.08 9.20
N GLU A 46 0.56 -13.10 8.51
CA GLU A 46 1.43 -14.06 7.84
C GLU A 46 0.85 -14.48 6.49
N GLU A 47 -0.47 -14.56 6.42
CA GLU A 47 -1.15 -14.96 5.18
C GLU A 47 -1.48 -13.74 4.32
N PHE A 48 -0.86 -12.62 4.64
CA PHE A 48 -1.09 -11.39 3.89
C PHE A 48 -0.29 -11.38 2.58
N ARG A 49 0.89 -11.99 2.63
CA ARG A 49 1.79 -12.06 1.48
C ARG A 49 1.12 -12.49 0.19
N PRO A 50 0.36 -13.61 0.18
CA PRO A 50 -0.29 -14.10 -1.04
C PRO A 50 -1.09 -13.00 -1.75
N PHE A 51 -1.58 -12.04 -0.98
CA PHE A 51 -2.34 -10.93 -1.56
C PHE A 51 -1.54 -9.64 -1.47
N LEU A 52 -0.45 -9.67 -0.72
CA LEU A 52 0.42 -8.53 -0.54
C LEU A 52 1.49 -8.52 -1.61
N ALA A 53 1.64 -9.66 -2.29
CA ALA A 53 2.63 -9.79 -3.35
C ALA A 53 2.38 -8.77 -4.45
N LYS A 54 1.11 -8.53 -4.72
CA LYS A 54 0.72 -7.55 -5.73
C LYS A 54 0.48 -6.19 -5.07
N MET A 55 0.62 -6.17 -3.75
CA MET A 55 0.42 -4.94 -2.97
C MET A 55 1.70 -4.56 -2.25
N ARG A 56 2.83 -5.12 -2.68
CA ARG A 56 4.12 -4.82 -2.07
C ARG A 56 5.02 -4.08 -3.05
N GLY A 57 4.60 -4.03 -4.31
CA GLY A 57 5.39 -3.33 -5.32
C GLY A 57 5.41 -1.83 -5.09
N ILE A 58 4.52 -1.36 -4.22
CA ILE A 58 4.43 0.05 -3.91
C ILE A 58 5.08 0.36 -2.56
N LEU A 59 5.17 -0.66 -1.70
CA LEU A 59 5.75 -0.51 -0.38
C LEU A 59 7.25 -0.18 -0.43
N LYS A 60 8.03 -1.08 -1.00
CA LYS A 60 9.47 -0.88 -1.10
C LYS A 60 9.79 0.32 -1.98
N SER A 61 8.82 0.74 -2.78
CA SER A 61 8.99 1.87 -3.67
C SER A 61 8.93 3.20 -2.91
N ILE A 62 7.95 3.31 -2.02
CA ILE A 62 7.75 4.54 -1.24
C ILE A 62 8.62 4.59 0.02
N ALA A 63 8.80 3.45 0.68
CA ALA A 63 9.56 3.39 1.93
C ALA A 63 11.07 3.31 1.74
N SER A 64 11.54 2.22 1.13
CA SER A 64 12.98 2.02 0.94
C SER A 64 13.51 2.79 -0.27
N ALA A 65 12.70 2.92 -1.31
CA ALA A 65 13.12 3.63 -2.52
C ALA A 65 12.75 5.10 -2.46
N ASP A 66 11.58 5.40 -1.90
CA ASP A 66 11.10 6.78 -1.79
C ASP A 66 11.11 7.46 -3.16
N MET A 67 10.00 7.32 -3.88
CA MET A 67 9.87 7.91 -5.21
C MET A 67 9.17 9.27 -5.15
N ASP A 68 8.95 9.87 -6.31
CA ASP A 68 8.29 11.16 -6.39
C ASP A 68 6.80 11.01 -6.70
N PHE A 69 6.17 12.08 -7.16
CA PHE A 69 4.75 12.06 -7.48
C PHE A 69 4.52 11.82 -8.97
N ASN A 70 5.58 11.95 -9.76
CA ASN A 70 5.48 11.76 -11.20
C ASN A 70 6.19 10.47 -11.63
N GLN A 71 6.81 9.80 -10.66
CA GLN A 71 7.53 8.56 -10.94
C GLN A 71 6.69 7.34 -10.57
N LEU A 72 5.83 7.50 -9.57
CA LEU A 72 4.97 6.40 -9.13
C LEU A 72 3.75 6.27 -10.03
N GLU A 73 3.29 7.39 -10.57
CA GLU A 73 2.13 7.41 -11.45
C GLU A 73 2.30 6.42 -12.61
N ALA A 74 3.54 6.16 -12.98
CA ALA A 74 3.83 5.23 -14.07
C ALA A 74 3.82 3.79 -13.58
N PHE A 75 4.15 3.59 -12.30
CA PHE A 75 4.18 2.26 -11.71
C PHE A 75 2.77 1.74 -11.46
N LEU A 76 1.90 2.62 -10.97
CA LEU A 76 0.52 2.26 -10.67
C LEU A 76 -0.22 1.81 -11.93
N THR A 77 0.32 2.17 -13.09
CA THR A 77 -0.27 1.80 -14.36
C THR A 77 0.11 0.37 -14.72
N ALA A 78 1.25 -0.07 -14.22
CA ALA A 78 1.75 -1.42 -14.48
C ALA A 78 0.98 -2.46 -13.68
N GLN A 79 0.83 -2.20 -12.39
CA GLN A 79 0.12 -3.08 -11.48
C GLN A 79 -1.28 -3.40 -12.01
N THR A 80 -1.77 -2.55 -12.90
CA THR A 80 -3.10 -2.73 -13.46
C THR A 80 -3.06 -3.38 -14.85
N LYS A 81 -1.93 -3.25 -15.53
CA LYS A 81 -1.77 -3.83 -16.86
C LYS A 81 -0.91 -5.10 -16.82
N LYS A 82 -0.53 -5.50 -15.61
CA LYS A 82 0.30 -6.70 -15.45
C LYS A 82 -0.55 -7.95 -15.62
N GLN A 83 0.08 -9.11 -15.43
CA GLN A 83 -0.63 -10.39 -15.54
C GLN A 83 -1.68 -10.50 -14.45
N GLY A 84 -2.91 -10.11 -14.76
CA GLY A 84 -3.97 -10.16 -13.78
C GLY A 84 -4.01 -8.91 -12.93
N GLY A 85 -2.95 -8.70 -12.14
CA GLY A 85 -2.86 -7.53 -11.29
C GLY A 85 -4.05 -7.35 -10.37
N ILE A 86 -4.24 -6.13 -9.92
CA ILE A 86 -5.34 -5.81 -9.01
C ILE A 86 -6.54 -5.25 -9.77
N THR A 87 -7.64 -5.04 -9.05
CA THR A 87 -8.86 -4.51 -9.64
C THR A 87 -8.78 -3.00 -9.84
N SER A 88 -9.90 -2.40 -10.24
CA SER A 88 -9.96 -0.95 -10.46
C SER A 88 -10.13 -0.21 -9.14
N ASP A 89 -10.83 -0.84 -8.19
CA ASP A 89 -11.07 -0.22 -6.89
C ASP A 89 -9.78 -0.12 -6.09
N GLN A 90 -8.87 -1.07 -6.31
CA GLN A 90 -7.60 -1.08 -5.60
C GLN A 90 -6.68 0.03 -6.10
N ALA A 91 -6.52 0.12 -7.42
CA ALA A 91 -5.67 1.13 -8.04
C ALA A 91 -6.17 2.55 -7.73
N ALA A 92 -7.45 2.65 -7.39
CA ALA A 92 -8.05 3.95 -7.07
C ALA A 92 -7.48 4.55 -5.80
N VAL A 93 -7.28 3.71 -4.79
CA VAL A 93 -6.75 4.17 -3.51
C VAL A 93 -5.22 4.18 -3.50
N ILE A 94 -4.60 3.21 -4.16
CA ILE A 94 -3.14 3.11 -4.19
C ILE A 94 -2.53 4.22 -5.06
N SER A 95 -3.20 4.57 -6.14
CA SER A 95 -2.72 5.63 -7.04
C SER A 95 -2.61 6.96 -6.31
N LYS A 96 -3.24 7.02 -5.15
CA LYS A 96 -3.26 8.22 -4.32
C LYS A 96 -2.01 8.30 -3.45
N PHE A 97 -1.13 7.32 -3.61
CA PHE A 97 0.11 7.24 -2.83
C PHE A 97 0.91 8.55 -2.79
N TRP A 98 0.61 9.52 -3.67
CA TRP A 98 1.36 10.78 -3.64
C TRP A 98 0.46 12.02 -3.64
N LYS A 99 -0.86 11.81 -3.61
CA LYS A 99 -1.79 12.93 -3.60
C LYS A 99 -2.54 13.01 -2.28
N SER A 100 -2.66 11.88 -1.60
CA SER A 100 -3.36 11.82 -0.33
C SER A 100 -2.46 12.30 0.81
N HIS A 101 -1.16 12.34 0.54
CA HIS A 101 -0.18 12.76 1.53
C HIS A 101 0.70 13.89 1.01
N LYS A 102 0.14 14.71 0.13
CA LYS A 102 0.87 15.83 -0.45
C LYS A 102 -0.03 17.05 -0.64
N THR A 103 -1.20 16.82 -1.23
CA THR A 103 -2.16 17.90 -1.47
C THR A 103 -2.65 18.52 -0.17
N LYS A 104 -2.46 19.82 -0.02
CA LYS A 104 -2.88 20.54 1.17
C LYS A 104 -2.22 19.98 2.42
N ILE A 105 -1.06 19.34 2.24
CA ILE A 105 -0.31 18.76 3.36
C ILE A 105 1.16 19.13 3.28
N ARG A 106 1.60 19.53 2.09
CA ARG A 106 2.99 19.92 1.88
C ARG A 106 3.45 20.93 2.94
N GLU A 107 2.85 22.11 2.90
CA GLU A 107 3.20 23.16 3.86
C GLU A 107 2.48 22.95 5.19
N SER A 108 3.24 23.01 6.28
CA SER A 108 2.67 22.82 7.61
C SER A 108 2.62 24.14 8.38
N MET A 1 -18.89 -2.13 1.72
CA MET A 1 -20.09 -2.23 0.83
C MET A 1 -19.85 -3.24 -0.29
N ALA A 2 -18.60 -3.32 -0.75
CA ALA A 2 -18.24 -4.24 -1.81
C ALA A 2 -17.57 -5.49 -1.26
N ALA A 3 -16.43 -5.30 -0.60
CA ALA A 3 -15.68 -6.41 -0.02
C ALA A 3 -15.32 -7.46 -1.07
N GLY A 4 -15.26 -7.03 -2.33
CA GLY A 4 -14.92 -7.94 -3.41
C GLY A 4 -13.55 -8.57 -3.23
N GLU A 5 -12.52 -7.87 -3.70
CA GLU A 5 -11.15 -8.36 -3.59
C GLU A 5 -10.69 -8.39 -2.14
N LEU A 6 -10.46 -7.22 -1.56
CA LEU A 6 -10.01 -7.13 -0.18
C LEU A 6 -10.61 -5.91 0.51
N GLU A 7 -11.78 -6.09 1.12
CA GLU A 7 -12.45 -5.00 1.82
C GLU A 7 -12.65 -3.79 0.90
N GLY A 8 -12.89 -2.63 1.49
CA GLY A 8 -13.08 -1.43 0.71
C GLY A 8 -11.78 -0.74 0.34
N GLY A 9 -11.82 0.57 0.15
CA GLY A 9 -10.63 1.32 -0.21
C GLY A 9 -9.80 1.73 1.00
N LYS A 10 -10.46 1.91 2.14
CA LYS A 10 -9.77 2.31 3.37
C LYS A 10 -8.55 1.43 3.67
N PRO A 11 -8.70 0.10 3.64
CA PRO A 11 -7.60 -0.83 3.92
C PRO A 11 -6.49 -0.75 2.87
N LEU A 12 -6.86 -0.95 1.61
CA LEU A 12 -5.90 -0.93 0.51
C LEU A 12 -5.04 0.33 0.54
N SER A 13 -5.60 1.43 1.03
CA SER A 13 -4.85 2.68 1.11
C SER A 13 -3.92 2.68 2.31
N GLY A 14 -4.45 2.31 3.47
CA GLY A 14 -3.65 2.26 4.67
C GLY A 14 -2.82 0.99 4.72
N LEU A 15 -2.92 0.20 3.65
CA LEU A 15 -2.19 -1.05 3.53
C LEU A 15 -0.70 -0.78 3.43
N LEU A 16 -0.35 0.06 2.46
CA LEU A 16 1.05 0.44 2.23
C LEU A 16 1.60 1.13 3.46
N ASN A 17 0.68 1.64 4.28
CA ASN A 17 1.03 2.34 5.51
C ASN A 17 1.42 1.35 6.61
N ALA A 18 0.49 0.45 6.93
CA ALA A 18 0.72 -0.57 7.96
C ALA A 18 1.91 -1.45 7.60
N LEU A 19 2.08 -1.71 6.31
CA LEU A 19 3.17 -2.55 5.82
C LEU A 19 4.53 -1.95 6.11
N ALA A 20 4.54 -0.71 6.60
CA ALA A 20 5.79 -0.02 6.93
C ALA A 20 6.41 -0.63 8.19
N GLN A 21 7.02 -1.80 8.03
CA GLN A 21 7.66 -2.48 9.15
C GLN A 21 9.07 -1.97 9.38
N ASP A 22 9.30 -1.38 10.55
CA ASP A 22 10.60 -0.84 10.90
C ASP A 22 11.04 0.22 9.89
N THR A 23 10.58 1.45 10.08
CA THR A 23 10.93 2.55 9.19
C THR A 23 12.21 3.23 9.63
N PHE A 24 12.33 3.46 10.94
CA PHE A 24 13.51 4.11 11.51
C PHE A 24 13.59 5.57 11.06
N HIS A 25 12.62 6.00 10.28
CA HIS A 25 12.58 7.37 9.78
C HIS A 25 11.15 7.91 9.80
N GLY A 26 10.19 7.02 10.05
CA GLY A 26 8.80 7.43 10.10
C GLY A 26 8.19 7.24 11.48
N TYR A 27 7.32 6.25 11.60
CA TYR A 27 6.67 5.97 12.89
C TYR A 27 7.37 4.81 13.61
N PRO A 28 8.12 5.12 14.68
CA PRO A 28 8.84 4.09 15.46
C PRO A 28 7.88 3.23 16.29
N GLY A 29 6.59 3.53 16.19
CA GLY A 29 5.60 2.78 16.93
C GLY A 29 5.04 1.61 16.15
N ILE A 30 5.27 1.59 14.85
CA ILE A 30 4.78 0.52 14.00
C ILE A 30 5.43 -0.82 14.37
N THR A 31 4.62 -1.87 14.43
CA THR A 31 5.11 -3.19 14.79
C THR A 31 4.65 -4.23 13.76
N GLU A 32 5.36 -5.35 13.67
CA GLU A 32 5.01 -6.40 12.72
C GLU A 32 3.60 -6.92 12.96
N GLU A 33 3.27 -7.24 14.20
CA GLU A 33 1.94 -7.74 14.52
C GLU A 33 0.93 -6.60 14.51
N LEU A 34 1.45 -5.38 14.43
CA LEU A 34 0.63 -4.19 14.41
C LEU A 34 0.15 -3.86 13.00
N LEU A 35 0.96 -4.20 12.01
CA LEU A 35 0.62 -3.93 10.61
C LEU A 35 -0.78 -4.45 10.27
N ARG A 36 -1.15 -5.60 10.82
CA ARG A 36 -2.46 -6.18 10.58
C ARG A 36 -3.52 -5.51 11.45
N SER A 37 -3.29 -5.56 12.75
CA SER A 37 -4.21 -4.98 13.72
C SER A 37 -4.48 -3.50 13.43
N GLN A 38 -3.59 -2.88 12.67
CA GLN A 38 -3.73 -1.46 12.32
C GLN A 38 -5.02 -1.18 11.56
N LEU A 39 -5.21 -1.87 10.44
CA LEU A 39 -6.41 -1.65 9.62
C LEU A 39 -7.09 -2.97 9.22
N TYR A 40 -6.29 -4.00 8.98
CA TYR A 40 -6.84 -5.29 8.56
C TYR A 40 -6.63 -6.37 9.62
N PRO A 41 -7.61 -6.58 10.51
CA PRO A 41 -7.52 -7.60 11.57
C PRO A 41 -7.71 -9.01 11.01
N GLU A 42 -8.32 -9.10 9.84
CA GLU A 42 -8.57 -10.40 9.20
C GLU A 42 -7.28 -11.00 8.67
N VAL A 43 -6.50 -10.20 7.95
CA VAL A 43 -5.23 -10.66 7.40
C VAL A 43 -4.22 -10.91 8.52
N PRO A 44 -3.85 -12.18 8.76
CA PRO A 44 -2.87 -12.51 9.81
C PRO A 44 -1.53 -11.84 9.55
N PRO A 45 -0.70 -11.66 10.60
CA PRO A 45 0.61 -11.03 10.47
C PRO A 45 1.61 -11.91 9.74
N GLU A 46 1.08 -12.87 8.97
CA GLU A 46 1.91 -13.79 8.19
C GLU A 46 1.27 -14.06 6.83
N GLU A 47 -0.06 -14.16 6.81
CA GLU A 47 -0.78 -14.43 5.57
C GLU A 47 -1.01 -13.15 4.77
N PHE A 48 -0.31 -12.08 5.14
CA PHE A 48 -0.44 -10.82 4.45
C PHE A 48 0.38 -10.82 3.15
N ARG A 49 1.40 -11.68 3.12
CA ARG A 49 2.28 -11.77 1.97
C ARG A 49 1.53 -12.16 0.68
N PRO A 50 0.70 -13.22 0.70
CA PRO A 50 -0.05 -13.64 -0.49
C PRO A 50 -0.86 -12.50 -1.10
N PHE A 51 -1.42 -11.65 -0.25
CA PHE A 51 -2.20 -10.52 -0.73
C PHE A 51 -1.28 -9.44 -1.28
N LEU A 52 -0.02 -9.47 -0.85
CA LEU A 52 0.98 -8.52 -1.30
C LEU A 52 1.48 -8.89 -2.68
N ALA A 53 1.16 -10.10 -3.13
CA ALA A 53 1.58 -10.54 -4.45
C ALA A 53 1.09 -9.56 -5.51
N LYS A 54 0.12 -8.74 -5.12
CA LYS A 54 -0.44 -7.73 -5.99
C LYS A 54 -0.39 -6.35 -5.32
N MET A 55 0.25 -6.30 -4.15
CA MET A 55 0.38 -5.06 -3.40
C MET A 55 1.77 -4.92 -2.78
N ARG A 56 2.74 -5.66 -3.32
CA ARG A 56 4.12 -5.60 -2.81
C ARG A 56 4.96 -4.60 -3.59
N GLY A 57 4.65 -4.46 -4.87
CA GLY A 57 5.40 -3.54 -5.71
C GLY A 57 5.28 -2.10 -5.25
N ILE A 58 4.13 -1.73 -4.71
CA ILE A 58 3.90 -0.37 -4.25
C ILE A 58 4.57 -0.13 -2.90
N LEU A 59 4.49 -1.11 -2.01
CA LEU A 59 5.10 -0.99 -0.69
C LEU A 59 6.61 -0.84 -0.82
N LYS A 60 7.20 -1.66 -1.69
CA LYS A 60 8.64 -1.62 -1.93
C LYS A 60 9.02 -0.35 -2.68
N SER A 61 8.02 0.28 -3.30
CA SER A 61 8.23 1.50 -4.06
C SER A 61 8.26 2.74 -3.18
N ILE A 62 7.31 2.82 -2.24
CA ILE A 62 7.22 3.96 -1.35
C ILE A 62 8.15 3.85 -0.14
N ALA A 63 8.19 2.67 0.47
CA ALA A 63 9.01 2.46 1.67
C ALA A 63 10.46 2.12 1.32
N SER A 64 10.67 1.00 0.64
CA SER A 64 12.02 0.55 0.30
C SER A 64 12.69 1.43 -0.75
N ALA A 65 11.95 1.83 -1.77
CA ALA A 65 12.51 2.65 -2.84
C ALA A 65 12.38 4.14 -2.54
N ASP A 66 11.26 4.53 -1.94
CA ASP A 66 11.02 5.93 -1.60
C ASP A 66 11.15 6.81 -2.84
N MET A 67 10.05 7.01 -3.55
CA MET A 67 10.03 7.82 -4.75
C MET A 67 9.51 9.23 -4.47
N ASP A 68 9.34 10.02 -5.52
CA ASP A 68 8.85 11.39 -5.39
C ASP A 68 7.36 11.46 -5.72
N PHE A 69 7.03 11.45 -7.01
CA PHE A 69 5.64 11.50 -7.44
C PHE A 69 5.52 11.18 -8.92
N ASN A 70 6.50 11.60 -9.71
CA ASN A 70 6.50 11.36 -11.15
C ASN A 70 7.02 9.96 -11.47
N GLN A 71 7.65 9.33 -10.48
CA GLN A 71 8.20 7.99 -10.66
C GLN A 71 7.13 6.92 -10.43
N LEU A 72 6.26 7.17 -9.46
CA LEU A 72 5.20 6.23 -9.13
C LEU A 72 4.01 6.36 -10.08
N GLU A 73 3.86 7.54 -10.68
CA GLU A 73 2.77 7.79 -11.62
C GLU A 73 2.72 6.71 -12.71
N ALA A 74 3.88 6.39 -13.28
CA ALA A 74 3.95 5.38 -14.32
C ALA A 74 3.93 3.97 -13.75
N PHE A 75 4.23 3.88 -12.45
CA PHE A 75 4.26 2.59 -11.76
C PHE A 75 2.85 2.12 -11.44
N LEU A 76 1.96 3.07 -11.15
CA LEU A 76 0.59 2.77 -10.81
C LEU A 76 -0.17 2.25 -12.03
N THR A 77 0.35 2.53 -13.21
CA THR A 77 -0.27 2.10 -14.45
C THR A 77 0.13 0.66 -14.78
N ALA A 78 1.27 0.25 -14.23
CA ALA A 78 1.78 -1.10 -14.45
C ALA A 78 1.00 -2.12 -13.65
N GLN A 79 0.66 -1.78 -12.42
CA GLN A 79 -0.08 -2.67 -11.54
C GLN A 79 -1.48 -2.96 -12.10
N THR A 80 -1.90 -2.15 -13.07
CA THR A 80 -3.21 -2.33 -13.67
C THR A 80 -3.11 -2.80 -15.12
N LYS A 81 -1.90 -3.14 -15.54
CA LYS A 81 -1.68 -3.61 -16.90
C LYS A 81 -0.76 -4.83 -16.92
N LYS A 82 -0.44 -5.35 -15.75
CA LYS A 82 0.43 -6.52 -15.64
C LYS A 82 -0.39 -7.80 -15.71
N GLN A 83 0.23 -8.91 -15.30
CA GLN A 83 -0.44 -10.21 -15.31
C GLN A 83 -0.85 -10.60 -13.90
N GLY A 84 -2.15 -10.83 -13.70
CA GLY A 84 -2.64 -11.20 -12.39
C GLY A 84 -2.46 -10.09 -11.37
N GLY A 85 -2.27 -8.87 -11.87
CA GLY A 85 -2.09 -7.73 -11.00
C GLY A 85 -3.34 -7.40 -10.21
N ILE A 86 -3.78 -6.15 -10.29
CA ILE A 86 -4.97 -5.71 -9.58
C ILE A 86 -6.02 -5.16 -10.54
N THR A 87 -7.20 -4.86 -10.00
CA THR A 87 -8.29 -4.32 -10.81
C THR A 87 -8.19 -2.81 -10.94
N SER A 88 -9.20 -2.20 -11.57
CA SER A 88 -9.22 -0.76 -11.76
C SER A 88 -9.57 -0.03 -10.46
N ASP A 89 -10.51 -0.60 -9.71
CA ASP A 89 -10.95 0.00 -8.46
C ASP A 89 -9.80 0.03 -7.45
N GLN A 90 -8.89 -0.93 -7.56
CA GLN A 90 -7.74 -0.99 -6.67
C GLN A 90 -6.76 0.14 -6.95
N ALA A 91 -6.79 0.66 -8.17
CA ALA A 91 -5.90 1.73 -8.57
C ALA A 91 -6.36 3.08 -8.02
N ALA A 92 -7.65 3.20 -7.75
CA ALA A 92 -8.22 4.44 -7.24
C ALA A 92 -7.61 4.83 -5.89
N VAL A 93 -7.37 3.84 -5.04
CA VAL A 93 -6.81 4.08 -3.72
C VAL A 93 -5.28 4.12 -3.74
N ILE A 94 -4.66 3.17 -4.43
CA ILE A 94 -3.20 3.10 -4.49
C ILE A 94 -2.60 4.30 -5.24
N SER A 95 -3.32 4.80 -6.24
CA SER A 95 -2.85 5.95 -7.01
C SER A 95 -2.74 7.19 -6.14
N LYS A 96 -3.37 7.13 -4.97
CA LYS A 96 -3.37 8.23 -4.02
C LYS A 96 -2.13 8.19 -3.13
N PHE A 97 -1.27 7.20 -3.38
CA PHE A 97 -0.04 7.01 -2.60
C PHE A 97 0.71 8.31 -2.28
N TRP A 98 0.44 9.40 -3.00
CA TRP A 98 1.12 10.67 -2.72
C TRP A 98 0.25 11.88 -3.01
N LYS A 99 -0.87 11.68 -3.69
CA LYS A 99 -1.76 12.79 -4.01
C LYS A 99 -2.36 13.38 -2.74
N SER A 100 -2.43 12.54 -1.69
CA SER A 100 -2.96 12.97 -0.41
C SER A 100 -2.05 14.02 0.22
N HIS A 101 -0.76 13.91 -0.06
CA HIS A 101 0.23 14.84 0.44
C HIS A 101 0.53 15.90 -0.62
N LYS A 102 -0.07 15.72 -1.79
CA LYS A 102 0.09 16.62 -2.91
C LYS A 102 1.55 16.82 -3.31
N THR A 103 1.78 16.82 -4.62
CA THR A 103 3.11 16.99 -5.17
C THR A 103 3.78 18.26 -4.69
N LYS A 104 3.17 19.41 -4.99
CA LYS A 104 3.72 20.70 -4.58
C LYS A 104 3.75 20.83 -3.06
N ILE A 105 3.10 19.89 -2.39
CA ILE A 105 3.04 19.88 -0.94
C ILE A 105 3.91 18.75 -0.39
N ARG A 106 5.20 18.81 -0.69
CA ARG A 106 6.14 17.80 -0.23
C ARG A 106 7.56 18.37 -0.17
N GLU A 107 7.85 19.31 -1.06
CA GLU A 107 9.17 19.93 -1.11
C GLU A 107 9.13 21.33 -0.52
N SER A 108 7.93 21.86 -0.32
CA SER A 108 7.75 23.20 0.25
C SER A 108 8.31 23.27 1.67
N MET A 1 -21.59 -13.50 -2.19
CA MET A 1 -20.72 -12.31 -2.11
C MET A 1 -19.31 -12.69 -1.70
N ALA A 2 -18.34 -12.33 -2.54
CA ALA A 2 -16.94 -12.62 -2.28
C ALA A 2 -16.35 -11.61 -1.32
N ALA A 3 -15.79 -12.09 -0.20
CA ALA A 3 -15.20 -11.22 0.80
C ALA A 3 -14.26 -12.00 1.71
N GLY A 4 -13.84 -11.35 2.80
CA GLY A 4 -12.94 -11.99 3.75
C GLY A 4 -11.76 -11.11 4.10
N GLU A 5 -10.78 -11.07 3.22
CA GLU A 5 -9.59 -10.25 3.44
C GLU A 5 -9.88 -8.81 3.06
N LEU A 6 -9.17 -7.88 3.70
CA LEU A 6 -9.36 -6.46 3.43
C LEU A 6 -10.76 -6.01 3.81
N GLU A 7 -10.89 -5.39 4.98
CA GLU A 7 -12.19 -4.93 5.46
C GLU A 7 -12.81 -3.92 4.50
N GLY A 8 -11.98 -3.01 3.99
CA GLY A 8 -12.48 -2.01 3.07
C GLY A 8 -11.40 -1.50 2.13
N GLY A 9 -11.75 -0.49 1.33
CA GLY A 9 -10.79 0.08 0.40
C GLY A 9 -9.81 1.03 1.06
N LYS A 10 -10.32 1.92 1.91
CA LYS A 10 -9.48 2.88 2.61
C LYS A 10 -8.23 2.21 3.19
N PRO A 11 -8.38 1.19 4.06
CA PRO A 11 -7.23 0.48 4.63
C PRO A 11 -6.24 0.05 3.56
N LEU A 12 -6.76 -0.53 2.48
CA LEU A 12 -5.93 -1.00 1.37
C LEU A 12 -5.04 0.13 0.84
N SER A 13 -5.48 1.36 1.01
CA SER A 13 -4.71 2.52 0.57
C SER A 13 -3.56 2.80 1.52
N GLY A 14 -3.78 2.52 2.80
CA GLY A 14 -2.75 2.73 3.79
C GLY A 14 -1.90 1.50 4.01
N LEU A 15 -1.96 0.59 3.05
CA LEU A 15 -1.20 -0.65 3.11
C LEU A 15 0.28 -0.37 3.09
N LEU A 16 0.67 0.60 2.26
CA LEU A 16 2.07 0.99 2.15
C LEU A 16 2.52 1.62 3.46
N ASN A 17 1.53 2.06 4.23
CA ASN A 17 1.76 2.68 5.52
C ASN A 17 1.93 1.63 6.61
N ALA A 18 1.07 0.61 6.59
CA ALA A 18 1.12 -0.47 7.57
C ALA A 18 2.43 -1.23 7.47
N LEU A 19 2.85 -1.49 6.24
CA LEU A 19 4.07 -2.23 5.97
C LEU A 19 5.31 -1.34 6.09
N ALA A 20 5.13 -0.13 6.61
CA ALA A 20 6.24 0.80 6.77
C ALA A 20 7.22 0.32 7.82
N GLN A 21 6.95 -0.83 8.41
CA GLN A 21 7.83 -1.39 9.44
C GLN A 21 9.13 -1.92 8.82
N ASP A 22 9.23 -1.83 7.50
CA ASP A 22 10.41 -2.32 6.80
C ASP A 22 11.06 -1.19 5.98
N THR A 23 10.63 0.04 6.24
CA THR A 23 11.17 1.20 5.53
C THR A 23 12.67 1.34 5.76
N PHE A 24 13.14 0.82 6.88
CA PHE A 24 14.56 0.89 7.22
C PHE A 24 15.00 -0.36 7.98
N HIS A 25 14.54 -0.49 9.22
CA HIS A 25 14.89 -1.65 10.05
C HIS A 25 13.73 -2.03 10.96
N GLY A 26 12.96 -1.04 11.39
CA GLY A 26 11.84 -1.29 12.28
C GLY A 26 11.63 -0.17 13.29
N TYR A 27 10.88 0.85 12.88
CA TYR A 27 10.61 1.99 13.75
C TYR A 27 9.57 1.62 14.82
N PRO A 28 9.86 1.92 16.11
CA PRO A 28 8.94 1.61 17.21
C PRO A 28 7.55 2.18 16.98
N GLY A 29 6.55 1.31 16.89
CA GLY A 29 5.19 1.74 16.67
C GLY A 29 4.54 1.04 15.49
N ILE A 30 5.32 0.24 14.78
CA ILE A 30 4.81 -0.49 13.61
C ILE A 30 5.56 -1.80 13.43
N THR A 31 4.80 -2.89 13.35
CA THR A 31 5.38 -4.23 13.17
C THR A 31 4.41 -5.13 12.42
N GLU A 32 4.63 -6.44 12.50
CA GLU A 32 3.78 -7.40 11.81
C GLU A 32 2.36 -7.44 12.41
N GLU A 33 2.28 -7.49 13.72
CA GLU A 33 0.99 -7.55 14.39
C GLU A 33 0.19 -6.27 14.15
N LEU A 34 0.89 -5.16 13.92
CA LEU A 34 0.24 -3.89 13.70
C LEU A 34 -0.20 -3.69 12.25
N LEU A 35 0.70 -3.93 11.31
CA LEU A 35 0.37 -3.76 9.89
C LEU A 35 -1.00 -4.34 9.57
N ARG A 36 -1.34 -5.43 10.24
CA ARG A 36 -2.62 -6.09 10.06
C ARG A 36 -3.73 -5.43 10.88
N SER A 37 -3.52 -5.39 12.20
CA SER A 37 -4.48 -4.81 13.12
C SER A 37 -4.80 -3.34 12.82
N GLN A 38 -3.91 -2.68 12.08
CA GLN A 38 -4.11 -1.27 11.76
C GLN A 38 -4.88 -1.09 10.46
N LEU A 39 -5.06 -2.19 9.72
CA LEU A 39 -5.79 -2.13 8.45
C LEU A 39 -6.73 -3.33 8.28
N TYR A 40 -6.16 -4.52 8.07
CA TYR A 40 -6.99 -5.71 7.89
C TYR A 40 -6.82 -6.70 9.05
N PRO A 41 -7.49 -6.44 10.18
CA PRO A 41 -7.42 -7.33 11.36
C PRO A 41 -8.04 -8.69 11.08
N GLU A 42 -8.61 -8.83 9.88
CA GLU A 42 -9.24 -10.09 9.48
C GLU A 42 -8.20 -11.11 9.04
N VAL A 43 -7.26 -10.68 8.20
CA VAL A 43 -6.22 -11.57 7.72
C VAL A 43 -5.00 -11.54 8.65
N PRO A 44 -4.54 -12.72 9.12
CA PRO A 44 -3.39 -12.80 10.03
C PRO A 44 -2.14 -12.12 9.45
N PRO A 45 -1.17 -11.76 10.32
CA PRO A 45 0.08 -11.12 9.89
C PRO A 45 1.01 -12.07 9.14
N GLU A 46 0.42 -13.10 8.52
CA GLU A 46 1.20 -14.08 7.76
C GLU A 46 0.56 -14.36 6.41
N GLU A 47 -0.77 -14.32 6.36
CA GLU A 47 -1.50 -14.57 5.12
C GLU A 47 -1.65 -13.28 4.31
N PHE A 48 -0.98 -12.22 4.74
CA PHE A 48 -1.04 -10.94 4.06
C PHE A 48 -0.14 -10.95 2.83
N ARG A 49 0.91 -11.75 2.89
CA ARG A 49 1.88 -11.84 1.79
C ARG A 49 1.22 -12.24 0.46
N PRO A 50 0.45 -13.34 0.41
CA PRO A 50 -0.20 -13.80 -0.82
C PRO A 50 -1.03 -12.70 -1.47
N PHE A 51 -1.69 -11.89 -0.66
CA PHE A 51 -2.50 -10.80 -1.18
C PHE A 51 -1.66 -9.55 -1.37
N LEU A 52 -0.49 -9.53 -0.74
CA LEU A 52 0.42 -8.42 -0.86
C LEU A 52 1.28 -8.57 -2.11
N ALA A 53 1.26 -9.75 -2.71
CA ALA A 53 2.02 -10.00 -3.92
C ALA A 53 1.61 -9.02 -5.00
N LYS A 54 0.45 -8.42 -4.81
CA LYS A 54 -0.08 -7.42 -5.74
C LYS A 54 -0.18 -6.06 -5.05
N MET A 55 0.13 -6.05 -3.75
CA MET A 55 0.08 -4.83 -2.96
C MET A 55 1.42 -4.55 -2.26
N ARG A 56 2.50 -5.09 -2.81
CA ARG A 56 3.82 -4.88 -2.23
C ARG A 56 4.72 -4.09 -3.17
N GLY A 57 4.41 -4.13 -4.47
CA GLY A 57 5.21 -3.41 -5.45
C GLY A 57 5.31 -1.94 -5.13
N ILE A 58 4.29 -1.41 -4.47
CA ILE A 58 4.25 0.00 -4.09
C ILE A 58 5.02 0.23 -2.79
N LEU A 59 4.91 -0.72 -1.88
CA LEU A 59 5.60 -0.63 -0.59
C LEU A 59 7.10 -0.55 -0.81
N LYS A 60 7.61 -1.40 -1.69
CA LYS A 60 9.03 -1.43 -2.00
C LYS A 60 9.45 -0.16 -2.73
N SER A 61 8.56 0.34 -3.59
CA SER A 61 8.81 1.54 -4.36
C SER A 61 9.03 2.76 -3.46
N ILE A 62 8.17 2.93 -2.48
CA ILE A 62 8.26 4.06 -1.56
C ILE A 62 9.26 3.83 -0.42
N ALA A 63 9.39 2.58 0.00
CA ALA A 63 10.29 2.25 1.10
C ALA A 63 11.74 2.06 0.66
N SER A 64 11.97 1.07 -0.20
CA SER A 64 13.31 0.77 -0.68
C SER A 64 13.84 1.81 -1.67
N ALA A 65 12.94 2.45 -2.41
CA ALA A 65 13.36 3.43 -3.40
C ALA A 65 12.92 4.85 -3.03
N ASP A 66 11.75 4.98 -2.44
CA ASP A 66 11.22 6.29 -2.05
C ASP A 66 11.13 7.20 -3.27
N MET A 67 10.04 7.08 -4.01
CA MET A 67 9.82 7.88 -5.21
C MET A 67 9.22 9.23 -4.86
N ASP A 68 9.04 10.07 -5.88
CA ASP A 68 8.47 11.41 -5.68
C ASP A 68 6.96 11.38 -5.84
N PHE A 69 6.49 11.43 -7.09
CA PHE A 69 5.05 11.42 -7.37
C PHE A 69 4.77 11.04 -8.82
N ASN A 70 5.55 11.61 -9.74
CA ASN A 70 5.37 11.32 -11.16
C ASN A 70 5.74 9.89 -11.48
N GLN A 71 6.84 9.41 -10.90
CA GLN A 71 7.30 8.04 -11.12
C GLN A 71 6.25 7.03 -10.68
N LEU A 72 5.78 7.18 -9.44
CA LEU A 72 4.79 6.27 -8.90
C LEU A 72 3.52 6.28 -9.73
N GLU A 73 3.12 7.46 -10.21
CA GLU A 73 1.92 7.59 -11.03
C GLU A 73 1.99 6.66 -12.23
N ALA A 74 3.22 6.39 -12.69
CA ALA A 74 3.44 5.50 -13.83
C ALA A 74 3.44 4.04 -13.38
N PHE A 75 3.84 3.83 -12.13
CA PHE A 75 3.89 2.48 -11.57
C PHE A 75 2.49 1.96 -11.27
N LEU A 76 1.62 2.86 -10.80
CA LEU A 76 0.25 2.51 -10.48
C LEU A 76 -0.46 1.97 -11.72
N THR A 77 0.01 2.40 -12.88
CA THR A 77 -0.56 1.98 -14.16
C THR A 77 0.06 0.66 -14.60
N ALA A 78 1.27 0.40 -14.09
CA ALA A 78 2.00 -0.82 -14.43
C ALA A 78 1.51 -2.00 -13.59
N GLN A 79 0.96 -1.69 -12.42
CA GLN A 79 0.45 -2.72 -11.53
C GLN A 79 -0.97 -3.11 -11.89
N THR A 80 -1.52 -2.44 -12.90
CA THR A 80 -2.88 -2.71 -13.35
C THR A 80 -2.85 -3.29 -14.77
N LYS A 81 -1.65 -3.43 -15.30
CA LYS A 81 -1.45 -3.96 -16.64
C LYS A 81 -0.55 -5.19 -16.61
N LYS A 82 -0.05 -5.51 -15.42
CA LYS A 82 0.84 -6.65 -15.24
C LYS A 82 0.08 -7.96 -15.34
N GLN A 83 0.70 -9.04 -14.88
CA GLN A 83 0.08 -10.36 -14.91
C GLN A 83 -0.53 -10.70 -13.56
N GLY A 84 -1.84 -10.92 -13.55
CA GLY A 84 -2.53 -11.25 -12.31
C GLY A 84 -2.47 -10.13 -11.29
N GLY A 85 -2.19 -8.91 -11.77
CA GLY A 85 -2.12 -7.77 -10.90
C GLY A 85 -3.45 -7.41 -10.28
N ILE A 86 -3.66 -6.12 -10.06
CA ILE A 86 -4.90 -5.65 -9.45
C ILE A 86 -5.83 -5.01 -10.48
N THR A 87 -7.04 -4.67 -10.04
CA THR A 87 -8.03 -4.06 -10.91
C THR A 87 -8.03 -2.53 -10.77
N SER A 88 -9.00 -1.89 -11.39
CA SER A 88 -9.12 -0.43 -11.34
C SER A 88 -9.44 0.04 -9.92
N ASP A 89 -10.46 -0.57 -9.32
CA ASP A 89 -10.86 -0.22 -7.96
C ASP A 89 -9.69 -0.29 -6.99
N GLN A 90 -8.93 -1.37 -7.09
CA GLN A 90 -7.77 -1.57 -6.22
C GLN A 90 -6.66 -0.58 -6.58
N ALA A 91 -6.74 -0.01 -7.77
CA ALA A 91 -5.75 0.95 -8.24
C ALA A 91 -6.05 2.36 -7.73
N ALA A 92 -7.32 2.71 -7.69
CA ALA A 92 -7.74 4.04 -7.24
C ALA A 92 -7.37 4.28 -5.78
N VAL A 93 -7.28 3.19 -5.01
CA VAL A 93 -6.95 3.29 -3.60
C VAL A 93 -5.44 3.43 -3.39
N ILE A 94 -4.67 2.71 -4.20
CA ILE A 94 -3.21 2.76 -4.10
C ILE A 94 -2.69 4.04 -4.74
N SER A 95 -3.43 4.56 -5.71
CA SER A 95 -3.06 5.79 -6.40
C SER A 95 -2.97 6.95 -5.42
N LYS A 96 -3.54 6.74 -4.23
CA LYS A 96 -3.52 7.75 -3.17
C LYS A 96 -2.21 7.70 -2.39
N PHE A 97 -1.33 6.80 -2.81
CA PHE A 97 -0.04 6.59 -2.15
C PHE A 97 0.70 7.89 -1.83
N TRP A 98 0.40 9.00 -2.53
CA TRP A 98 1.09 10.26 -2.23
C TRP A 98 0.16 11.47 -2.27
N LYS A 99 -1.05 11.29 -2.80
CA LYS A 99 -2.00 12.40 -2.86
C LYS A 99 -2.70 12.59 -1.52
N SER A 100 -2.57 11.60 -0.64
CA SER A 100 -3.19 11.66 0.68
C SER A 100 -2.32 12.42 1.66
N HIS A 101 -1.04 12.60 1.32
CA HIS A 101 -0.12 13.31 2.20
C HIS A 101 0.72 14.33 1.44
N LYS A 102 0.12 14.95 0.42
CA LYS A 102 0.82 15.95 -0.37
C LYS A 102 -0.17 17.00 -0.91
N THR A 103 -1.28 17.16 -0.21
CA THR A 103 -2.30 18.12 -0.60
C THR A 103 -2.41 19.25 0.41
N LYS A 104 -2.73 18.91 1.66
CA LYS A 104 -2.88 19.90 2.70
C LYS A 104 -2.27 19.40 4.01
N ILE A 105 -1.37 18.43 3.91
CA ILE A 105 -0.71 17.85 5.07
C ILE A 105 0.74 18.32 5.17
N ARG A 106 1.48 18.11 4.09
CA ARG A 106 2.89 18.51 4.05
C ARG A 106 3.00 20.00 3.78
N GLU A 107 2.02 20.55 3.09
CA GLU A 107 2.00 21.98 2.75
C GLU A 107 1.05 22.74 3.68
N SER A 108 1.31 24.02 3.86
CA SER A 108 0.49 24.87 4.71
C SER A 108 0.40 24.31 6.14
N MET A 1 -8.78 -14.61 -8.72
CA MET A 1 -8.37 -13.25 -9.12
C MET A 1 -8.32 -12.32 -7.90
N ALA A 2 -9.25 -12.52 -6.97
CA ALA A 2 -9.32 -11.71 -5.76
C ALA A 2 -9.60 -10.25 -6.08
N ALA A 3 -10.80 -9.79 -5.74
CA ALA A 3 -11.19 -8.41 -5.98
C ALA A 3 -11.27 -7.63 -4.68
N GLY A 4 -11.82 -8.25 -3.65
CA GLY A 4 -11.94 -7.59 -2.36
C GLY A 4 -12.13 -8.57 -1.22
N GLU A 5 -11.17 -9.47 -1.05
CA GLU A 5 -11.23 -10.47 0.01
C GLU A 5 -10.65 -9.92 1.30
N LEU A 6 -10.39 -8.62 1.32
CA LEU A 6 -9.83 -7.96 2.50
C LEU A 6 -10.36 -6.54 2.64
N GLU A 7 -11.45 -6.39 3.39
CA GLU A 7 -12.08 -5.10 3.60
C GLU A 7 -12.57 -4.49 2.28
N GLY A 8 -11.65 -3.89 1.54
CA GLY A 8 -12.01 -3.30 0.26
C GLY A 8 -10.81 -2.65 -0.42
N GLY A 9 -11.08 -1.75 -1.35
CA GLY A 9 -10.01 -1.08 -2.05
C GLY A 9 -9.49 0.13 -1.29
N LYS A 10 -10.32 0.64 -0.38
CA LYS A 10 -9.97 1.81 0.42
C LYS A 10 -8.75 1.56 1.34
N PRO A 11 -8.72 0.43 2.08
CA PRO A 11 -7.60 0.13 2.99
C PRO A 11 -6.24 0.11 2.31
N LEU A 12 -6.22 -0.07 1.00
CA LEU A 12 -4.96 -0.10 0.27
C LEU A 12 -4.23 1.23 0.37
N SER A 13 -4.97 2.28 0.71
CA SER A 13 -4.40 3.61 0.84
C SER A 13 -3.47 3.68 2.04
N GLY A 14 -4.01 3.41 3.22
CA GLY A 14 -3.21 3.42 4.43
C GLY A 14 -2.43 2.14 4.62
N LEU A 15 -2.40 1.34 3.56
CA LEU A 15 -1.69 0.06 3.58
C LEU A 15 -0.19 0.28 3.46
N LEU A 16 0.23 1.06 2.47
CA LEU A 16 1.64 1.36 2.27
C LEU A 16 2.22 1.89 3.57
N ASN A 17 1.31 2.37 4.43
CA ASN A 17 1.66 2.92 5.73
C ASN A 17 1.80 1.81 6.77
N ALA A 18 0.72 1.04 6.95
CA ALA A 18 0.70 -0.05 7.92
C ALA A 18 1.83 -1.05 7.65
N LEU A 19 2.14 -1.24 6.37
CA LEU A 19 3.17 -2.19 5.94
C LEU A 19 4.53 -1.86 6.54
N ALA A 20 4.63 -0.76 7.26
CA ALA A 20 5.89 -0.37 7.88
C ALA A 20 6.26 -1.35 8.99
N GLN A 21 6.91 -2.44 8.61
CA GLN A 21 7.31 -3.48 9.56
C GLN A 21 8.83 -3.60 9.62
N ASP A 22 9.53 -2.85 8.77
CA ASP A 22 10.98 -2.89 8.74
C ASP A 22 11.55 -1.66 8.01
N THR A 23 10.73 -0.63 7.88
CA THR A 23 11.15 0.60 7.21
C THR A 23 12.36 1.22 7.91
N PHE A 24 12.34 1.21 9.24
CA PHE A 24 13.43 1.76 10.03
C PHE A 24 13.36 1.28 11.47
N HIS A 25 14.08 0.20 11.77
CA HIS A 25 14.12 -0.37 13.10
C HIS A 25 12.71 -0.77 13.57
N GLY A 26 12.00 0.19 14.17
CA GLY A 26 10.65 -0.07 14.64
C GLY A 26 10.19 0.94 15.66
N TYR A 27 9.43 1.93 15.20
CA TYR A 27 8.92 2.98 16.09
C TYR A 27 7.96 2.39 17.11
N PRO A 28 7.78 3.06 18.27
CA PRO A 28 6.87 2.60 19.32
C PRO A 28 5.41 2.70 18.89
N GLY A 29 5.19 3.23 17.69
CA GLY A 29 3.85 3.38 17.17
C GLY A 29 3.45 2.24 16.26
N ILE A 30 4.13 2.11 15.14
CA ILE A 30 3.84 1.05 14.18
C ILE A 30 4.67 -0.20 14.49
N THR A 31 4.04 -1.37 14.36
CA THR A 31 4.72 -2.63 14.62
C THR A 31 4.33 -3.67 13.57
N GLU A 32 5.17 -4.68 13.40
CA GLU A 32 4.92 -5.74 12.43
C GLU A 32 3.56 -6.39 12.66
N GLU A 33 3.28 -6.74 13.91
CA GLU A 33 2.01 -7.36 14.27
C GLU A 33 0.86 -6.39 14.05
N LEU A 34 1.17 -5.10 14.02
CA LEU A 34 0.16 -4.07 13.82
C LEU A 34 -0.11 -3.86 12.33
N LEU A 35 0.91 -4.04 11.50
CA LEU A 35 0.78 -3.86 10.06
C LEU A 35 -0.51 -4.48 9.54
N ARG A 36 -0.87 -5.63 10.10
CA ARG A 36 -2.09 -6.34 9.71
C ARG A 36 -3.31 -5.77 10.42
N SER A 37 -3.32 -5.85 11.74
CA SER A 37 -4.44 -5.38 12.56
C SER A 37 -4.80 -3.92 12.28
N GLN A 38 -3.88 -3.17 11.70
CA GLN A 38 -4.13 -1.75 11.41
C GLN A 38 -5.22 -1.55 10.37
N LEU A 39 -5.11 -2.22 9.22
CA LEU A 39 -6.11 -2.05 8.17
C LEU A 39 -6.70 -3.39 7.73
N TYR A 40 -5.96 -4.47 7.93
CA TYR A 40 -6.44 -5.81 7.57
C TYR A 40 -6.74 -6.65 8.83
N PRO A 41 -7.94 -6.46 9.43
CA PRO A 41 -8.33 -7.20 10.62
C PRO A 41 -8.92 -8.58 10.32
N GLU A 42 -8.69 -9.07 9.11
CA GLU A 42 -9.21 -10.37 8.71
C GLU A 42 -8.14 -11.24 8.05
N VAL A 43 -6.98 -10.65 7.81
CA VAL A 43 -5.88 -11.37 7.17
C VAL A 43 -4.82 -11.74 8.20
N PRO A 44 -4.18 -12.91 8.05
CA PRO A 44 -3.12 -13.35 8.96
C PRO A 44 -1.79 -12.68 8.64
N PRO A 45 -1.00 -12.27 9.65
CA PRO A 45 0.29 -11.61 9.43
C PRO A 45 1.24 -12.47 8.59
N GLU A 46 0.89 -13.74 8.43
CA GLU A 46 1.70 -14.67 7.65
C GLU A 46 1.16 -14.78 6.22
N GLU A 47 -0.16 -14.84 6.08
CA GLU A 47 -0.80 -14.94 4.77
C GLU A 47 -1.02 -13.54 4.19
N PHE A 48 -0.43 -12.55 4.83
CA PHE A 48 -0.54 -11.17 4.39
C PHE A 48 0.41 -10.94 3.21
N ARG A 49 1.57 -11.59 3.25
CA ARG A 49 2.57 -11.45 2.20
C ARG A 49 2.05 -11.85 0.82
N PRO A 50 1.44 -13.06 0.67
CA PRO A 50 0.91 -13.50 -0.62
C PRO A 50 0.00 -12.47 -1.28
N PHE A 51 -0.78 -11.77 -0.45
CA PHE A 51 -1.67 -10.73 -0.97
C PHE A 51 -0.86 -9.51 -1.38
N LEU A 52 0.28 -9.33 -0.74
CA LEU A 52 1.15 -8.21 -1.05
C LEU A 52 1.84 -8.41 -2.38
N ALA A 53 1.77 -9.64 -2.90
CA ALA A 53 2.38 -9.92 -4.19
C ALA A 53 1.85 -8.97 -5.25
N LYS A 54 0.74 -8.31 -4.92
CA LYS A 54 0.12 -7.34 -5.81
C LYS A 54 -0.08 -6.00 -5.09
N MET A 55 0.36 -5.94 -3.84
CA MET A 55 0.25 -4.72 -3.03
C MET A 55 1.58 -4.40 -2.34
N ARG A 56 2.67 -4.98 -2.82
CA ARG A 56 3.99 -4.74 -2.24
C ARG A 56 4.84 -3.86 -3.15
N GLY A 57 4.53 -3.89 -4.43
CA GLY A 57 5.28 -3.12 -5.41
C GLY A 57 5.36 -1.65 -5.04
N ILE A 58 4.50 -1.21 -4.14
CA ILE A 58 4.48 0.18 -3.71
C ILE A 58 5.18 0.34 -2.35
N LEU A 59 5.00 -0.64 -1.48
CA LEU A 59 5.62 -0.61 -0.16
C LEU A 59 7.14 -0.51 -0.27
N LYS A 60 7.73 -1.41 -1.06
CA LYS A 60 9.17 -1.41 -1.26
C LYS A 60 9.64 -0.12 -1.95
N SER A 61 8.75 0.47 -2.73
CA SER A 61 9.07 1.70 -3.45
C SER A 61 9.20 2.90 -2.51
N ILE A 62 8.23 3.06 -1.62
CA ILE A 62 8.22 4.19 -0.69
C ILE A 62 9.07 3.93 0.55
N ALA A 63 9.25 2.67 0.90
CA ALA A 63 10.02 2.32 2.10
C ALA A 63 11.53 2.33 1.89
N SER A 64 12.00 1.45 1.02
CA SER A 64 13.44 1.34 0.76
C SER A 64 13.96 2.39 -0.20
N ALA A 65 13.06 3.04 -0.94
CA ALA A 65 13.48 4.06 -1.90
C ALA A 65 12.82 5.42 -1.61
N ASP A 66 11.57 5.40 -1.17
CA ASP A 66 10.84 6.63 -0.90
C ASP A 66 10.79 7.50 -2.14
N MET A 67 9.76 7.30 -2.96
CA MET A 67 9.59 8.05 -4.19
C MET A 67 8.64 9.23 -4.02
N ASP A 68 8.37 9.94 -5.11
CA ASP A 68 7.49 11.08 -5.09
C ASP A 68 6.39 10.94 -6.16
N PHE A 69 5.81 12.06 -6.57
CA PHE A 69 4.76 12.05 -7.58
C PHE A 69 5.34 11.92 -8.98
N ASN A 70 4.49 11.57 -9.94
CA ASN A 70 4.91 11.40 -11.32
C ASN A 70 5.99 10.34 -11.46
N GLN A 71 6.25 9.62 -10.38
CA GLN A 71 7.26 8.57 -10.39
C GLN A 71 6.62 7.21 -10.13
N LEU A 72 5.65 7.19 -9.22
CA LEU A 72 4.94 5.97 -8.88
C LEU A 72 3.72 5.77 -9.77
N GLU A 73 3.16 6.87 -10.25
CA GLU A 73 1.98 6.84 -11.10
C GLU A 73 2.14 5.84 -12.25
N ALA A 74 3.24 5.95 -12.98
CA ALA A 74 3.51 5.06 -14.10
C ALA A 74 3.66 3.61 -13.65
N PHE A 75 4.02 3.41 -12.39
CA PHE A 75 4.21 2.07 -11.84
C PHE A 75 2.88 1.40 -11.53
N LEU A 76 1.94 2.16 -10.99
CA LEU A 76 0.62 1.63 -10.65
C LEU A 76 -0.08 1.07 -11.90
N THR A 77 0.10 1.76 -13.02
CA THR A 77 -0.50 1.33 -14.28
C THR A 77 -0.09 -0.10 -14.60
N ALA A 78 1.03 -0.54 -14.02
CA ALA A 78 1.53 -1.89 -14.23
C ALA A 78 0.75 -2.90 -13.40
N GLN A 79 0.28 -2.48 -12.23
CA GLN A 79 -0.48 -3.35 -11.36
C GLN A 79 -1.88 -3.60 -11.91
N THR A 80 -2.25 -2.84 -12.93
CA THR A 80 -3.56 -2.97 -13.56
C THR A 80 -3.45 -3.60 -14.94
N LYS A 81 -2.27 -3.53 -15.52
CA LYS A 81 -2.04 -4.10 -16.85
C LYS A 81 -1.48 -5.51 -16.76
N LYS A 82 -1.47 -6.07 -15.55
CA LYS A 82 -0.97 -7.42 -15.35
C LYS A 82 -2.12 -8.42 -15.30
N GLN A 83 -1.79 -9.67 -15.03
CA GLN A 83 -2.80 -10.72 -14.93
C GLN A 83 -3.10 -11.06 -13.47
N GLY A 84 -4.38 -11.13 -13.15
CA GLY A 84 -4.78 -11.44 -11.78
C GLY A 84 -4.34 -10.37 -10.81
N GLY A 85 -3.93 -9.22 -11.33
CA GLY A 85 -3.49 -8.12 -10.51
C GLY A 85 -4.61 -7.54 -9.65
N ILE A 86 -4.80 -6.23 -9.75
CA ILE A 86 -5.84 -5.55 -8.99
C ILE A 86 -6.83 -4.86 -9.92
N THR A 87 -7.99 -4.49 -9.38
CA THR A 87 -9.02 -3.82 -10.16
C THR A 87 -8.84 -2.30 -10.16
N SER A 88 -9.77 -1.61 -10.79
CA SER A 88 -9.73 -0.15 -10.87
C SER A 88 -10.00 0.48 -9.51
N ASP A 89 -10.97 -0.07 -8.79
CA ASP A 89 -11.33 0.44 -7.47
C ASP A 89 -10.16 0.25 -6.51
N GLN A 90 -9.31 -0.74 -6.81
CA GLN A 90 -8.14 -1.03 -5.98
C GLN A 90 -6.99 -0.11 -6.35
N ALA A 91 -6.84 0.16 -7.65
CA ALA A 91 -5.78 1.01 -8.15
C ALA A 91 -6.08 2.49 -7.91
N ALA A 92 -7.36 2.79 -7.69
CA ALA A 92 -7.78 4.17 -7.46
C ALA A 92 -7.25 4.72 -6.15
N VAL A 93 -7.18 3.88 -5.12
CA VAL A 93 -6.69 4.31 -3.82
C VAL A 93 -5.16 4.22 -3.73
N ILE A 94 -4.60 3.18 -4.34
CA ILE A 94 -3.14 3.00 -4.32
C ILE A 94 -2.46 4.04 -5.19
N SER A 95 -3.11 4.42 -6.29
CA SER A 95 -2.56 5.43 -7.20
C SER A 95 -2.38 6.76 -6.49
N LYS A 96 -3.01 6.89 -5.33
CA LYS A 96 -2.93 8.11 -4.53
C LYS A 96 -1.66 8.13 -3.67
N PHE A 97 -0.85 7.08 -3.81
CA PHE A 97 0.38 6.94 -3.04
C PHE A 97 1.29 8.19 -3.04
N TRP A 98 1.01 9.18 -3.90
CA TRP A 98 1.84 10.39 -3.93
C TRP A 98 1.03 11.66 -3.75
N LYS A 99 -0.29 11.55 -3.81
CA LYS A 99 -1.15 12.74 -3.65
C LYS A 99 -1.62 12.87 -2.21
N SER A 100 -1.86 11.73 -1.56
CA SER A 100 -2.32 11.72 -0.18
C SER A 100 -1.24 12.25 0.75
N HIS A 101 -0.01 12.30 0.26
CA HIS A 101 1.12 12.77 1.06
C HIS A 101 1.60 14.14 0.57
N LYS A 102 0.97 14.65 -0.48
CA LYS A 102 1.33 15.95 -1.04
C LYS A 102 0.12 16.85 -1.23
N THR A 103 -0.85 16.73 -0.33
CA THR A 103 -2.06 17.55 -0.40
C THR A 103 -2.26 18.36 0.89
N LYS A 104 -2.68 17.67 1.95
CA LYS A 104 -2.90 18.33 3.24
C LYS A 104 -1.66 18.20 4.12
N ILE A 105 -0.51 18.16 3.48
CA ILE A 105 0.77 18.02 4.20
C ILE A 105 1.14 19.29 4.94
N ARG A 106 1.73 20.24 4.23
CA ARG A 106 2.16 21.50 4.83
C ARG A 106 1.06 22.55 4.76
N GLU A 107 0.21 22.46 3.74
CA GLU A 107 -0.88 23.42 3.56
C GLU A 107 -2.15 22.71 3.11
N SER A 108 -3.30 23.24 3.53
CA SER A 108 -4.58 22.66 3.17
C SER A 108 -5.27 23.51 2.10
N MET A 1 -17.15 -11.22 1.93
CA MET A 1 -15.78 -11.06 2.50
C MET A 1 -15.59 -11.95 3.71
N ALA A 2 -14.46 -12.65 3.77
CA ALA A 2 -14.15 -13.54 4.89
C ALA A 2 -12.68 -13.49 5.24
N ALA A 3 -11.83 -13.85 4.29
CA ALA A 3 -10.38 -13.85 4.51
C ALA A 3 -9.63 -13.70 3.19
N GLY A 4 -8.83 -12.63 3.09
CA GLY A 4 -8.05 -12.39 1.89
C GLY A 4 -8.72 -11.41 0.96
N GLU A 5 -9.09 -10.24 1.49
CA GLU A 5 -9.75 -9.21 0.70
C GLU A 5 -9.18 -7.83 1.01
N LEU A 6 -8.79 -7.63 2.26
CA LEU A 6 -8.22 -6.36 2.69
C LEU A 6 -9.21 -5.21 2.45
N GLU A 7 -10.48 -5.57 2.26
CA GLU A 7 -11.54 -4.59 2.02
C GLU A 7 -11.35 -3.87 0.68
N GLY A 8 -10.34 -3.02 0.61
CA GLY A 8 -10.07 -2.28 -0.62
C GLY A 8 -10.41 -0.81 -0.48
N GLY A 9 -11.24 -0.49 0.50
CA GLY A 9 -11.63 0.89 0.72
C GLY A 9 -10.64 1.66 1.59
N LYS A 10 -10.44 1.21 2.82
CA LYS A 10 -9.53 1.87 3.74
C LYS A 10 -8.17 1.15 3.81
N PRO A 11 -8.13 -0.12 4.28
CA PRO A 11 -6.88 -0.88 4.37
C PRO A 11 -5.99 -0.72 3.14
N LEU A 12 -6.51 -1.09 1.99
CA LEU A 12 -5.75 -1.01 0.73
C LEU A 12 -5.03 0.33 0.61
N SER A 13 -5.64 1.38 1.16
CA SER A 13 -5.05 2.72 1.10
C SER A 13 -3.99 2.88 2.17
N GLY A 14 -4.24 2.31 3.35
CA GLY A 14 -3.28 2.39 4.43
C GLY A 14 -2.40 1.16 4.52
N LEU A 15 -2.42 0.36 3.46
CA LEU A 15 -1.61 -0.86 3.39
C LEU A 15 -0.15 -0.50 3.17
N LEU A 16 0.11 0.28 2.13
CA LEU A 16 1.47 0.70 1.82
C LEU A 16 2.08 1.37 3.05
N ASN A 17 1.19 1.83 3.94
CA ASN A 17 1.59 2.48 5.17
C ASN A 17 1.87 1.43 6.25
N ALA A 18 0.92 0.51 6.42
CA ALA A 18 1.04 -0.56 7.41
C ALA A 18 2.29 -1.40 7.14
N LEU A 19 2.37 -1.92 5.91
CA LEU A 19 3.48 -2.76 5.47
C LEU A 19 4.84 -2.12 5.78
N ALA A 20 4.85 -0.81 5.96
CA ALA A 20 6.10 -0.10 6.26
C ALA A 20 6.67 -0.52 7.61
N GLN A 21 7.38 -1.65 7.63
CA GLN A 21 7.97 -2.17 8.85
C GLN A 21 9.30 -1.48 9.14
N ASP A 22 10.21 -1.54 8.17
CA ASP A 22 11.53 -0.93 8.32
C ASP A 22 11.92 -0.19 7.04
N THR A 23 12.21 1.11 7.18
CA THR A 23 12.59 1.93 6.05
C THR A 23 14.09 1.84 5.77
N PHE A 24 14.88 2.09 6.81
CA PHE A 24 16.33 2.04 6.70
C PHE A 24 16.99 1.81 8.06
N HIS A 25 16.18 1.89 9.11
CA HIS A 25 16.67 1.68 10.47
C HIS A 25 15.61 1.02 11.34
N GLY A 26 14.50 1.72 11.54
CA GLY A 26 13.42 1.19 12.36
C GLY A 26 12.57 2.28 12.97
N TYR A 27 11.33 2.40 12.50
CA TYR A 27 10.41 3.41 13.00
C TYR A 27 9.61 2.85 14.18
N PRO A 28 9.59 3.57 15.33
CA PRO A 28 8.85 3.13 16.52
C PRO A 28 7.35 3.32 16.37
N GLY A 29 6.61 2.21 16.49
CA GLY A 29 5.16 2.27 16.37
C GLY A 29 4.60 1.22 15.43
N ILE A 30 5.38 0.88 14.40
CA ILE A 30 4.95 -0.13 13.43
C ILE A 30 5.60 -1.48 13.71
N THR A 31 4.86 -2.56 13.46
CA THR A 31 5.37 -3.91 13.68
C THR A 31 4.68 -4.88 12.72
N GLU A 32 5.32 -6.02 12.49
CA GLU A 32 4.78 -7.03 11.59
C GLU A 32 3.35 -7.42 11.98
N GLU A 33 3.12 -7.60 13.28
CA GLU A 33 1.81 -7.96 13.78
C GLU A 33 0.97 -6.72 14.06
N LEU A 34 1.61 -5.55 13.93
CA LEU A 34 0.94 -4.28 14.15
C LEU A 34 0.20 -3.81 12.91
N LEU A 35 0.95 -3.67 11.83
CA LEU A 35 0.41 -3.22 10.54
C LEU A 35 -0.91 -3.93 10.24
N ARG A 36 -0.99 -5.20 10.57
CA ARG A 36 -2.20 -5.98 10.35
C ARG A 36 -3.34 -5.38 11.17
N SER A 37 -3.13 -5.33 12.48
CA SER A 37 -4.13 -4.78 13.39
C SER A 37 -4.40 -3.31 13.08
N GLN A 38 -3.47 -2.67 12.38
CA GLN A 38 -3.60 -1.27 12.04
C GLN A 38 -4.81 -1.01 11.13
N LEU A 39 -5.09 -1.96 10.23
CA LEU A 39 -6.21 -1.80 9.31
C LEU A 39 -6.96 -3.11 9.07
N TYR A 40 -6.20 -4.18 8.82
CA TYR A 40 -6.81 -5.50 8.56
C TYR A 40 -6.58 -6.47 9.72
N PRO A 41 -7.50 -6.48 10.71
CA PRO A 41 -7.38 -7.38 11.86
C PRO A 41 -7.77 -8.81 11.52
N GLU A 42 -8.38 -8.98 10.35
CA GLU A 42 -8.80 -10.31 9.90
C GLU A 42 -7.63 -11.08 9.29
N VAL A 43 -6.82 -10.38 8.50
CA VAL A 43 -5.65 -10.99 7.86
C VAL A 43 -4.50 -11.13 8.85
N PRO A 44 -4.17 -12.36 9.28
CA PRO A 44 -3.05 -12.58 10.19
C PRO A 44 -1.77 -11.98 9.62
N PRO A 45 -0.74 -11.78 10.45
CA PRO A 45 0.54 -11.21 10.01
C PRO A 45 1.34 -12.20 9.17
N GLU A 46 0.64 -13.00 8.36
CA GLU A 46 1.28 -13.98 7.50
C GLU A 46 0.51 -14.18 6.20
N GLU A 47 -0.82 -14.09 6.26
CA GLU A 47 -1.65 -14.26 5.08
C GLU A 47 -1.76 -12.97 4.27
N PHE A 48 -1.09 -11.93 4.75
CA PHE A 48 -1.11 -10.64 4.08
C PHE A 48 -0.17 -10.63 2.88
N ARG A 49 0.95 -11.34 3.00
CA ARG A 49 1.96 -11.39 1.95
C ARG A 49 1.39 -11.85 0.60
N PRO A 50 0.61 -12.95 0.54
CA PRO A 50 0.04 -13.43 -0.72
C PRO A 50 -0.76 -12.34 -1.42
N PHE A 51 -1.41 -11.48 -0.63
CA PHE A 51 -2.18 -10.39 -1.20
C PHE A 51 -1.24 -9.27 -1.64
N LEU A 52 -0.01 -9.30 -1.12
CA LEU A 52 0.98 -8.29 -1.47
C LEU A 52 1.63 -8.61 -2.80
N ALA A 53 1.47 -9.84 -3.29
CA ALA A 53 2.06 -10.23 -4.56
C ALA A 53 1.64 -9.25 -5.65
N LYS A 54 0.58 -8.49 -5.38
CA LYS A 54 0.07 -7.50 -6.30
C LYS A 54 0.00 -6.13 -5.63
N MET A 55 0.42 -6.09 -4.37
CA MET A 55 0.41 -4.85 -3.59
C MET A 55 1.75 -4.65 -2.87
N ARG A 56 2.79 -5.32 -3.35
CA ARG A 56 4.12 -5.21 -2.74
C ARG A 56 5.00 -4.26 -3.53
N GLY A 57 4.68 -4.05 -4.80
CA GLY A 57 5.46 -3.15 -5.62
C GLY A 57 5.52 -1.75 -5.08
N ILE A 58 4.41 -1.29 -4.52
CA ILE A 58 4.33 0.06 -3.95
C ILE A 58 4.93 0.08 -2.54
N LEU A 59 5.24 -1.10 -2.02
CA LEU A 59 5.79 -1.23 -0.68
C LEU A 59 7.25 -0.77 -0.64
N LYS A 60 8.11 -1.43 -1.42
CA LYS A 60 9.53 -1.09 -1.45
C LYS A 60 9.76 0.25 -2.14
N SER A 61 8.76 0.70 -2.89
CA SER A 61 8.86 1.97 -3.60
C SER A 61 8.67 3.14 -2.64
N ILE A 62 7.71 3.01 -1.74
CA ILE A 62 7.41 4.06 -0.77
C ILE A 62 8.31 3.97 0.47
N ALA A 63 8.47 2.76 1.00
CA ALA A 63 9.28 2.56 2.20
C ALA A 63 10.78 2.41 1.90
N SER A 64 11.12 1.36 1.14
CA SER A 64 12.51 1.07 0.82
C SER A 64 13.13 2.09 -0.13
N ALA A 65 12.32 2.74 -0.95
CA ALA A 65 12.83 3.72 -1.90
C ALA A 65 12.44 5.14 -1.53
N ASP A 66 11.23 5.31 -1.01
CA ASP A 66 10.73 6.64 -0.62
C ASP A 66 10.74 7.58 -1.81
N MET A 67 9.62 7.64 -2.52
CA MET A 67 9.49 8.50 -3.69
C MET A 67 8.51 9.64 -3.43
N ASP A 68 8.03 10.27 -4.50
CA ASP A 68 7.10 11.37 -4.39
C ASP A 68 6.20 11.45 -5.62
N PHE A 69 6.82 11.50 -6.80
CA PHE A 69 6.08 11.59 -8.05
C PHE A 69 6.97 11.21 -9.24
N ASN A 70 6.34 10.87 -10.36
CA ASN A 70 7.05 10.49 -11.57
C ASN A 70 7.80 9.17 -11.39
N GLN A 71 7.71 8.61 -10.19
CA GLN A 71 8.38 7.35 -9.89
C GLN A 71 7.35 6.26 -9.64
N LEU A 72 6.31 6.61 -8.90
CA LEU A 72 5.24 5.67 -8.57
C LEU A 72 4.15 5.69 -9.63
N GLU A 73 3.98 6.83 -10.29
CA GLU A 73 2.97 6.98 -11.32
C GLU A 73 3.21 5.99 -12.45
N ALA A 74 4.45 5.55 -12.60
CA ALA A 74 4.80 4.59 -13.65
C ALA A 74 4.43 3.17 -13.25
N PHE A 75 4.27 2.94 -11.95
CA PHE A 75 3.91 1.62 -11.44
C PHE A 75 2.40 1.43 -11.40
N LEU A 76 1.70 2.45 -10.93
CA LEU A 76 0.25 2.41 -10.82
C LEU A 76 -0.41 2.03 -12.15
N THR A 77 0.29 2.29 -13.24
CA THR A 77 -0.22 1.97 -14.57
C THR A 77 0.11 0.52 -14.92
N ALA A 78 1.17 0.00 -14.34
CA ALA A 78 1.60 -1.37 -14.58
C ALA A 78 0.74 -2.37 -13.82
N GLN A 79 0.41 -2.04 -12.58
CA GLN A 79 -0.41 -2.90 -11.74
C GLN A 79 -1.79 -3.11 -12.36
N THR A 80 -2.13 -2.28 -13.33
CA THR A 80 -3.43 -2.36 -13.99
C THR A 80 -3.29 -2.87 -15.42
N LYS A 81 -2.06 -2.89 -15.92
CA LYS A 81 -1.80 -3.34 -17.28
C LYS A 81 -1.06 -4.68 -17.28
N LYS A 82 -0.84 -5.24 -16.09
CA LYS A 82 -0.15 -6.52 -15.97
C LYS A 82 -1.15 -7.66 -16.01
N GLN A 83 -0.63 -8.89 -16.03
CA GLN A 83 -1.49 -10.07 -16.05
C GLN A 83 -1.81 -10.52 -14.64
N GLY A 84 -3.07 -10.87 -14.40
CA GLY A 84 -3.48 -11.29 -13.08
C GLY A 84 -3.22 -10.22 -12.04
N GLY A 85 -3.05 -8.98 -12.51
CA GLY A 85 -2.80 -7.86 -11.63
C GLY A 85 -3.97 -7.54 -10.74
N ILE A 86 -4.34 -6.26 -10.70
CA ILE A 86 -5.45 -5.81 -9.87
C ILE A 86 -6.51 -5.10 -10.70
N THR A 87 -7.65 -4.84 -10.08
CA THR A 87 -8.76 -4.16 -10.76
C THR A 87 -8.63 -2.65 -10.70
N SER A 88 -9.56 -1.95 -11.35
CA SER A 88 -9.55 -0.50 -11.37
C SER A 88 -9.81 0.06 -9.97
N ASP A 89 -10.75 -0.55 -9.25
CA ASP A 89 -11.08 -0.13 -7.90
C ASP A 89 -9.86 -0.21 -7.01
N GLN A 90 -9.02 -1.21 -7.27
CA GLN A 90 -7.80 -1.40 -6.49
C GLN A 90 -6.82 -0.26 -6.73
N ALA A 91 -6.65 0.10 -7.99
CA ALA A 91 -5.75 1.18 -8.37
C ALA A 91 -6.28 2.54 -7.93
N ALA A 92 -7.58 2.61 -7.68
CA ALA A 92 -8.21 3.86 -7.26
C ALA A 92 -7.67 4.34 -5.92
N VAL A 93 -7.39 3.41 -5.02
CA VAL A 93 -6.87 3.75 -3.70
C VAL A 93 -5.34 3.87 -3.70
N ILE A 94 -4.68 3.04 -4.49
CA ILE A 94 -3.22 3.03 -4.56
C ILE A 94 -2.68 4.25 -5.29
N SER A 95 -3.35 4.65 -6.37
CA SER A 95 -2.93 5.81 -7.16
C SER A 95 -2.85 7.07 -6.31
N LYS A 96 -3.46 6.99 -5.13
CA LYS A 96 -3.52 8.12 -4.21
C LYS A 96 -2.28 8.16 -3.30
N PHE A 97 -1.38 7.21 -3.50
CA PHE A 97 -0.16 7.10 -2.70
C PHE A 97 0.59 8.42 -2.51
N TRP A 98 0.31 9.45 -3.32
CA TRP A 98 1.00 10.74 -3.15
C TRP A 98 0.07 11.94 -3.24
N LYS A 99 -1.22 11.71 -3.43
CA LYS A 99 -2.17 12.83 -3.51
C LYS A 99 -3.00 12.94 -2.24
N SER A 100 -2.98 11.90 -1.43
CA SER A 100 -3.71 11.87 -0.18
C SER A 100 -3.03 12.73 0.88
N HIS A 101 -1.77 13.05 0.62
CA HIS A 101 -0.99 13.87 1.54
C HIS A 101 -0.40 15.09 0.85
N LYS A 102 -0.88 15.38 -0.36
CA LYS A 102 -0.40 16.53 -1.12
C LYS A 102 -1.54 17.52 -1.38
N THR A 103 -2.11 17.46 -2.59
CA THR A 103 -3.20 18.36 -2.97
C THR A 103 -2.99 19.78 -2.45
N LYS A 104 -3.63 20.09 -1.32
CA LYS A 104 -3.51 21.42 -0.71
C LYS A 104 -2.99 21.28 0.72
N ILE A 105 -2.89 20.04 1.19
CA ILE A 105 -2.41 19.76 2.53
C ILE A 105 -1.00 20.31 2.74
N ARG A 106 -0.07 19.88 1.89
CA ARG A 106 1.32 20.34 1.98
C ARG A 106 1.41 21.84 1.81
N GLU A 107 0.76 22.35 0.76
CA GLU A 107 0.77 23.78 0.45
C GLU A 107 2.18 24.29 0.20
N SER A 108 2.88 24.64 1.28
CA SER A 108 4.25 25.14 1.17
C SER A 108 5.24 23.98 1.12
N MET A 1 -10.81 -11.31 -7.29
CA MET A 1 -11.65 -10.96 -8.45
C MET A 1 -12.49 -9.72 -8.15
N ALA A 2 -12.87 -9.56 -6.89
CA ALA A 2 -13.67 -8.42 -6.46
C ALA A 2 -13.38 -8.05 -5.01
N ALA A 3 -12.95 -6.81 -4.80
CA ALA A 3 -12.63 -6.32 -3.46
C ALA A 3 -11.50 -7.10 -2.82
N GLY A 4 -11.84 -8.23 -2.19
CA GLY A 4 -10.83 -9.06 -1.55
C GLY A 4 -11.03 -9.16 -0.04
N GLU A 5 -10.19 -9.95 0.62
CA GLU A 5 -10.28 -10.14 2.06
C GLU A 5 -9.44 -9.11 2.80
N LEU A 6 -9.71 -7.84 2.52
CA LEU A 6 -8.98 -6.74 3.16
C LEU A 6 -9.63 -5.40 2.84
N GLU A 7 -10.95 -5.41 2.66
CA GLU A 7 -11.72 -4.20 2.36
C GLU A 7 -11.42 -3.72 0.94
N GLY A 8 -10.23 -3.15 0.75
CA GLY A 8 -9.86 -2.67 -0.57
C GLY A 8 -10.46 -1.31 -0.91
N GLY A 9 -11.43 -0.87 -0.10
CA GLY A 9 -12.07 0.41 -0.35
C GLY A 9 -11.30 1.57 0.25
N LYS A 10 -11.16 1.57 1.57
CA LYS A 10 -10.44 2.64 2.26
C LYS A 10 -9.10 2.16 2.83
N PRO A 11 -9.09 1.15 3.74
CA PRO A 11 -7.86 0.62 4.33
C PRO A 11 -6.74 0.39 3.31
N LEU A 12 -7.09 -0.14 2.14
CA LEU A 12 -6.11 -0.43 1.10
C LEU A 12 -5.23 0.80 0.81
N SER A 13 -5.71 1.98 1.18
CA SER A 13 -4.97 3.21 0.97
C SER A 13 -3.86 3.37 2.00
N GLY A 14 -4.22 3.24 3.28
CA GLY A 14 -3.24 3.35 4.35
C GLY A 14 -2.45 2.08 4.52
N LEU A 15 -2.37 1.29 3.45
CA LEU A 15 -1.65 0.02 3.47
C LEU A 15 -0.15 0.25 3.47
N LEU A 16 0.34 1.00 2.49
CA LEU A 16 1.77 1.28 2.38
C LEU A 16 2.27 1.88 3.70
N ASN A 17 1.33 2.40 4.48
CA ASN A 17 1.64 2.99 5.77
C ASN A 17 1.85 1.92 6.83
N ALA A 18 0.82 1.10 7.04
CA ALA A 18 0.88 0.01 8.01
C ALA A 18 2.06 -0.90 7.74
N LEU A 19 2.21 -1.28 6.48
CA LEU A 19 3.28 -2.17 6.04
C LEU A 19 4.66 -1.72 6.51
N ALA A 20 4.75 -0.52 7.07
CA ALA A 20 6.03 0.00 7.57
C ALA A 20 6.68 -0.99 8.53
N GLN A 21 7.53 -1.86 7.99
CA GLN A 21 8.23 -2.87 8.78
C GLN A 21 9.72 -2.56 8.87
N ASP A 22 10.22 -2.39 10.09
CA ASP A 22 11.64 -2.10 10.31
C ASP A 22 12.08 -0.90 9.50
N THR A 23 11.16 0.04 9.28
CA THR A 23 11.46 1.25 8.51
C THR A 23 12.42 2.16 9.26
N PHE A 24 12.61 1.89 10.55
CA PHE A 24 13.49 2.68 11.40
C PHE A 24 12.90 4.07 11.64
N HIS A 25 12.95 4.92 10.62
CA HIS A 25 12.41 6.27 10.72
C HIS A 25 10.88 6.25 10.73
N GLY A 26 10.31 6.37 11.93
CA GLY A 26 8.86 6.35 12.06
C GLY A 26 8.41 6.42 13.50
N TYR A 27 7.21 5.90 13.77
CA TYR A 27 6.67 5.90 15.13
C TYR A 27 7.07 4.63 15.88
N PRO A 28 7.24 4.71 17.20
CA PRO A 28 7.62 3.55 18.03
C PRO A 28 6.43 2.64 18.32
N GLY A 29 5.31 2.88 17.64
CA GLY A 29 4.13 2.07 17.85
C GLY A 29 3.91 1.06 16.74
N ILE A 30 4.28 1.44 15.51
CA ILE A 30 4.12 0.55 14.37
C ILE A 30 4.94 -0.72 14.54
N THR A 31 4.38 -1.84 14.10
CA THR A 31 5.05 -3.13 14.20
C THR A 31 4.63 -4.05 13.05
N GLU A 32 5.47 -5.03 12.74
CA GLU A 32 5.19 -5.97 11.66
C GLU A 32 3.84 -6.64 11.85
N GLU A 33 3.59 -7.16 13.04
CA GLU A 33 2.32 -7.82 13.34
C GLU A 33 1.22 -6.79 13.58
N LEU A 34 1.64 -5.52 13.70
CA LEU A 34 0.69 -4.44 13.95
C LEU A 34 0.09 -3.91 12.64
N LEU A 35 0.89 -3.89 11.58
CA LEU A 35 0.42 -3.38 10.29
C LEU A 35 -0.93 -3.98 9.91
N ARG A 36 -1.13 -5.25 10.23
CA ARG A 36 -2.39 -5.91 9.93
C ARG A 36 -3.46 -5.49 10.92
N SER A 37 -3.10 -5.46 12.19
CA SER A 37 -4.02 -5.08 13.24
C SER A 37 -4.46 -3.63 13.04
N GLN A 38 -3.67 -2.89 12.27
CA GLN A 38 -3.94 -1.49 11.99
C GLN A 38 -4.95 -1.32 10.87
N LEU A 39 -4.64 -1.88 9.71
CA LEU A 39 -5.50 -1.75 8.55
C LEU A 39 -6.40 -2.96 8.34
N TYR A 40 -5.82 -4.08 7.93
CA TYR A 40 -6.61 -5.30 7.70
C TYR A 40 -6.37 -6.34 8.79
N PRO A 41 -7.07 -6.24 9.94
CA PRO A 41 -6.92 -7.18 11.04
C PRO A 41 -7.40 -8.58 10.67
N GLU A 42 -8.26 -8.64 9.66
CA GLU A 42 -8.80 -9.91 9.19
C GLU A 42 -7.70 -10.76 8.56
N VAL A 43 -6.79 -10.09 7.84
CA VAL A 43 -5.68 -10.77 7.19
C VAL A 43 -4.64 -11.18 8.22
N PRO A 44 -4.34 -12.50 8.33
CA PRO A 44 -3.34 -13.00 9.28
C PRO A 44 -1.93 -12.64 8.85
N PRO A 45 -1.00 -12.52 9.82
CA PRO A 45 0.40 -12.20 9.55
C PRO A 45 1.14 -13.38 8.92
N GLU A 46 0.51 -13.97 7.91
CA GLU A 46 1.08 -15.11 7.19
C GLU A 46 0.48 -15.20 5.79
N GLU A 47 -0.81 -14.87 5.68
CA GLU A 47 -1.50 -14.92 4.40
C GLU A 47 -1.61 -13.53 3.77
N PHE A 48 -0.85 -12.58 4.30
CA PHE A 48 -0.86 -11.21 3.79
C PHE A 48 -0.01 -11.10 2.52
N ARG A 49 0.98 -11.98 2.39
CA ARG A 49 1.88 -11.97 1.24
C ARG A 49 1.14 -12.26 -0.07
N PRO A 50 0.34 -13.36 -0.13
CA PRO A 50 -0.40 -13.70 -1.36
C PRO A 50 -1.20 -12.52 -1.87
N PHE A 51 -1.53 -11.60 -0.97
CA PHE A 51 -2.27 -10.41 -1.33
C PHE A 51 -1.31 -9.25 -1.61
N LEU A 52 -0.14 -9.30 -0.99
CA LEU A 52 0.86 -8.25 -1.20
C LEU A 52 1.62 -8.48 -2.50
N ALA A 53 1.47 -9.67 -3.08
CA ALA A 53 2.14 -9.97 -4.33
C ALA A 53 1.78 -8.95 -5.39
N LYS A 54 0.66 -8.26 -5.15
CA LYS A 54 0.19 -7.23 -6.06
C LYS A 54 0.14 -5.88 -5.34
N MET A 55 0.51 -5.91 -4.07
CA MET A 55 0.51 -4.71 -3.23
C MET A 55 1.83 -4.58 -2.47
N ARG A 56 2.90 -5.16 -3.03
CA ARG A 56 4.22 -5.11 -2.38
C ARG A 56 5.15 -4.11 -3.09
N GLY A 57 5.09 -4.08 -4.42
CA GLY A 57 5.94 -3.18 -5.17
C GLY A 57 5.74 -1.73 -4.78
N ILE A 58 4.63 -1.45 -4.09
CA ILE A 58 4.32 -0.10 -3.66
C ILE A 58 4.88 0.17 -2.26
N LEU A 59 5.06 -0.89 -1.49
CA LEU A 59 5.58 -0.77 -0.13
C LEU A 59 7.07 -0.43 -0.12
N LYS A 60 7.89 -1.31 -0.69
CA LYS A 60 9.33 -1.10 -0.72
C LYS A 60 9.69 0.13 -1.55
N SER A 61 8.74 0.57 -2.38
CA SER A 61 8.97 1.74 -3.24
C SER A 61 8.84 3.03 -2.44
N ILE A 62 7.81 3.11 -1.60
CA ILE A 62 7.57 4.30 -0.79
C ILE A 62 8.41 4.28 0.49
N ALA A 63 8.71 3.08 0.98
CA ALA A 63 9.48 2.94 2.22
C ALA A 63 10.98 3.02 1.99
N SER A 64 11.53 2.08 1.23
CA SER A 64 12.96 2.04 0.97
C SER A 64 13.40 3.12 -0.01
N ALA A 65 12.71 3.20 -1.14
CA ALA A 65 13.04 4.18 -2.18
C ALA A 65 12.47 5.56 -1.86
N ASP A 66 11.28 5.59 -1.26
CA ASP A 66 10.63 6.85 -0.92
C ASP A 66 10.49 7.74 -2.17
N MET A 67 9.69 7.28 -3.11
CA MET A 67 9.49 8.00 -4.36
C MET A 67 8.52 9.17 -4.17
N ASP A 68 8.32 9.93 -5.24
CA ASP A 68 7.42 11.07 -5.21
C ASP A 68 6.50 11.07 -6.44
N PHE A 69 5.94 12.24 -6.76
CA PHE A 69 5.06 12.36 -7.91
C PHE A 69 5.81 12.09 -9.21
N ASN A 70 5.07 11.65 -10.23
CA ASN A 70 5.65 11.35 -11.54
C ASN A 70 6.70 10.24 -11.44
N GLN A 71 6.80 9.61 -10.28
CA GLN A 71 7.76 8.53 -10.07
C GLN A 71 7.02 7.23 -9.79
N LEU A 72 5.95 7.32 -9.02
CA LEU A 72 5.13 6.15 -8.68
C LEU A 72 4.04 5.93 -9.71
N GLU A 73 3.61 7.02 -10.34
CA GLU A 73 2.56 6.96 -11.35
C GLU A 73 2.91 5.97 -12.46
N ALA A 74 4.20 5.73 -12.65
CA ALA A 74 4.67 4.81 -13.68
C ALA A 74 4.46 3.36 -13.25
N PHE A 75 4.50 3.11 -11.95
CA PHE A 75 4.33 1.76 -11.42
C PHE A 75 2.86 1.35 -11.40
N LEU A 76 2.00 2.24 -10.89
CA LEU A 76 0.57 1.98 -10.81
C LEU A 76 0.02 1.69 -12.21
N THR A 77 0.74 2.13 -13.22
CA THR A 77 0.31 1.93 -14.61
C THR A 77 0.64 0.52 -15.09
N ALA A 78 1.66 -0.08 -14.49
CA ALA A 78 2.07 -1.43 -14.84
C ALA A 78 1.15 -2.44 -14.17
N GLN A 79 0.82 -2.18 -12.92
CA GLN A 79 -0.07 -3.05 -12.17
C GLN A 79 -1.49 -2.91 -12.69
N THR A 80 -2.43 -3.62 -12.08
CA THR A 80 -3.84 -3.59 -12.50
C THR A 80 -3.96 -3.61 -14.02
N LYS A 81 -2.93 -4.14 -14.68
CA LYS A 81 -2.89 -4.23 -16.13
C LYS A 81 -2.15 -5.50 -16.56
N LYS A 82 -1.27 -5.98 -15.68
CA LYS A 82 -0.49 -7.18 -15.95
C LYS A 82 -1.20 -8.42 -15.43
N GLN A 83 -0.53 -9.57 -15.52
CA GLN A 83 -1.11 -10.82 -15.05
C GLN A 83 -1.39 -10.75 -13.55
N GLY A 84 -2.63 -11.05 -13.16
CA GLY A 84 -3.00 -10.99 -11.77
C GLY A 84 -3.36 -9.59 -11.33
N GLY A 85 -3.00 -8.61 -12.17
CA GLY A 85 -3.28 -7.21 -11.90
C GLY A 85 -4.57 -6.98 -11.14
N ILE A 86 -4.47 -6.19 -10.09
CA ILE A 86 -5.62 -5.86 -9.26
C ILE A 86 -6.70 -5.14 -10.05
N THR A 87 -7.86 -4.96 -9.42
CA THR A 87 -8.99 -4.29 -10.08
C THR A 87 -8.80 -2.78 -10.11
N SER A 88 -9.68 -2.09 -10.83
CA SER A 88 -9.62 -0.65 -10.95
C SER A 88 -9.84 0.02 -9.59
N ASP A 89 -10.70 -0.58 -8.78
CA ASP A 89 -10.99 -0.05 -7.45
C ASP A 89 -9.77 -0.18 -6.54
N GLN A 90 -9.14 -1.34 -6.58
CA GLN A 90 -7.96 -1.59 -5.76
C GLN A 90 -6.80 -0.69 -6.18
N ALA A 91 -6.74 -0.39 -7.47
CA ALA A 91 -5.69 0.46 -8.02
C ALA A 91 -6.04 1.94 -7.85
N ALA A 92 -7.32 2.23 -7.65
CA ALA A 92 -7.78 3.61 -7.50
C ALA A 92 -7.31 4.22 -6.19
N VAL A 93 -7.23 3.40 -5.15
CA VAL A 93 -6.81 3.89 -3.84
C VAL A 93 -5.28 3.93 -3.74
N ILE A 94 -4.62 2.96 -4.37
CA ILE A 94 -3.16 2.90 -4.33
C ILE A 94 -2.55 3.98 -5.22
N SER A 95 -3.20 4.26 -6.35
CA SER A 95 -2.74 5.29 -7.28
C SER A 95 -2.66 6.65 -6.61
N LYS A 96 -3.31 6.77 -5.46
CA LYS A 96 -3.35 8.01 -4.71
C LYS A 96 -2.16 8.13 -3.75
N PHE A 97 -1.29 7.14 -3.79
CA PHE A 97 -0.11 7.10 -2.93
C PHE A 97 0.65 8.44 -2.82
N TRP A 98 0.42 9.37 -3.74
CA TRP A 98 1.12 10.66 -3.66
C TRP A 98 0.19 11.87 -3.78
N LYS A 99 -1.08 11.63 -4.10
CA LYS A 99 -2.04 12.73 -4.22
C LYS A 99 -2.85 12.89 -2.95
N SER A 100 -2.72 11.92 -2.05
CA SER A 100 -3.45 11.96 -0.78
C SER A 100 -2.78 12.91 0.21
N HIS A 101 -1.52 13.26 -0.08
CA HIS A 101 -0.77 14.16 0.78
C HIS A 101 -0.15 15.31 0.01
N LYS A 102 -0.57 15.46 -1.25
CA LYS A 102 -0.05 16.54 -2.10
C LYS A 102 -1.12 17.07 -3.04
N THR A 103 -2.15 17.70 -2.46
CA THR A 103 -3.24 18.27 -3.24
C THR A 103 -3.86 19.46 -2.50
N LYS A 104 -4.61 19.16 -1.45
CA LYS A 104 -5.25 20.19 -0.65
C LYS A 104 -4.81 20.10 0.80
N ILE A 105 -3.69 19.41 1.03
CA ILE A 105 -3.17 19.23 2.38
C ILE A 105 -2.04 20.22 2.66
N ARG A 106 -0.92 20.06 1.96
CA ARG A 106 0.23 20.94 2.14
C ARG A 106 0.09 22.20 1.30
N GLU A 107 -0.02 22.04 -0.01
CA GLU A 107 -0.16 23.17 -0.92
C GLU A 107 -1.63 23.55 -1.11
N SER A 108 -1.89 24.84 -1.22
CA SER A 108 -3.25 25.33 -1.41
C SER A 108 -3.32 26.27 -2.62
N MET A 1 -18.82 -12.64 -3.97
CA MET A 1 -17.58 -11.90 -3.61
C MET A 1 -16.76 -12.69 -2.58
N ALA A 2 -15.58 -13.13 -3.00
CA ALA A 2 -14.69 -13.88 -2.12
C ALA A 2 -13.23 -13.61 -2.45
N ALA A 3 -12.87 -13.78 -3.72
CA ALA A 3 -11.51 -13.55 -4.17
C ALA A 3 -11.40 -12.24 -4.95
N GLY A 4 -10.33 -11.50 -4.68
CA GLY A 4 -10.12 -10.24 -5.37
C GLY A 4 -10.37 -9.05 -4.46
N GLU A 5 -11.06 -9.28 -3.34
CA GLU A 5 -11.36 -8.22 -2.38
C GLU A 5 -11.00 -8.66 -0.97
N LEU A 6 -10.19 -7.85 -0.30
CA LEU A 6 -9.77 -8.14 1.08
C LEU A 6 -10.91 -7.88 2.06
N GLU A 7 -11.38 -6.64 2.07
CA GLU A 7 -12.47 -6.23 2.96
C GLU A 7 -12.94 -4.82 2.62
N GLY A 8 -12.32 -4.22 1.62
CA GLY A 8 -12.68 -2.88 1.21
C GLY A 8 -11.50 -2.04 0.79
N GLY A 9 -11.73 -0.76 0.54
CA GLY A 9 -10.66 0.13 0.13
C GLY A 9 -9.88 0.70 1.30
N LYS A 10 -10.51 0.67 2.48
CA LYS A 10 -9.89 1.19 3.70
C LYS A 10 -8.50 0.59 3.92
N PRO A 11 -8.34 -0.75 3.84
CA PRO A 11 -7.04 -1.40 4.06
C PRO A 11 -6.05 -1.09 2.95
N LEU A 12 -6.46 -1.32 1.71
CA LEU A 12 -5.59 -1.08 0.56
C LEU A 12 -5.03 0.34 0.55
N SER A 13 -5.77 1.27 1.14
CA SER A 13 -5.33 2.67 1.20
C SER A 13 -4.30 2.85 2.31
N GLY A 14 -4.38 2.01 3.33
CA GLY A 14 -3.45 2.09 4.44
C GLY A 14 -2.45 0.94 4.44
N LEU A 15 -2.40 0.21 3.33
CA LEU A 15 -1.48 -0.92 3.20
C LEU A 15 -0.04 -0.45 3.16
N LEU A 16 0.29 0.37 2.16
CA LEU A 16 1.64 0.91 2.02
C LEU A 16 2.09 1.54 3.33
N ASN A 17 1.12 1.88 4.17
CA ASN A 17 1.37 2.50 5.46
C ASN A 17 1.71 1.43 6.51
N ALA A 18 0.81 0.47 6.68
CA ALA A 18 1.00 -0.61 7.64
C ALA A 18 2.28 -1.38 7.35
N LEU A 19 2.64 -1.46 6.08
CA LEU A 19 3.84 -2.18 5.65
C LEU A 19 5.11 -1.39 5.95
N ALA A 20 4.98 -0.31 6.71
CA ALA A 20 6.12 0.52 7.06
C ALA A 20 7.25 -0.31 7.66
N GLN A 21 7.03 -0.80 8.88
CA GLN A 21 8.02 -1.62 9.59
C GLN A 21 9.34 -0.87 9.73
N ASP A 22 9.53 -0.23 10.89
CA ASP A 22 10.75 0.52 11.16
C ASP A 22 11.00 1.60 10.12
N THR A 23 10.50 2.80 10.39
CA THR A 23 10.67 3.92 9.48
C THR A 23 11.96 4.67 9.77
N PHE A 24 12.53 4.44 10.95
CA PHE A 24 13.76 5.09 11.37
C PHE A 24 13.61 6.61 11.39
N HIS A 25 12.37 7.08 11.43
CA HIS A 25 12.11 8.51 11.44
C HIS A 25 10.65 8.78 11.83
N GLY A 26 9.75 7.93 11.36
CA GLY A 26 8.33 8.10 11.67
C GLY A 26 7.98 7.65 13.07
N TYR A 27 6.88 6.92 13.20
CA TYR A 27 6.43 6.43 14.49
C TYR A 27 6.88 4.98 14.71
N PRO A 28 7.74 4.73 15.71
CA PRO A 28 8.25 3.38 16.00
C PRO A 28 7.15 2.42 16.45
N GLY A 29 5.93 2.94 16.58
CA GLY A 29 4.82 2.12 17.00
C GLY A 29 4.50 1.01 16.02
N ILE A 30 4.89 1.20 14.76
CA ILE A 30 4.64 0.21 13.72
C ILE A 30 5.32 -1.11 14.07
N THR A 31 4.65 -2.22 13.78
CA THR A 31 5.18 -3.55 14.05
C THR A 31 4.58 -4.58 13.10
N GLU A 32 5.27 -5.71 12.95
CA GLU A 32 4.81 -6.77 12.06
C GLU A 32 3.39 -7.22 12.42
N GLU A 33 3.11 -7.31 13.71
CA GLU A 33 1.79 -7.71 14.17
C GLU A 33 0.86 -6.50 14.26
N LEU A 34 1.46 -5.32 14.16
CA LEU A 34 0.71 -4.07 14.24
C LEU A 34 0.13 -3.68 12.88
N LEU A 35 0.85 -4.01 11.81
CA LEU A 35 0.39 -3.69 10.46
C LEU A 35 -0.98 -4.27 10.19
N ARG A 36 -1.22 -5.46 10.73
CA ARG A 36 -2.50 -6.13 10.57
C ARG A 36 -3.61 -5.40 11.31
N SER A 37 -3.47 -5.34 12.63
CA SER A 37 -4.46 -4.68 13.47
C SER A 37 -4.66 -3.22 13.05
N GLN A 38 -3.68 -2.68 12.35
CA GLN A 38 -3.75 -1.29 11.89
C GLN A 38 -4.96 -1.04 10.99
N LEU A 39 -5.16 -1.90 10.00
CA LEU A 39 -6.30 -1.75 9.09
C LEU A 39 -7.06 -3.06 8.89
N TYR A 40 -6.34 -4.15 8.64
CA TYR A 40 -6.99 -5.45 8.43
C TYR A 40 -6.80 -6.39 9.62
N PRO A 41 -7.72 -6.35 10.61
CA PRO A 41 -7.64 -7.21 11.78
C PRO A 41 -8.15 -8.62 11.49
N GLU A 42 -8.42 -8.90 10.22
CA GLU A 42 -8.94 -10.21 9.81
C GLU A 42 -7.82 -11.09 9.25
N VAL A 43 -7.05 -10.54 8.31
CA VAL A 43 -5.95 -11.29 7.70
C VAL A 43 -4.72 -11.28 8.62
N PRO A 44 -4.13 -12.46 8.87
CA PRO A 44 -2.96 -12.58 9.75
C PRO A 44 -1.79 -11.70 9.30
N PRO A 45 -0.89 -11.33 10.24
CA PRO A 45 0.27 -10.50 9.93
C PRO A 45 1.34 -11.26 9.16
N GLU A 46 0.97 -12.43 8.63
CA GLU A 46 1.91 -13.25 7.88
C GLU A 46 1.26 -13.75 6.58
N GLU A 47 -0.04 -14.02 6.64
CA GLU A 47 -0.77 -14.52 5.48
C GLU A 47 -1.20 -13.36 4.57
N PHE A 48 -0.65 -12.18 4.84
CA PHE A 48 -0.97 -10.99 4.04
C PHE A 48 -0.17 -10.98 2.73
N ARG A 49 0.97 -11.67 2.73
CA ARG A 49 1.84 -11.73 1.56
C ARG A 49 1.14 -12.27 0.32
N PRO A 50 0.45 -13.44 0.40
CA PRO A 50 -0.24 -14.01 -0.75
C PRO A 50 -1.15 -13.01 -1.44
N PHE A 51 -1.69 -12.08 -0.66
CA PHE A 51 -2.55 -11.04 -1.21
C PHE A 51 -1.75 -9.77 -1.46
N LEU A 52 -0.57 -9.69 -0.84
CA LEU A 52 0.30 -8.54 -1.00
C LEU A 52 1.25 -8.73 -2.17
N ALA A 53 1.29 -9.95 -2.71
CA ALA A 53 2.15 -10.25 -3.85
C ALA A 53 1.89 -9.27 -4.98
N LYS A 54 0.64 -8.80 -5.04
CA LYS A 54 0.23 -7.85 -6.05
C LYS A 54 0.10 -6.45 -5.45
N MET A 55 0.26 -6.39 -4.12
CA MET A 55 0.16 -5.13 -3.39
C MET A 55 1.47 -4.81 -2.68
N ARG A 56 2.57 -5.40 -3.14
CA ARG A 56 3.88 -5.17 -2.54
C ARG A 56 4.79 -4.38 -3.47
N GLY A 57 4.45 -4.37 -4.75
CA GLY A 57 5.26 -3.64 -5.72
C GLY A 57 5.32 -2.16 -5.42
N ILE A 58 4.42 -1.70 -4.56
CA ILE A 58 4.37 -0.29 -4.19
C ILE A 58 5.08 -0.05 -2.86
N LEU A 59 5.08 -1.07 -2.00
CA LEU A 59 5.73 -0.97 -0.70
C LEU A 59 7.21 -0.63 -0.85
N LYS A 60 7.94 -1.48 -1.56
CA LYS A 60 9.37 -1.28 -1.77
C LYS A 60 9.62 0.02 -2.52
N SER A 61 8.57 0.55 -3.16
CA SER A 61 8.69 1.78 -3.94
C SER A 61 8.59 3.02 -3.05
N ILE A 62 7.67 2.98 -2.08
CA ILE A 62 7.47 4.11 -1.18
C ILE A 62 8.44 4.10 -0.01
N ALA A 63 8.55 2.96 0.67
CA ALA A 63 9.44 2.84 1.83
C ALA A 63 10.89 2.54 1.44
N SER A 64 11.11 1.40 0.79
CA SER A 64 12.46 0.98 0.40
C SER A 64 13.07 1.88 -0.68
N ALA A 65 12.24 2.48 -1.52
CA ALA A 65 12.75 3.32 -2.60
C ALA A 65 12.48 4.81 -2.35
N ASP A 66 11.32 5.12 -1.79
CA ASP A 66 10.95 6.51 -1.52
C ASP A 66 10.99 7.33 -2.80
N MET A 67 9.84 7.41 -3.48
CA MET A 67 9.75 8.14 -4.73
C MET A 67 9.28 9.58 -4.51
N ASP A 68 8.93 10.26 -5.60
CA ASP A 68 8.47 11.64 -5.52
C ASP A 68 7.03 11.80 -6.01
N PHE A 69 6.85 11.83 -7.33
CA PHE A 69 5.52 12.00 -7.90
C PHE A 69 5.36 11.23 -9.22
N ASN A 70 5.95 11.76 -10.29
CA ASN A 70 5.85 11.14 -11.61
C ASN A 70 6.37 9.71 -11.58
N GLN A 71 7.20 9.40 -10.59
CA GLN A 71 7.76 8.07 -10.45
C GLN A 71 6.68 7.01 -10.21
N LEU A 72 6.05 7.08 -9.03
CA LEU A 72 5.00 6.13 -8.67
C LEU A 72 3.85 6.16 -9.67
N GLU A 73 3.60 7.35 -10.23
CA GLU A 73 2.52 7.53 -11.20
C GLU A 73 2.68 6.59 -12.39
N ALA A 74 3.93 6.30 -12.75
CA ALA A 74 4.23 5.42 -13.86
C ALA A 74 4.17 3.94 -13.47
N PHE A 75 4.24 3.68 -12.16
CA PHE A 75 4.22 2.31 -11.66
C PHE A 75 2.79 1.82 -11.46
N LEU A 76 1.95 2.67 -10.89
CA LEU A 76 0.55 2.32 -10.63
C LEU A 76 -0.17 1.98 -11.93
N THR A 77 0.39 2.41 -13.05
CA THR A 77 -0.19 2.15 -14.35
C THR A 77 0.22 0.76 -14.85
N ALA A 78 1.34 0.29 -14.32
CA ALA A 78 1.87 -1.02 -14.68
C ALA A 78 1.16 -2.12 -13.92
N GLN A 79 0.80 -1.84 -12.66
CA GLN A 79 0.12 -2.80 -11.82
C GLN A 79 -1.34 -2.98 -12.25
N THR A 80 -1.70 -2.34 -13.36
CA THR A 80 -3.04 -2.43 -13.90
C THR A 80 -3.01 -3.01 -15.32
N LYS A 81 -1.81 -3.20 -15.84
CA LYS A 81 -1.62 -3.74 -17.18
C LYS A 81 -0.80 -5.02 -17.16
N LYS A 82 -0.24 -5.35 -16.00
CA LYS A 82 0.56 -6.56 -15.86
C LYS A 82 -0.29 -7.81 -16.09
N GLN A 83 0.34 -8.98 -15.99
CA GLN A 83 -0.37 -10.24 -16.16
C GLN A 83 -1.50 -10.35 -15.15
N GLY A 84 -2.70 -9.99 -15.59
CA GLY A 84 -3.85 -10.04 -14.70
C GLY A 84 -3.99 -8.75 -13.91
N GLY A 85 -2.97 -8.44 -13.12
CA GLY A 85 -2.97 -7.23 -12.33
C GLY A 85 -4.18 -7.11 -11.42
N ILE A 86 -4.27 -5.99 -10.72
CA ILE A 86 -5.38 -5.74 -9.82
C ILE A 86 -6.53 -5.04 -10.54
N THR A 87 -7.64 -4.86 -9.84
CA THR A 87 -8.81 -4.20 -10.42
C THR A 87 -8.64 -2.69 -10.43
N SER A 88 -9.49 -2.01 -11.21
CA SER A 88 -9.43 -0.55 -11.30
C SER A 88 -9.73 0.08 -9.95
N ASP A 89 -10.66 -0.50 -9.21
CA ASP A 89 -11.04 0.01 -7.91
C ASP A 89 -9.86 -0.07 -6.94
N GLN A 90 -9.02 -1.07 -7.14
CA GLN A 90 -7.84 -1.26 -6.31
C GLN A 90 -6.76 -0.24 -6.66
N ALA A 91 -6.66 0.09 -7.93
CA ALA A 91 -5.68 1.06 -8.41
C ALA A 91 -6.06 2.48 -8.00
N ALA A 92 -7.34 2.68 -7.68
CA ALA A 92 -7.84 3.99 -7.29
C ALA A 92 -7.37 4.40 -5.90
N VAL A 93 -7.27 3.41 -5.00
CA VAL A 93 -6.84 3.69 -3.64
C VAL A 93 -5.32 3.70 -3.53
N ILE A 94 -4.65 2.83 -4.28
CA ILE A 94 -3.20 2.75 -4.26
C ILE A 94 -2.59 3.94 -4.99
N SER A 95 -3.28 4.43 -6.03
CA SER A 95 -2.80 5.59 -6.79
C SER A 95 -2.70 6.81 -5.90
N LYS A 96 -3.33 6.74 -4.73
CA LYS A 96 -3.33 7.82 -3.76
C LYS A 96 -2.06 7.78 -2.91
N PHE A 97 -1.19 6.84 -3.22
CA PHE A 97 0.06 6.64 -2.47
C PHE A 97 0.86 7.94 -2.22
N TRP A 98 0.57 9.03 -2.94
CA TRP A 98 1.30 10.29 -2.70
C TRP A 98 0.36 11.47 -2.44
N LYS A 99 -0.93 11.21 -2.27
CA LYS A 99 -1.88 12.29 -2.02
C LYS A 99 -2.53 12.13 -0.64
N SER A 100 -2.60 10.90 -0.17
CA SER A 100 -3.20 10.63 1.15
C SER A 100 -2.17 10.81 2.26
N HIS A 101 -0.90 10.84 1.89
CA HIS A 101 0.18 11.01 2.85
C HIS A 101 1.19 12.05 2.39
N LYS A 102 0.69 13.17 1.86
CA LYS A 102 1.57 14.23 1.38
C LYS A 102 0.84 15.57 1.29
N THR A 103 -0.43 15.54 0.86
CA THR A 103 -1.22 16.75 0.71
C THR A 103 -1.31 17.54 2.02
N LYS A 104 -2.29 17.21 2.85
CA LYS A 104 -2.49 17.89 4.13
C LYS A 104 -1.56 17.35 5.20
N ILE A 105 -0.64 16.46 4.81
CA ILE A 105 0.30 15.88 5.75
C ILE A 105 1.60 16.68 5.78
N ARG A 106 2.22 16.84 4.61
CA ARG A 106 3.47 17.59 4.51
C ARG A 106 4.52 17.06 5.47
N GLU A 107 4.38 15.80 5.86
CA GLU A 107 5.31 15.16 6.79
C GLU A 107 5.34 15.89 8.13
N SER A 108 4.66 15.32 9.13
CA SER A 108 4.61 15.92 10.45
C SER A 108 5.98 15.85 11.13
N MET A 1 -16.66 -13.65 -6.90
CA MET A 1 -15.17 -13.69 -6.85
C MET A 1 -14.64 -12.86 -5.70
N ALA A 2 -13.54 -13.31 -5.09
CA ALA A 2 -12.93 -12.62 -3.98
C ALA A 2 -11.58 -12.04 -4.36
N ALA A 3 -11.58 -10.83 -4.91
CA ALA A 3 -10.35 -10.16 -5.33
C ALA A 3 -10.58 -8.68 -5.59
N GLY A 4 -9.63 -7.85 -5.18
CA GLY A 4 -9.74 -6.42 -5.38
C GLY A 4 -10.32 -5.71 -4.18
N GLU A 5 -10.96 -6.48 -3.30
CA GLU A 5 -11.56 -5.92 -2.09
C GLU A 5 -11.36 -6.85 -0.90
N LEU A 6 -10.88 -6.30 0.21
CA LEU A 6 -10.64 -7.09 1.41
C LEU A 6 -11.61 -6.65 2.52
N GLU A 7 -12.08 -5.42 2.42
CA GLU A 7 -13.01 -4.87 3.41
C GLU A 7 -13.50 -3.50 2.97
N GLY A 8 -12.71 -2.87 2.10
CA GLY A 8 -13.05 -1.55 1.60
C GLY A 8 -11.90 -0.92 0.85
N GLY A 9 -12.18 0.11 0.08
CA GLY A 9 -11.15 0.78 -0.69
C GLY A 9 -10.38 1.79 0.15
N LYS A 10 -11.12 2.58 0.93
CA LYS A 10 -10.51 3.60 1.79
C LYS A 10 -9.31 3.06 2.58
N PRO A 11 -9.46 1.91 3.27
CA PRO A 11 -8.36 1.33 4.05
C PRO A 11 -7.17 0.94 3.19
N LEU A 12 -7.47 0.33 2.04
CA LEU A 12 -6.44 -0.11 1.10
C LEU A 12 -5.41 1.00 0.83
N SER A 13 -5.81 2.25 1.02
CA SER A 13 -4.93 3.38 0.81
C SER A 13 -3.90 3.52 1.92
N GLY A 14 -4.34 3.26 3.16
CA GLY A 14 -3.45 3.36 4.30
C GLY A 14 -2.62 2.11 4.50
N LEU A 15 -2.48 1.31 3.46
CA LEU A 15 -1.70 0.07 3.53
C LEU A 15 -0.22 0.36 3.34
N LEU A 16 0.13 1.12 2.30
CA LEU A 16 1.52 1.46 2.04
C LEU A 16 2.16 1.95 3.34
N ASN A 17 1.30 2.39 4.25
CA ASN A 17 1.72 2.88 5.55
C ASN A 17 1.84 1.73 6.55
N ALA A 18 0.83 0.88 6.59
CA ALA A 18 0.80 -0.27 7.50
C ALA A 18 1.89 -1.29 7.16
N LEU A 19 1.88 -1.75 5.92
CA LEU A 19 2.85 -2.75 5.44
C LEU A 19 4.29 -2.35 5.77
N ALA A 20 4.50 -1.08 6.09
CA ALA A 20 5.84 -0.58 6.41
C ALA A 20 6.50 -1.43 7.49
N GLN A 21 7.35 -2.37 7.05
CA GLN A 21 8.06 -3.25 7.97
C GLN A 21 9.48 -2.72 8.19
N ASP A 22 9.74 -2.22 9.39
CA ASP A 22 11.06 -1.69 9.73
C ASP A 22 11.41 -0.53 8.80
N THR A 23 10.96 0.66 9.15
CA THR A 23 11.21 1.86 8.36
C THR A 23 12.65 2.35 8.55
N PHE A 24 13.23 2.00 9.70
CA PHE A 24 14.60 2.42 10.02
C PHE A 24 14.71 3.94 10.08
N HIS A 25 14.61 4.47 11.30
CA HIS A 25 14.69 5.92 11.51
C HIS A 25 13.60 6.66 10.74
N GLY A 26 12.61 5.91 10.26
CA GLY A 26 11.51 6.52 9.52
C GLY A 26 10.36 6.92 10.42
N TYR A 27 9.20 6.30 10.20
CA TYR A 27 8.02 6.59 11.00
C TYR A 27 7.96 5.70 12.24
N PRO A 28 8.00 6.28 13.45
CA PRO A 28 7.95 5.51 14.69
C PRO A 28 6.57 4.93 14.96
N GLY A 29 6.54 3.75 15.59
CA GLY A 29 5.28 3.11 15.90
C GLY A 29 4.77 2.27 14.75
N ILE A 30 5.61 1.35 14.26
CA ILE A 30 5.23 0.48 13.16
C ILE A 30 6.09 -0.79 13.15
N THR A 31 5.45 -1.93 12.90
CA THR A 31 6.16 -3.20 12.88
C THR A 31 5.40 -4.24 12.06
N GLU A 32 5.96 -5.44 11.94
CA GLU A 32 5.36 -6.52 11.17
C GLU A 32 4.11 -7.08 11.85
N GLU A 33 3.90 -6.71 13.12
CA GLU A 33 2.75 -7.19 13.87
C GLU A 33 1.53 -6.30 13.66
N LEU A 34 1.64 -5.04 14.03
CA LEU A 34 0.54 -4.10 13.90
C LEU A 34 0.21 -3.83 12.43
N LEU A 35 1.15 -4.14 11.53
CA LEU A 35 0.94 -3.92 10.11
C LEU A 35 -0.41 -4.50 9.68
N ARG A 36 -0.76 -5.63 10.29
CA ARG A 36 -2.01 -6.31 10.00
C ARG A 36 -3.15 -5.67 10.79
N SER A 37 -2.99 -5.66 12.11
CA SER A 37 -4.00 -5.11 13.01
C SER A 37 -4.37 -3.67 12.63
N GLN A 38 -3.51 -3.01 11.88
CA GLN A 38 -3.74 -1.62 11.49
C GLN A 38 -4.94 -1.46 10.55
N LEU A 39 -4.89 -2.10 9.37
CA LEU A 39 -5.98 -1.98 8.41
C LEU A 39 -6.47 -3.34 7.93
N TYR A 40 -5.63 -4.36 8.07
CA TYR A 40 -5.99 -5.71 7.63
C TYR A 40 -6.19 -6.63 8.82
N PRO A 41 -7.38 -6.58 9.47
CA PRO A 41 -7.68 -7.43 10.63
C PRO A 41 -7.96 -8.88 10.25
N GLU A 42 -8.37 -9.08 9.00
CA GLU A 42 -8.67 -10.42 8.51
C GLU A 42 -7.41 -11.12 8.01
N VAL A 43 -6.49 -10.34 7.43
CA VAL A 43 -5.25 -10.88 6.93
C VAL A 43 -4.25 -11.11 8.06
N PRO A 44 -3.75 -12.35 8.22
CA PRO A 44 -2.78 -12.68 9.27
C PRO A 44 -1.39 -12.13 8.97
N PRO A 45 -0.51 -12.04 9.99
CA PRO A 45 0.85 -11.53 9.82
C PRO A 45 1.73 -12.52 9.06
N GLU A 46 1.11 -13.53 8.46
CA GLU A 46 1.83 -14.53 7.70
C GLU A 46 1.21 -14.73 6.33
N GLU A 47 -0.12 -14.81 6.29
CA GLU A 47 -0.84 -14.98 5.03
C GLU A 47 -1.12 -13.63 4.36
N PHE A 48 -0.35 -12.63 4.74
CA PHE A 48 -0.51 -11.30 4.17
C PHE A 48 0.14 -11.19 2.79
N ARG A 49 1.11 -12.07 2.53
CA ARG A 49 1.83 -12.07 1.26
C ARG A 49 0.90 -12.36 0.07
N PRO A 50 0.07 -13.43 0.11
CA PRO A 50 -0.83 -13.76 -1.00
C PRO A 50 -1.67 -12.56 -1.42
N PHE A 51 -1.76 -11.57 -0.55
CA PHE A 51 -2.52 -10.36 -0.82
C PHE A 51 -1.57 -9.19 -1.10
N LEU A 52 -0.34 -9.30 -0.61
CA LEU A 52 0.64 -8.24 -0.82
C LEU A 52 1.41 -8.49 -2.11
N ALA A 53 1.23 -9.66 -2.70
CA ALA A 53 1.92 -10.00 -3.94
C ALA A 53 1.59 -8.95 -5.00
N LYS A 54 0.50 -8.24 -4.77
CA LYS A 54 0.05 -7.19 -5.66
C LYS A 54 0.01 -5.85 -4.94
N MET A 55 0.28 -5.89 -3.63
CA MET A 55 0.28 -4.69 -2.81
C MET A 55 1.64 -4.46 -2.15
N ARG A 56 2.68 -5.08 -2.69
CA ARG A 56 4.04 -4.92 -2.13
C ARG A 56 4.88 -3.98 -2.99
N GLY A 57 4.63 -3.97 -4.29
CA GLY A 57 5.39 -3.12 -5.19
C GLY A 57 5.34 -1.65 -4.81
N ILE A 58 4.25 -1.23 -4.17
CA ILE A 58 4.09 0.15 -3.76
C ILE A 58 4.74 0.38 -2.41
N LEU A 59 4.59 -0.58 -1.51
CA LEU A 59 5.17 -0.49 -0.18
C LEU A 59 6.69 -0.38 -0.28
N LYS A 60 7.29 -1.33 -0.98
CA LYS A 60 8.74 -1.36 -1.15
C LYS A 60 9.23 -0.09 -1.84
N SER A 61 8.44 0.42 -2.77
CA SER A 61 8.80 1.63 -3.51
C SER A 61 8.85 2.87 -2.62
N ILE A 62 7.86 3.03 -1.76
CA ILE A 62 7.79 4.18 -0.88
C ILE A 62 8.63 3.99 0.39
N ALA A 63 8.80 2.75 0.81
CA ALA A 63 9.55 2.44 2.02
C ALA A 63 11.05 2.36 1.79
N SER A 64 11.47 1.39 0.98
CA SER A 64 12.89 1.18 0.70
C SER A 64 13.46 2.27 -0.20
N ALA A 65 12.73 2.59 -1.27
CA ALA A 65 13.19 3.61 -2.21
C ALA A 65 12.71 5.00 -1.84
N ASP A 66 11.48 5.10 -1.34
CA ASP A 66 10.91 6.38 -0.95
C ASP A 66 10.89 7.34 -2.14
N MET A 67 9.86 7.22 -2.97
CA MET A 67 9.71 8.07 -4.14
C MET A 67 9.01 9.38 -3.79
N ASP A 68 8.65 10.15 -4.81
CA ASP A 68 7.97 11.42 -4.61
C ASP A 68 6.84 11.59 -5.61
N PHE A 69 7.20 11.77 -6.88
CA PHE A 69 6.21 11.95 -7.94
C PHE A 69 6.78 11.56 -9.30
N ASN A 70 5.88 11.21 -10.23
CA ASN A 70 6.26 10.81 -11.59
C ASN A 70 7.04 9.49 -11.58
N GLN A 71 7.31 8.96 -10.40
CA GLN A 71 8.04 7.70 -10.26
C GLN A 71 7.08 6.55 -9.95
N LEU A 72 6.11 6.81 -9.10
CA LEU A 72 5.12 5.81 -8.71
C LEU A 72 3.97 5.76 -9.71
N GLU A 73 3.69 6.91 -10.32
CA GLU A 73 2.61 7.00 -11.30
C GLU A 73 2.77 5.95 -12.39
N ALA A 74 4.00 5.75 -12.82
CA ALA A 74 4.30 4.77 -13.87
C ALA A 74 4.08 3.34 -13.38
N PHE A 75 4.17 3.15 -12.06
CA PHE A 75 3.98 1.83 -11.47
C PHE A 75 2.50 1.49 -11.34
N LEU A 76 1.71 2.47 -10.94
CA LEU A 76 0.27 2.27 -10.76
C LEU A 76 -0.39 1.73 -12.03
N THR A 77 0.27 1.91 -13.16
CA THR A 77 -0.25 1.43 -14.43
C THR A 77 0.11 -0.02 -14.66
N ALA A 78 1.21 -0.45 -14.04
CA ALA A 78 1.67 -1.83 -14.17
C ALA A 78 0.81 -2.77 -13.34
N GLN A 79 0.49 -2.37 -12.11
CA GLN A 79 -0.33 -3.18 -11.22
C GLN A 79 -1.71 -3.44 -11.81
N THR A 80 -2.06 -2.70 -12.85
CA THR A 80 -3.36 -2.86 -13.48
C THR A 80 -3.25 -3.53 -14.85
N LYS A 81 -2.05 -3.48 -15.43
CA LYS A 81 -1.82 -4.08 -16.74
C LYS A 81 -1.07 -5.41 -16.61
N LYS A 82 -0.85 -5.85 -15.37
CA LYS A 82 -0.15 -7.10 -15.13
C LYS A 82 -1.13 -8.26 -15.00
N GLN A 83 -0.60 -9.47 -14.84
CA GLN A 83 -1.42 -10.66 -14.69
C GLN A 83 -1.62 -10.99 -13.22
N GLY A 84 -2.86 -11.25 -12.83
CA GLY A 84 -3.16 -11.57 -11.45
C GLY A 84 -2.90 -10.39 -10.53
N GLY A 85 -2.70 -9.22 -11.13
CA GLY A 85 -2.45 -8.01 -10.36
C GLY A 85 -3.65 -7.61 -9.52
N ILE A 86 -4.17 -6.41 -9.77
CA ILE A 86 -5.33 -5.92 -9.04
C ILE A 86 -6.37 -5.31 -9.97
N THR A 87 -7.51 -4.91 -9.42
CA THR A 87 -8.58 -4.32 -10.22
C THR A 87 -8.51 -2.80 -10.23
N SER A 88 -9.43 -2.18 -10.98
CA SER A 88 -9.49 -0.72 -11.09
C SER A 88 -9.72 -0.08 -9.72
N ASP A 89 -10.73 -0.56 -9.00
CA ASP A 89 -11.04 -0.03 -7.68
C ASP A 89 -9.80 0.03 -6.81
N GLN A 90 -8.90 -0.92 -7.01
CA GLN A 90 -7.65 -0.97 -6.26
C GLN A 90 -6.72 0.16 -6.70
N ALA A 91 -6.64 0.38 -8.00
CA ALA A 91 -5.79 1.41 -8.57
C ALA A 91 -6.26 2.81 -8.17
N ALA A 92 -7.54 2.95 -7.88
CA ALA A 92 -8.11 4.25 -7.52
C ALA A 92 -7.58 4.75 -6.18
N VAL A 93 -7.46 3.85 -5.21
CA VAL A 93 -6.99 4.24 -3.88
C VAL A 93 -5.47 4.21 -3.78
N ILE A 94 -4.82 3.32 -4.54
CA ILE A 94 -3.37 3.22 -4.51
C ILE A 94 -2.72 4.35 -5.30
N SER A 95 -3.36 4.78 -6.38
CA SER A 95 -2.83 5.88 -7.20
C SER A 95 -2.73 7.16 -6.37
N LYS A 96 -3.39 7.16 -5.23
CA LYS A 96 -3.41 8.30 -4.33
C LYS A 96 -2.20 8.28 -3.38
N PHE A 97 -1.34 7.28 -3.57
CA PHE A 97 -0.15 7.09 -2.74
C PHE A 97 0.62 8.39 -2.43
N TRP A 98 0.47 9.44 -3.24
CA TRP A 98 1.19 10.69 -2.96
C TRP A 98 0.37 11.93 -3.24
N LYS A 99 -0.91 11.75 -3.55
CA LYS A 99 -1.77 12.89 -3.84
C LYS A 99 -1.99 13.72 -2.58
N SER A 100 -1.66 13.14 -1.43
CA SER A 100 -1.81 13.82 -0.15
C SER A 100 -0.57 14.65 0.17
N HIS A 101 0.52 14.36 -0.53
CA HIS A 101 1.78 15.08 -0.32
C HIS A 101 2.29 15.70 -1.61
N LYS A 102 1.40 15.82 -2.61
CA LYS A 102 1.76 16.40 -3.89
C LYS A 102 0.62 17.22 -4.46
N THR A 103 -0.12 17.89 -3.58
CA THR A 103 -1.24 18.72 -3.97
C THR A 103 -1.28 20.01 -3.15
N LYS A 104 -1.33 19.86 -1.84
CA LYS A 104 -1.35 21.01 -0.93
C LYS A 104 0.03 21.23 -0.32
N ILE A 105 1.05 20.71 -1.00
CA ILE A 105 2.43 20.83 -0.53
C ILE A 105 2.93 22.27 -0.66
N ARG A 106 3.12 22.73 -1.89
CA ARG A 106 3.60 24.07 -2.13
C ARG A 106 2.59 25.11 -1.64
N GLU A 107 1.35 24.66 -1.45
CA GLU A 107 0.27 25.53 -0.98
C GLU A 107 0.03 26.68 -1.95
N SER A 108 0.61 26.59 -3.14
CA SER A 108 0.45 27.63 -4.16
C SER A 108 0.88 28.99 -3.62
N MET A 1 -13.64 -13.66 -10.03
CA MET A 1 -12.78 -12.89 -10.95
C MET A 1 -12.45 -11.52 -10.36
N ALA A 2 -11.16 -11.31 -10.07
CA ALA A 2 -10.70 -10.04 -9.49
C ALA A 2 -11.42 -9.73 -8.18
N ALA A 3 -11.19 -8.52 -7.66
CA ALA A 3 -11.80 -8.09 -6.41
C ALA A 3 -11.33 -8.94 -5.23
N GLY A 4 -10.63 -8.30 -4.30
CA GLY A 4 -10.12 -9.02 -3.14
C GLY A 4 -10.93 -8.74 -1.89
N GLU A 5 -10.59 -9.40 -0.79
CA GLU A 5 -11.29 -9.21 0.48
C GLU A 5 -10.31 -9.00 1.62
N LEU A 6 -10.22 -7.75 2.09
CA LEU A 6 -9.31 -7.41 3.18
C LEU A 6 -10.02 -6.54 4.22
N GLU A 7 -10.35 -5.31 3.82
CA GLU A 7 -11.02 -4.38 4.71
C GLU A 7 -11.93 -3.45 3.91
N GLY A 8 -11.76 -3.44 2.59
CA GLY A 8 -12.56 -2.59 1.74
C GLY A 8 -11.73 -1.91 0.67
N GLY A 9 -12.39 -1.10 -0.16
CA GLY A 9 -11.70 -0.40 -1.21
C GLY A 9 -11.04 0.88 -0.72
N LYS A 10 -11.51 1.38 0.42
CA LYS A 10 -10.97 2.61 1.00
C LYS A 10 -9.75 2.34 1.89
N PRO A 11 -9.84 1.38 2.85
CA PRO A 11 -8.73 1.08 3.75
C PRO A 11 -7.48 0.61 3.01
N LEU A 12 -7.66 0.09 1.80
CA LEU A 12 -6.52 -0.38 1.01
C LEU A 12 -5.55 0.76 0.72
N SER A 13 -6.03 1.99 0.87
CA SER A 13 -5.19 3.16 0.64
C SER A 13 -4.10 3.24 1.71
N GLY A 14 -4.40 2.70 2.88
CA GLY A 14 -3.45 2.70 3.98
C GLY A 14 -2.63 1.43 4.02
N LEU A 15 -2.59 0.71 2.90
CA LEU A 15 -1.82 -0.52 2.81
C LEU A 15 -0.34 -0.22 2.99
N LEU A 16 0.21 0.57 2.06
CA LEU A 16 1.62 0.93 2.11
C LEU A 16 1.95 1.60 3.44
N ASN A 17 0.91 2.11 4.10
CA ASN A 17 1.06 2.77 5.40
C ASN A 17 1.31 1.74 6.49
N ALA A 18 0.43 0.75 6.59
CA ALA A 18 0.56 -0.31 7.59
C ALA A 18 1.78 -1.17 7.31
N LEU A 19 1.99 -1.46 6.03
CA LEU A 19 3.12 -2.29 5.58
C LEU A 19 4.46 -1.72 6.06
N ALA A 20 4.43 -0.50 6.57
CA ALA A 20 5.65 0.14 7.06
C ALA A 20 6.23 -0.59 8.27
N GLN A 21 7.02 -1.63 7.99
CA GLN A 21 7.65 -2.41 9.05
C GLN A 21 9.00 -1.80 9.45
N ASP A 22 9.83 -1.52 8.45
CA ASP A 22 11.14 -0.94 8.68
C ASP A 22 11.36 0.28 7.79
N THR A 23 11.26 1.47 8.38
CA THR A 23 11.45 2.71 7.63
C THR A 23 12.86 2.84 7.09
N PHE A 24 13.85 2.68 7.97
CA PHE A 24 15.25 2.77 7.57
C PHE A 24 16.16 2.19 8.65
N HIS A 25 15.86 2.50 9.90
CA HIS A 25 16.65 2.01 11.03
C HIS A 25 15.77 1.24 12.01
N GLY A 26 14.47 1.21 11.74
CA GLY A 26 13.55 0.51 12.61
C GLY A 26 12.17 1.14 12.62
N TYR A 27 11.31 0.66 13.52
CA TYR A 27 9.95 1.19 13.62
C TYR A 27 9.79 2.02 14.89
N PRO A 28 9.13 3.20 14.79
CA PRO A 28 8.92 4.08 15.93
C PRO A 28 7.68 3.68 16.75
N GLY A 29 6.69 3.12 16.06
CA GLY A 29 5.47 2.69 16.73
C GLY A 29 4.56 1.87 15.83
N ILE A 30 5.17 1.11 14.93
CA ILE A 30 4.41 0.28 14.00
C ILE A 30 5.02 -1.13 13.91
N THR A 31 4.49 -2.03 14.74
CA THR A 31 4.96 -3.41 14.75
C THR A 31 4.34 -4.21 13.61
N GLU A 32 4.98 -5.31 13.26
CA GLU A 32 4.48 -6.17 12.18
C GLU A 32 3.07 -6.66 12.49
N GLU A 33 2.87 -7.16 13.71
CA GLU A 33 1.56 -7.65 14.13
C GLU A 33 0.56 -6.51 14.15
N LEU A 34 1.07 -5.28 14.12
CA LEU A 34 0.22 -4.10 14.13
C LEU A 34 -0.25 -3.74 12.72
N LEU A 35 0.65 -3.86 11.74
CA LEU A 35 0.34 -3.55 10.36
C LEU A 35 -0.99 -4.18 9.93
N ARG A 36 -1.30 -5.32 10.51
CA ARG A 36 -2.55 -6.02 10.21
C ARG A 36 -3.73 -5.36 10.90
N SER A 37 -3.69 -5.33 12.22
CA SER A 37 -4.77 -4.73 13.02
C SER A 37 -5.03 -3.28 12.61
N GLN A 38 -4.03 -2.66 11.97
CA GLN A 38 -4.15 -1.27 11.55
C GLN A 38 -5.31 -1.06 10.60
N LEU A 39 -5.44 -1.92 9.59
CA LEU A 39 -6.51 -1.78 8.62
C LEU A 39 -7.20 -3.12 8.32
N TYR A 40 -6.42 -4.17 8.10
CA TYR A 40 -6.97 -5.49 7.81
C TYR A 40 -6.75 -6.46 8.97
N PRO A 41 -7.63 -6.42 9.99
CA PRO A 41 -7.52 -7.29 11.16
C PRO A 41 -8.07 -8.70 10.90
N GLU A 42 -8.43 -8.99 9.65
CA GLU A 42 -8.96 -10.30 9.30
C GLU A 42 -7.89 -11.19 8.69
N VAL A 43 -6.99 -10.59 7.90
CA VAL A 43 -5.92 -11.34 7.26
C VAL A 43 -4.69 -11.42 8.19
N PRO A 44 -4.05 -12.59 8.30
CA PRO A 44 -2.86 -12.77 9.15
C PRO A 44 -1.81 -11.68 8.91
N PRO A 45 -1.00 -11.35 9.92
CA PRO A 45 0.05 -10.34 9.80
C PRO A 45 1.27 -10.84 9.05
N GLU A 46 1.33 -12.16 8.85
CA GLU A 46 2.47 -12.76 8.16
C GLU A 46 2.03 -13.47 6.87
N GLU A 47 0.87 -14.12 6.92
CA GLU A 47 0.36 -14.84 5.76
C GLU A 47 -0.24 -13.87 4.74
N PHE A 48 -0.04 -12.58 4.98
CA PHE A 48 -0.53 -11.55 4.08
C PHE A 48 0.37 -11.40 2.86
N ARG A 49 1.62 -11.82 3.01
CA ARG A 49 2.61 -11.74 1.92
C ARG A 49 2.06 -12.25 0.59
N PRO A 50 1.48 -13.47 0.55
CA PRO A 50 0.92 -14.02 -0.69
C PRO A 50 -0.03 -13.03 -1.34
N PHE A 51 -0.76 -12.30 -0.50
CA PHE A 51 -1.69 -11.29 -0.99
C PHE A 51 -0.90 -10.06 -1.43
N LEU A 52 0.24 -9.84 -0.78
CA LEU A 52 1.09 -8.71 -1.11
C LEU A 52 1.79 -8.93 -2.45
N ALA A 53 1.77 -10.17 -2.94
CA ALA A 53 2.39 -10.47 -4.22
C ALA A 53 1.90 -9.50 -5.29
N LYS A 54 0.77 -8.86 -5.01
CA LYS A 54 0.19 -7.89 -5.92
C LYS A 54 0.12 -6.51 -5.25
N MET A 55 0.37 -6.49 -3.94
CA MET A 55 0.33 -5.26 -3.16
C MET A 55 1.66 -4.98 -2.44
N ARG A 56 2.74 -5.58 -2.93
CA ARG A 56 4.05 -5.39 -2.32
C ARG A 56 4.96 -4.54 -3.21
N GLY A 57 4.68 -4.57 -4.51
CA GLY A 57 5.47 -3.80 -5.44
C GLY A 57 5.41 -2.32 -5.15
N ILE A 58 4.56 -1.95 -4.19
CA ILE A 58 4.39 -0.56 -3.80
C ILE A 58 5.12 -0.27 -2.48
N LEU A 59 5.17 -1.28 -1.61
CA LEU A 59 5.82 -1.14 -0.31
C LEU A 59 7.33 -1.02 -0.45
N LYS A 60 7.97 -2.04 -1.02
CA LYS A 60 9.42 -2.04 -1.20
C LYS A 60 9.86 -0.83 -2.04
N SER A 61 8.92 -0.24 -2.74
CA SER A 61 9.19 0.92 -3.59
C SER A 61 9.33 2.19 -2.75
N ILE A 62 8.26 2.56 -2.07
CA ILE A 62 8.24 3.76 -1.24
C ILE A 62 9.17 3.63 -0.04
N ALA A 63 9.41 2.40 0.41
CA ALA A 63 10.26 2.15 1.57
C ALA A 63 11.75 2.12 1.22
N SER A 64 12.13 1.22 0.31
CA SER A 64 13.53 1.07 -0.07
C SER A 64 13.99 2.13 -1.08
N ALA A 65 13.06 2.68 -1.85
CA ALA A 65 13.41 3.67 -2.87
C ALA A 65 12.94 5.07 -2.48
N ASP A 66 11.76 5.17 -1.89
CA ASP A 66 11.21 6.46 -1.49
C ASP A 66 11.15 7.41 -2.68
N MET A 67 10.11 7.28 -3.50
CA MET A 67 9.96 8.13 -4.69
C MET A 67 9.14 9.38 -4.37
N ASP A 68 9.02 10.25 -5.38
CA ASP A 68 8.26 11.49 -5.21
C ASP A 68 6.79 11.30 -5.55
N PHE A 69 6.45 11.41 -6.84
CA PHE A 69 5.07 11.24 -7.28
C PHE A 69 5.00 10.90 -8.76
N ASN A 70 5.87 11.55 -9.55
CA ASN A 70 5.90 11.33 -10.99
C ASN A 70 6.49 9.96 -11.31
N GLN A 71 7.07 9.32 -10.31
CA GLN A 71 7.67 8.00 -10.48
C GLN A 71 6.66 6.89 -10.24
N LEU A 72 5.96 6.97 -9.11
CA LEU A 72 4.96 5.96 -8.76
C LEU A 72 3.71 6.09 -9.64
N GLU A 73 3.43 7.32 -10.07
CA GLU A 73 2.27 7.59 -10.91
C GLU A 73 2.20 6.64 -12.11
N ALA A 74 3.35 6.41 -12.74
CA ALA A 74 3.43 5.53 -13.89
C ALA A 74 3.52 4.06 -13.48
N PHE A 75 3.89 3.83 -12.22
CA PHE A 75 4.04 2.48 -11.70
C PHE A 75 2.67 1.82 -11.46
N LEU A 76 1.75 2.58 -10.87
CA LEU A 76 0.42 2.05 -10.58
C LEU A 76 -0.27 1.60 -11.87
N THR A 77 -0.11 2.37 -12.94
CA THR A 77 -0.71 2.04 -14.21
C THR A 77 -0.27 0.66 -14.67
N ALA A 78 0.89 0.22 -14.18
CA ALA A 78 1.43 -1.08 -14.53
C ALA A 78 0.72 -2.18 -13.74
N GLN A 79 0.29 -1.83 -12.53
CA GLN A 79 -0.41 -2.78 -11.67
C GLN A 79 -1.80 -3.09 -12.22
N THR A 80 -2.27 -2.24 -13.12
CA THR A 80 -3.58 -2.42 -13.72
C THR A 80 -3.48 -3.00 -15.13
N LYS A 81 -2.25 -3.04 -15.65
CA LYS A 81 -2.01 -3.57 -16.98
C LYS A 81 -1.21 -4.87 -16.92
N LYS A 82 -0.93 -5.34 -15.71
CA LYS A 82 -0.18 -6.58 -15.53
C LYS A 82 -1.10 -7.79 -15.60
N GLN A 83 -0.60 -8.93 -15.15
CA GLN A 83 -1.38 -10.16 -15.15
C GLN A 83 -1.91 -10.47 -13.76
N GLY A 84 -3.23 -10.57 -13.65
CA GLY A 84 -3.84 -10.87 -12.36
C GLY A 84 -3.51 -9.82 -11.32
N GLY A 85 -3.17 -8.61 -11.77
CA GLY A 85 -2.83 -7.54 -10.87
C GLY A 85 -4.00 -7.11 -10.01
N ILE A 86 -4.28 -5.82 -10.00
CA ILE A 86 -5.37 -5.28 -9.21
C ILE A 86 -6.44 -4.65 -10.11
N THR A 87 -7.62 -4.41 -9.54
CA THR A 87 -8.72 -3.82 -10.30
C THR A 87 -8.69 -2.29 -10.21
N SER A 88 -9.57 -1.65 -10.96
CA SER A 88 -9.66 -0.19 -10.97
C SER A 88 -9.93 0.36 -9.57
N ASP A 89 -10.82 -0.29 -8.85
CA ASP A 89 -11.17 0.13 -7.50
C ASP A 89 -9.96 0.07 -6.58
N GLN A 90 -9.07 -0.89 -6.84
CA GLN A 90 -7.87 -1.05 -6.05
C GLN A 90 -6.75 -0.14 -6.54
N ALA A 91 -6.85 0.28 -7.80
CA ALA A 91 -5.84 1.14 -8.40
C ALA A 91 -6.08 2.61 -8.06
N ALA A 92 -7.34 2.98 -7.89
CA ALA A 92 -7.70 4.35 -7.58
C ALA A 92 -7.30 4.75 -6.16
N VAL A 93 -7.29 3.78 -5.26
CA VAL A 93 -6.93 4.05 -3.87
C VAL A 93 -5.41 3.99 -3.65
N ILE A 94 -4.74 3.07 -4.33
CA ILE A 94 -3.30 2.95 -4.19
C ILE A 94 -2.59 4.05 -4.97
N SER A 95 -3.23 4.53 -6.04
CA SER A 95 -2.65 5.60 -6.85
C SER A 95 -2.51 6.87 -6.02
N LYS A 96 -3.17 6.90 -4.87
CA LYS A 96 -3.13 8.04 -3.96
C LYS A 96 -1.87 8.02 -3.11
N PHE A 97 -1.02 7.01 -3.33
CA PHE A 97 0.21 6.85 -2.57
C PHE A 97 1.11 8.09 -2.55
N TRP A 98 0.77 9.13 -3.31
CA TRP A 98 1.59 10.36 -3.28
C TRP A 98 0.73 11.62 -3.22
N LYS A 99 -0.58 11.47 -3.09
CA LYS A 99 -1.48 12.62 -3.02
C LYS A 99 -2.10 12.75 -1.63
N SER A 100 -2.13 11.65 -0.89
CA SER A 100 -2.70 11.66 0.45
C SER A 100 -1.72 12.24 1.47
N HIS A 101 -0.45 12.30 1.07
CA HIS A 101 0.60 12.82 1.94
C HIS A 101 1.35 13.99 1.31
N LYS A 102 0.95 14.37 0.09
CA LYS A 102 1.60 15.48 -0.61
C LYS A 102 0.63 16.23 -1.50
N THR A 103 -0.15 17.12 -0.89
CA THR A 103 -1.13 17.93 -1.61
C THR A 103 -1.43 19.20 -0.81
N LYS A 104 -1.57 19.04 0.50
CA LYS A 104 -1.84 20.16 1.39
C LYS A 104 -1.44 19.79 2.81
N ILE A 105 -0.73 18.68 2.95
CA ILE A 105 -0.28 18.21 4.25
C ILE A 105 1.03 18.89 4.64
N ARG A 106 2.01 18.86 3.75
CA ARG A 106 3.30 19.48 4.01
C ARG A 106 3.25 20.98 3.71
N GLU A 107 2.90 21.31 2.46
CA GLU A 107 2.81 22.72 2.04
C GLU A 107 1.36 23.13 1.90
N SER A 108 1.15 24.42 1.62
CA SER A 108 -0.20 24.95 1.47
C SER A 108 -0.82 24.49 0.15
N MET A 1 -22.29 -5.82 0.10
CA MET A 1 -21.08 -6.69 0.10
C MET A 1 -20.37 -6.62 -1.25
N ALA A 2 -19.07 -6.38 -1.21
CA ALA A 2 -18.26 -6.30 -2.43
C ALA A 2 -17.29 -7.47 -2.54
N ALA A 3 -16.38 -7.57 -1.57
CA ALA A 3 -15.39 -8.63 -1.55
C ALA A 3 -14.55 -8.64 -2.81
N GLY A 4 -14.41 -7.46 -3.43
CA GLY A 4 -13.63 -7.36 -4.65
C GLY A 4 -12.18 -7.01 -4.38
N GLU A 5 -11.97 -6.00 -3.54
CA GLU A 5 -10.62 -5.55 -3.20
C GLU A 5 -10.02 -6.44 -2.11
N LEU A 6 -10.59 -6.34 -0.91
CA LEU A 6 -10.11 -7.14 0.22
C LEU A 6 -11.10 -7.09 1.37
N GLU A 7 -11.50 -5.88 1.76
CA GLU A 7 -12.46 -5.69 2.85
C GLU A 7 -12.93 -4.24 2.90
N GLY A 8 -12.41 -3.42 1.99
CA GLY A 8 -12.80 -2.01 1.95
C GLY A 8 -11.72 -1.13 1.36
N GLY A 9 -12.03 0.15 1.21
CA GLY A 9 -11.08 1.09 0.64
C GLY A 9 -10.12 1.63 1.69
N LYS A 10 -10.58 1.70 2.93
CA LYS A 10 -9.76 2.20 4.03
C LYS A 10 -8.44 1.43 4.15
N PRO A 11 -8.47 0.08 4.15
CA PRO A 11 -7.25 -0.72 4.27
C PRO A 11 -6.30 -0.55 3.09
N LEU A 12 -6.78 -0.91 1.89
CA LEU A 12 -5.96 -0.80 0.68
C LEU A 12 -5.31 0.57 0.55
N SER A 13 -5.96 1.59 1.09
CA SER A 13 -5.42 2.95 1.03
C SER A 13 -4.33 3.13 2.06
N GLY A 14 -4.54 2.57 3.25
CA GLY A 14 -3.55 2.66 4.31
C GLY A 14 -2.72 1.40 4.40
N LEU A 15 -2.71 0.63 3.31
CA LEU A 15 -1.96 -0.62 3.24
C LEU A 15 -0.46 -0.35 3.20
N LEU A 16 -0.03 0.44 2.22
CA LEU A 16 1.38 0.78 2.07
C LEU A 16 1.91 1.39 3.36
N ASN A 17 0.98 1.90 4.17
CA ASN A 17 1.32 2.52 5.44
C ASN A 17 1.66 1.45 6.49
N ALA A 18 0.76 0.49 6.64
CA ALA A 18 0.96 -0.59 7.60
C ALA A 18 2.23 -1.38 7.26
N LEU A 19 2.34 -1.77 6.01
CA LEU A 19 3.48 -2.55 5.51
C LEU A 19 4.82 -1.86 5.77
N ALA A 20 4.77 -0.60 6.20
CA ALA A 20 5.99 0.16 6.48
C ALA A 20 6.98 -0.63 7.34
N GLN A 21 6.58 -0.89 8.58
CA GLN A 21 7.42 -1.63 9.52
C GLN A 21 8.71 -0.88 9.87
N ASP A 22 8.88 0.29 9.24
CA ASP A 22 10.06 1.13 9.47
C ASP A 22 9.96 2.43 8.68
N THR A 23 9.28 3.41 9.27
CA THR A 23 9.11 4.71 8.63
C THR A 23 10.33 5.59 8.85
N PHE A 24 10.99 5.41 9.99
CA PHE A 24 12.17 6.19 10.35
C PHE A 24 11.84 7.68 10.44
N HIS A 25 11.81 8.35 9.29
CA HIS A 25 11.50 9.77 9.24
C HIS A 25 10.02 10.02 9.53
N GLY A 26 9.26 8.93 9.66
CA GLY A 26 7.83 9.05 9.92
C GLY A 26 7.51 8.99 11.39
N TYR A 27 6.41 8.31 11.73
CA TYR A 27 5.99 8.18 13.13
C TYR A 27 6.43 6.84 13.70
N PRO A 28 6.79 6.81 15.00
CA PRO A 28 7.24 5.59 15.68
C PRO A 28 6.07 4.76 16.19
N GLY A 29 6.25 3.44 16.24
CA GLY A 29 5.21 2.56 16.72
C GLY A 29 4.53 1.80 15.59
N ILE A 30 5.33 1.14 14.76
CA ILE A 30 4.81 0.38 13.64
C ILE A 30 5.27 -1.09 13.73
N THR A 31 4.84 -1.75 14.81
CA THR A 31 5.18 -3.15 15.03
C THR A 31 4.68 -4.02 13.88
N GLU A 32 5.34 -5.15 13.66
CA GLU A 32 4.96 -6.06 12.58
C GLU A 32 3.55 -6.62 12.79
N GLU A 33 3.29 -7.12 14.00
CA GLU A 33 1.98 -7.68 14.32
C GLU A 33 0.94 -6.59 14.44
N LEU A 34 1.41 -5.33 14.44
CA LEU A 34 0.53 -4.18 14.56
C LEU A 34 -0.05 -3.78 13.20
N LEU A 35 0.83 -3.54 12.25
CA LEU A 35 0.46 -3.11 10.91
C LEU A 35 -0.75 -3.87 10.38
N ARG A 36 -0.83 -5.16 10.67
CA ARG A 36 -1.95 -5.97 10.21
C ARG A 36 -3.23 -5.57 10.95
N SER A 37 -3.13 -5.50 12.27
CA SER A 37 -4.28 -5.15 13.11
C SER A 37 -4.64 -3.67 12.99
N GLN A 38 -3.72 -2.84 12.51
CA GLN A 38 -3.98 -1.41 12.39
C GLN A 38 -5.05 -1.11 11.34
N LEU A 39 -5.26 -2.03 10.41
CA LEU A 39 -6.25 -1.83 9.36
C LEU A 39 -7.00 -3.13 9.03
N TYR A 40 -6.24 -4.21 8.83
CA TYR A 40 -6.83 -5.50 8.49
C TYR A 40 -6.59 -6.53 9.58
N PRO A 41 -7.42 -6.53 10.64
CA PRO A 41 -7.27 -7.48 11.76
C PRO A 41 -7.59 -8.91 11.35
N GLU A 42 -8.37 -9.06 10.28
CA GLU A 42 -8.73 -10.38 9.79
C GLU A 42 -7.53 -11.09 9.17
N VAL A 43 -6.65 -10.31 8.56
CA VAL A 43 -5.45 -10.86 7.94
C VAL A 43 -4.31 -10.96 8.95
N PRO A 44 -3.67 -12.14 9.06
CA PRO A 44 -2.55 -12.34 9.97
C PRO A 44 -1.24 -11.86 9.34
N PRO A 45 -0.21 -11.58 10.16
CA PRO A 45 1.08 -11.11 9.65
C PRO A 45 1.88 -12.23 9.00
N GLU A 46 1.17 -13.21 8.44
CA GLU A 46 1.81 -14.35 7.77
C GLU A 46 1.05 -14.72 6.50
N GLU A 47 -0.27 -14.55 6.53
CA GLU A 47 -1.12 -14.86 5.37
C GLU A 47 -1.41 -13.61 4.54
N PHE A 48 -0.73 -12.52 4.87
CA PHE A 48 -0.92 -11.26 4.14
C PHE A 48 -0.14 -11.27 2.83
N ARG A 49 0.91 -12.09 2.78
CA ARG A 49 1.76 -12.19 1.61
C ARG A 49 0.99 -12.59 0.34
N PRO A 50 0.19 -13.68 0.38
CA PRO A 50 -0.57 -14.13 -0.79
C PRO A 50 -1.43 -13.03 -1.40
N PHE A 51 -1.97 -12.15 -0.56
CA PHE A 51 -2.80 -11.06 -1.05
C PHE A 51 -1.95 -9.83 -1.35
N LEU A 52 -0.75 -9.81 -0.77
CA LEU A 52 0.18 -8.71 -0.97
C LEU A 52 1.07 -8.95 -2.18
N ALA A 53 1.00 -10.16 -2.73
CA ALA A 53 1.81 -10.51 -3.90
C ALA A 53 1.62 -9.47 -5.00
N LYS A 54 0.42 -8.88 -5.03
CA LYS A 54 0.09 -7.86 -6.01
C LYS A 54 0.13 -6.48 -5.34
N MET A 55 0.27 -6.48 -4.02
CA MET A 55 0.31 -5.25 -3.24
C MET A 55 1.67 -5.07 -2.56
N ARG A 56 2.70 -5.69 -3.13
CA ARG A 56 4.05 -5.59 -2.58
C ARG A 56 4.90 -4.59 -3.37
N GLY A 57 4.71 -4.57 -4.68
CA GLY A 57 5.46 -3.67 -5.53
C GLY A 57 5.34 -2.22 -5.13
N ILE A 58 4.19 -1.87 -4.54
CA ILE A 58 3.94 -0.50 -4.10
C ILE A 58 4.68 -0.20 -2.80
N LEU A 59 4.68 -1.18 -1.90
CA LEU A 59 5.34 -1.02 -0.61
C LEU A 59 6.84 -0.81 -0.80
N LYS A 60 7.46 -1.66 -1.62
CA LYS A 60 8.89 -1.55 -1.88
C LYS A 60 9.20 -0.31 -2.70
N SER A 61 8.18 0.24 -3.34
CA SER A 61 8.34 1.45 -4.16
C SER A 61 8.36 2.70 -3.29
N ILE A 62 7.48 2.73 -2.30
CA ILE A 62 7.39 3.89 -1.41
C ILE A 62 8.41 3.83 -0.27
N ALA A 63 8.50 2.68 0.38
CA ALA A 63 9.43 2.50 1.50
C ALA A 63 10.84 2.13 1.06
N SER A 64 10.98 0.98 0.42
CA SER A 64 12.28 0.48 -0.02
C SER A 64 12.88 1.29 -1.16
N ALA A 65 12.08 2.10 -1.84
CA ALA A 65 12.59 2.91 -2.96
C ALA A 65 12.36 4.40 -2.75
N ASP A 66 11.21 4.75 -2.17
CA ASP A 66 10.88 6.16 -1.93
C ASP A 66 10.92 6.96 -3.23
N MET A 67 9.77 7.08 -3.88
CA MET A 67 9.67 7.82 -5.13
C MET A 67 8.87 9.12 -4.94
N ASP A 68 8.77 9.90 -6.00
CA ASP A 68 8.03 11.17 -5.95
C ASP A 68 6.58 10.97 -6.35
N PHE A 69 5.88 12.08 -6.56
CA PHE A 69 4.47 12.03 -6.95
C PHE A 69 4.32 11.78 -8.44
N ASN A 70 5.29 12.23 -9.22
CA ASN A 70 5.25 12.06 -10.68
C ASN A 70 5.95 10.77 -11.07
N GLN A 71 6.67 10.16 -10.12
CA GLN A 71 7.38 8.92 -10.38
C GLN A 71 6.50 7.71 -10.10
N LEU A 72 5.70 7.79 -9.03
CA LEU A 72 4.81 6.70 -8.67
C LEU A 72 3.68 6.56 -9.68
N GLU A 73 3.29 7.67 -10.29
CA GLU A 73 2.21 7.68 -11.27
C GLU A 73 2.49 6.71 -12.41
N ALA A 74 3.76 6.50 -12.71
CA ALA A 74 4.14 5.59 -13.79
C ALA A 74 4.17 4.14 -13.31
N PHE A 75 4.21 3.95 -11.98
CA PHE A 75 4.26 2.62 -11.40
C PHE A 75 2.86 2.03 -11.23
N LEU A 76 1.94 2.85 -10.75
CA LEU A 76 0.56 2.44 -10.53
C LEU A 76 -0.08 1.91 -11.82
N THR A 77 0.49 2.32 -12.95
CA THR A 77 -0.04 1.91 -14.25
C THR A 77 0.52 0.56 -14.67
N ALA A 78 1.69 0.23 -14.13
CA ALA A 78 2.35 -1.04 -14.44
C ALA A 78 1.76 -2.17 -13.63
N GLN A 79 1.23 -1.84 -12.46
CA GLN A 79 0.64 -2.84 -11.58
C GLN A 79 -0.81 -3.14 -11.98
N THR A 80 -1.24 -2.53 -13.07
CA THR A 80 -2.59 -2.73 -13.58
C THR A 80 -2.55 -3.29 -15.00
N LYS A 81 -1.34 -3.49 -15.51
CA LYS A 81 -1.15 -4.02 -16.85
C LYS A 81 -0.36 -5.33 -16.81
N LYS A 82 0.24 -5.61 -15.66
CA LYS A 82 1.02 -6.84 -15.48
C LYS A 82 0.13 -8.06 -15.63
N GLN A 83 0.73 -9.25 -15.47
CA GLN A 83 -0.02 -10.49 -15.58
C GLN A 83 -1.13 -10.51 -14.53
N GLY A 84 -2.32 -10.12 -14.95
CA GLY A 84 -3.44 -10.07 -14.03
C GLY A 84 -3.54 -8.71 -13.37
N GLY A 85 -2.62 -8.44 -12.44
CA GLY A 85 -2.60 -7.16 -11.76
C GLY A 85 -3.89 -6.87 -11.00
N ILE A 86 -3.86 -5.79 -10.23
CA ILE A 86 -5.02 -5.39 -9.46
C ILE A 86 -6.12 -4.83 -10.36
N THR A 87 -7.28 -4.56 -9.78
CA THR A 87 -8.41 -4.03 -10.52
C THR A 87 -8.37 -2.51 -10.58
N SER A 88 -9.29 -1.93 -11.35
CA SER A 88 -9.36 -0.48 -11.49
C SER A 88 -9.69 0.19 -10.16
N ASP A 89 -10.67 -0.37 -9.47
CA ASP A 89 -11.09 0.17 -8.17
C ASP A 89 -9.96 0.13 -7.16
N GLN A 90 -9.04 -0.82 -7.37
CA GLN A 90 -7.89 -0.97 -6.47
C GLN A 90 -6.79 0.02 -6.85
N ALA A 91 -6.70 0.34 -8.13
CA ALA A 91 -5.69 1.26 -8.63
C ALA A 91 -6.00 2.70 -8.20
N ALA A 92 -7.25 2.96 -7.84
CA ALA A 92 -7.67 4.29 -7.43
C ALA A 92 -7.17 4.66 -6.04
N VAL A 93 -7.41 3.79 -5.06
CA VAL A 93 -6.99 4.04 -3.70
C VAL A 93 -5.47 4.02 -3.55
N ILE A 94 -4.80 3.21 -4.36
CA ILE A 94 -3.34 3.10 -4.30
C ILE A 94 -2.66 4.25 -5.04
N SER A 95 -3.24 4.68 -6.16
CA SER A 95 -2.68 5.78 -6.94
C SER A 95 -2.56 7.05 -6.11
N LYS A 96 -3.27 7.07 -4.98
CA LYS A 96 -3.27 8.20 -4.08
C LYS A 96 -2.06 8.20 -3.15
N PHE A 97 -1.19 7.20 -3.34
CA PHE A 97 0.02 7.06 -2.50
C PHE A 97 0.89 8.32 -2.46
N TRP A 98 0.54 9.38 -3.20
CA TRP A 98 1.32 10.61 -3.16
C TRP A 98 0.46 11.86 -2.98
N LYS A 99 -0.85 11.74 -3.25
CA LYS A 99 -1.74 12.89 -3.11
C LYS A 99 -2.12 13.10 -1.64
N SER A 100 -1.73 12.16 -0.79
CA SER A 100 -2.03 12.25 0.63
C SER A 100 -0.97 13.05 1.38
N HIS A 101 0.18 13.24 0.74
CA HIS A 101 1.28 13.98 1.36
C HIS A 101 1.84 15.04 0.41
N LYS A 102 1.33 15.09 -0.82
CA LYS A 102 1.79 16.06 -1.79
C LYS A 102 0.62 16.70 -2.55
N THR A 103 0.26 17.90 -2.11
CA THR A 103 -0.84 18.65 -2.74
C THR A 103 -0.89 20.07 -2.19
N LYS A 104 -1.45 20.22 -1.00
CA LYS A 104 -1.54 21.52 -0.34
C LYS A 104 -1.06 21.39 1.10
N ILE A 105 -0.32 20.32 1.35
CA ILE A 105 0.22 20.03 2.67
C ILE A 105 1.01 21.21 3.21
N ARG A 106 2.17 21.48 2.60
CA ARG A 106 3.03 22.58 3.03
C ARG A 106 2.46 23.92 2.57
N GLU A 107 2.24 24.04 1.26
CA GLU A 107 1.70 25.27 0.69
C GLU A 107 0.28 25.06 0.18
N SER A 108 -0.69 25.67 0.85
CA SER A 108 -2.08 25.54 0.47
C SER A 108 -2.52 26.74 -0.38
N MET A 1 -12.18 -20.13 -7.46
CA MET A 1 -12.55 -19.15 -6.41
C MET A 1 -12.29 -17.72 -6.89
N ALA A 2 -13.06 -16.78 -6.36
CA ALA A 2 -12.93 -15.38 -6.72
C ALA A 2 -12.35 -14.56 -5.57
N ALA A 3 -11.29 -13.82 -5.84
CA ALA A 3 -10.64 -12.99 -4.83
C ALA A 3 -11.25 -11.59 -4.78
N GLY A 4 -11.07 -10.84 -5.86
CA GLY A 4 -11.61 -9.50 -5.92
C GLY A 4 -10.96 -8.57 -4.92
N GLU A 5 -11.78 -7.89 -4.11
CA GLU A 5 -11.27 -6.98 -3.10
C GLU A 5 -11.12 -7.67 -1.75
N LEU A 6 -10.11 -7.24 -0.99
CA LEU A 6 -9.84 -7.81 0.33
C LEU A 6 -11.06 -7.67 1.24
N GLU A 7 -11.36 -6.43 1.61
CA GLU A 7 -12.50 -6.15 2.49
C GLU A 7 -12.97 -4.71 2.34
N GLY A 8 -12.60 -4.09 1.23
CA GLY A 8 -12.99 -2.72 0.97
C GLY A 8 -11.83 -1.84 0.54
N GLY A 9 -12.11 -0.57 0.31
CA GLY A 9 -11.07 0.36 -0.10
C GLY A 9 -10.31 0.94 1.08
N LYS A 10 -10.94 0.89 2.26
CA LYS A 10 -10.32 1.41 3.48
C LYS A 10 -8.94 0.78 3.74
N PRO A 11 -8.81 -0.56 3.66
CA PRO A 11 -7.53 -1.23 3.90
C PRO A 11 -6.50 -0.87 2.84
N LEU A 12 -6.83 -1.17 1.58
CA LEU A 12 -5.93 -0.89 0.46
C LEU A 12 -5.46 0.57 0.50
N SER A 13 -6.29 1.44 1.05
CA SER A 13 -5.96 2.85 1.17
C SER A 13 -4.79 3.03 2.13
N GLY A 14 -4.84 2.33 3.24
CA GLY A 14 -3.77 2.41 4.23
C GLY A 14 -2.93 1.15 4.25
N LEU A 15 -2.90 0.44 3.12
CA LEU A 15 -2.11 -0.79 3.00
C LEU A 15 -0.63 -0.46 3.00
N LEU A 16 -0.19 0.25 1.95
CA LEU A 16 1.22 0.64 1.83
C LEU A 16 1.68 1.35 3.10
N ASN A 17 0.71 1.86 3.85
CA ASN A 17 0.98 2.57 5.08
C ASN A 17 1.20 1.60 6.25
N ALA A 18 0.24 0.71 6.46
CA ALA A 18 0.31 -0.26 7.54
C ALA A 18 1.53 -1.18 7.39
N LEU A 19 1.91 -1.45 6.15
CA LEU A 19 3.04 -2.34 5.86
C LEU A 19 4.36 -1.71 6.28
N ALA A 20 4.30 -0.56 6.93
CA ALA A 20 5.50 0.13 7.39
C ALA A 20 6.23 -0.66 8.47
N GLN A 21 7.14 -1.54 8.03
CA GLN A 21 7.92 -2.35 8.96
C GLN A 21 9.32 -1.79 9.12
N ASP A 22 9.80 -1.11 8.07
CA ASP A 22 11.12 -0.52 8.08
C ASP A 22 11.04 0.98 8.39
N THR A 23 11.04 1.31 9.69
CA THR A 23 10.94 2.70 10.12
C THR A 23 12.32 3.35 10.19
N PHE A 24 13.36 2.52 10.12
CA PHE A 24 14.74 3.02 10.18
C PHE A 24 14.99 4.03 9.07
N HIS A 25 14.22 3.93 7.99
CA HIS A 25 14.37 4.85 6.87
C HIS A 25 13.02 5.45 6.49
N GLY A 26 12.02 5.22 7.34
CA GLY A 26 10.69 5.75 7.07
C GLY A 26 10.09 6.43 8.28
N TYR A 27 8.76 6.48 8.35
CA TYR A 27 8.05 7.10 9.45
C TYR A 27 7.91 6.13 10.63
N PRO A 28 8.54 6.45 11.79
CA PRO A 28 8.47 5.59 12.98
C PRO A 28 7.11 5.66 13.66
N GLY A 29 6.77 4.60 14.40
CA GLY A 29 5.50 4.57 15.11
C GLY A 29 4.56 3.52 14.55
N ILE A 30 5.07 2.31 14.35
CA ILE A 30 4.27 1.21 13.81
C ILE A 30 4.99 -0.12 13.98
N THR A 31 4.30 -1.09 14.59
CA THR A 31 4.87 -2.41 14.82
C THR A 31 4.47 -3.38 13.70
N GLU A 32 5.27 -4.43 13.52
CA GLU A 32 4.99 -5.42 12.50
C GLU A 32 3.66 -6.11 12.74
N GLU A 33 3.44 -6.55 13.98
CA GLU A 33 2.19 -7.21 14.33
C GLU A 33 1.02 -6.22 14.24
N LEU A 34 1.37 -4.94 14.18
CA LEU A 34 0.38 -3.88 14.08
C LEU A 34 -0.06 -3.66 12.64
N LEU A 35 0.85 -3.92 11.71
CA LEU A 35 0.58 -3.76 10.28
C LEU A 35 -0.79 -4.31 9.90
N ARG A 36 -1.18 -5.43 10.52
CA ARG A 36 -2.45 -6.06 10.25
C ARG A 36 -3.57 -5.39 11.06
N SER A 37 -3.40 -5.40 12.38
CA SER A 37 -4.37 -4.82 13.28
C SER A 37 -4.73 -3.38 12.92
N GLN A 38 -3.87 -2.73 12.14
CA GLN A 38 -4.09 -1.35 11.72
C GLN A 38 -5.38 -1.19 10.94
N LEU A 39 -5.50 -1.88 9.81
CA LEU A 39 -6.71 -1.79 8.98
C LEU A 39 -7.32 -3.15 8.69
N TYR A 40 -6.48 -4.15 8.41
CA TYR A 40 -6.96 -5.49 8.11
C TYR A 40 -6.71 -6.45 9.28
N PRO A 41 -7.69 -6.61 10.19
CA PRO A 41 -7.56 -7.49 11.35
C PRO A 41 -7.71 -8.97 10.97
N GLU A 42 -8.24 -9.22 9.78
CA GLU A 42 -8.44 -10.59 9.31
C GLU A 42 -7.14 -11.17 8.75
N VAL A 43 -6.48 -10.41 7.87
CA VAL A 43 -5.24 -10.85 7.27
C VAL A 43 -4.14 -10.96 8.32
N PRO A 44 -3.65 -12.19 8.61
CA PRO A 44 -2.58 -12.39 9.59
C PRO A 44 -1.34 -11.59 9.23
N PRO A 45 -0.48 -11.26 10.22
CA PRO A 45 0.73 -10.49 9.98
C PRO A 45 1.77 -11.28 9.18
N GLU A 46 1.35 -12.38 8.57
CA GLU A 46 2.24 -13.22 7.77
C GLU A 46 1.58 -13.63 6.47
N GLU A 47 0.29 -13.93 6.54
CA GLU A 47 -0.47 -14.36 5.35
C GLU A 47 -0.77 -13.18 4.43
N PHE A 48 -0.23 -12.01 4.78
CA PHE A 48 -0.43 -10.81 3.96
C PHE A 48 0.47 -10.83 2.74
N ARG A 49 1.57 -11.57 2.83
CA ARG A 49 2.54 -11.65 1.74
C ARG A 49 1.93 -12.18 0.44
N PRO A 50 1.22 -13.33 0.46
CA PRO A 50 0.62 -13.90 -0.75
C PRO A 50 -0.24 -12.91 -1.51
N PHE A 51 -0.97 -12.07 -0.79
CA PHE A 51 -1.83 -11.07 -1.41
C PHE A 51 -1.04 -9.79 -1.71
N LEU A 52 0.03 -9.60 -0.97
CA LEU A 52 0.89 -8.43 -1.14
C LEU A 52 1.88 -8.65 -2.27
N ALA A 53 2.02 -9.90 -2.72
CA ALA A 53 2.93 -10.22 -3.81
C ALA A 53 2.62 -9.35 -5.02
N LYS A 54 1.40 -8.80 -5.02
CA LYS A 54 0.93 -7.94 -6.08
C LYS A 54 0.75 -6.51 -5.56
N MET A 55 0.77 -6.39 -4.23
CA MET A 55 0.60 -5.10 -3.56
C MET A 55 1.84 -4.71 -2.76
N ARG A 56 2.98 -5.30 -3.10
CA ARG A 56 4.23 -4.98 -2.40
C ARG A 56 5.12 -4.09 -3.25
N GLY A 57 4.91 -4.12 -4.56
CA GLY A 57 5.70 -3.29 -5.45
C GLY A 57 5.60 -1.83 -5.10
N ILE A 58 4.62 -1.49 -4.26
CA ILE A 58 4.41 -0.12 -3.84
C ILE A 58 5.08 0.11 -2.49
N LEU A 59 4.99 -0.89 -1.61
CA LEU A 59 5.58 -0.80 -0.28
C LEU A 59 7.11 -0.81 -0.38
N LYS A 60 7.64 -1.87 -0.98
CA LYS A 60 9.09 -2.01 -1.13
C LYS A 60 9.68 -0.78 -1.83
N SER A 61 8.85 -0.11 -2.62
CA SER A 61 9.28 1.09 -3.34
C SER A 61 9.52 2.25 -2.38
N ILE A 62 8.45 2.67 -1.72
CA ILE A 62 8.51 3.77 -0.77
C ILE A 62 9.39 3.43 0.43
N ALA A 63 9.53 2.15 0.73
CA ALA A 63 10.32 1.70 1.86
C ALA A 63 11.82 1.92 1.66
N SER A 64 12.39 1.27 0.65
CA SER A 64 13.82 1.38 0.39
C SER A 64 14.17 2.59 -0.48
N ALA A 65 13.18 3.19 -1.12
CA ALA A 65 13.44 4.35 -1.97
C ALA A 65 12.66 5.58 -1.55
N ASP A 66 11.41 5.38 -1.11
CA ASP A 66 10.55 6.49 -0.69
C ASP A 66 10.11 7.35 -1.87
N MET A 67 10.86 7.26 -2.97
CA MET A 67 10.57 8.03 -4.18
C MET A 67 10.13 9.46 -3.86
N ASP A 68 9.43 10.08 -4.81
CA ASP A 68 8.95 11.45 -4.63
C ASP A 68 7.61 11.64 -5.33
N PHE A 69 7.64 11.61 -6.65
CA PHE A 69 6.43 11.78 -7.46
C PHE A 69 6.72 11.51 -8.94
N ASN A 70 5.67 11.22 -9.69
CA ASN A 70 5.80 10.94 -11.13
C ASN A 70 6.52 9.61 -11.36
N GLN A 71 7.08 9.04 -10.30
CA GLN A 71 7.79 7.78 -10.39
C GLN A 71 6.83 6.62 -10.14
N LEU A 72 6.12 6.68 -9.03
CA LEU A 72 5.16 5.64 -8.67
C LEU A 72 3.95 5.70 -9.60
N GLU A 73 3.65 6.88 -10.10
CA GLU A 73 2.52 7.10 -10.99
C GLU A 73 2.48 6.04 -12.10
N ALA A 74 3.53 5.99 -12.89
CA ALA A 74 3.61 5.03 -14.00
C ALA A 74 3.73 3.60 -13.49
N PHE A 75 4.09 3.44 -12.22
CA PHE A 75 4.24 2.12 -11.63
C PHE A 75 2.90 1.52 -11.27
N LEU A 76 1.96 2.35 -10.85
CA LEU A 76 0.63 1.89 -10.47
C LEU A 76 -0.14 1.40 -11.68
N THR A 77 0.03 2.08 -12.81
CA THR A 77 -0.65 1.70 -14.04
C THR A 77 -0.21 0.31 -14.49
N ALA A 78 1.04 -0.03 -14.17
CA ALA A 78 1.60 -1.32 -14.54
C ALA A 78 0.93 -2.45 -13.77
N GLN A 79 0.15 -2.10 -12.76
CA GLN A 79 -0.55 -3.09 -11.95
C GLN A 79 -1.95 -3.31 -12.49
N THR A 80 -2.35 -2.47 -13.44
CA THR A 80 -3.68 -2.57 -14.04
C THR A 80 -3.57 -3.06 -15.49
N LYS A 81 -2.36 -3.05 -16.02
CA LYS A 81 -2.10 -3.50 -17.38
C LYS A 81 -1.59 -4.93 -17.38
N LYS A 82 -1.37 -5.48 -16.19
CA LYS A 82 -0.89 -6.85 -16.04
C LYS A 82 -2.05 -7.83 -16.04
N GLN A 83 -1.74 -9.10 -15.85
CA GLN A 83 -2.74 -10.15 -15.81
C GLN A 83 -3.06 -10.53 -14.37
N GLY A 84 -4.34 -10.67 -14.06
CA GLY A 84 -4.73 -11.02 -12.71
C GLY A 84 -4.32 -9.96 -11.70
N GLY A 85 -4.00 -8.77 -12.20
CA GLY A 85 -3.59 -7.68 -11.34
C GLY A 85 -4.71 -7.20 -10.45
N ILE A 86 -4.87 -5.88 -10.35
CA ILE A 86 -5.91 -5.30 -9.51
C ILE A 86 -6.96 -4.60 -10.35
N THR A 87 -8.11 -4.33 -9.73
CA THR A 87 -9.21 -3.67 -10.41
C THR A 87 -9.06 -2.15 -10.37
N SER A 88 -9.97 -1.45 -11.05
CA SER A 88 -9.95 0.00 -11.08
C SER A 88 -10.22 0.58 -9.69
N ASP A 89 -11.14 -0.04 -8.97
CA ASP A 89 -11.49 0.39 -7.63
C ASP A 89 -10.29 0.26 -6.69
N GLN A 90 -9.38 -0.63 -7.05
CA GLN A 90 -8.17 -0.86 -6.26
C GLN A 90 -7.11 0.18 -6.59
N ALA A 91 -6.79 0.28 -7.87
CA ALA A 91 -5.79 1.22 -8.34
C ALA A 91 -6.18 2.66 -8.02
N ALA A 92 -7.46 2.87 -7.75
CA ALA A 92 -7.97 4.19 -7.43
C ALA A 92 -7.48 4.69 -6.09
N VAL A 93 -7.37 3.78 -5.11
CA VAL A 93 -6.91 4.15 -3.78
C VAL A 93 -5.39 4.10 -3.65
N ILE A 94 -4.74 3.23 -4.43
CA ILE A 94 -3.29 3.09 -4.38
C ILE A 94 -2.58 4.17 -5.19
N SER A 95 -3.13 4.52 -6.35
CA SER A 95 -2.55 5.55 -7.20
C SER A 95 -2.41 6.88 -6.46
N LYS A 96 -3.10 6.98 -5.33
CA LYS A 96 -3.06 8.18 -4.51
C LYS A 96 -1.88 8.16 -3.54
N PHE A 97 -1.09 7.10 -3.64
CA PHE A 97 0.08 6.89 -2.78
C PHE A 97 0.88 8.17 -2.51
N TRP A 98 0.77 9.19 -3.35
CA TRP A 98 1.51 10.44 -3.11
C TRP A 98 0.69 11.69 -3.47
N LYS A 99 -0.36 11.53 -4.27
CA LYS A 99 -1.18 12.68 -4.66
C LYS A 99 -2.12 13.08 -3.53
N SER A 100 -2.30 12.19 -2.56
CA SER A 100 -3.18 12.46 -1.43
C SER A 100 -2.48 13.35 -0.41
N HIS A 101 -1.16 13.46 -0.53
CA HIS A 101 -0.37 14.27 0.38
C HIS A 101 0.56 15.22 -0.38
N LYS A 102 0.35 15.32 -1.69
CA LYS A 102 1.18 16.20 -2.53
C LYS A 102 0.36 16.83 -3.64
N THR A 103 -0.59 17.69 -3.25
CA THR A 103 -1.45 18.38 -4.21
C THR A 103 -1.87 19.74 -3.67
N LYS A 104 -2.53 19.74 -2.52
CA LYS A 104 -2.98 20.97 -1.89
C LYS A 104 -2.73 20.92 -0.38
N ILE A 105 -1.98 19.92 0.05
CA ILE A 105 -1.66 19.76 1.47
C ILE A 105 -0.32 20.41 1.81
N ARG A 106 0.68 20.15 0.97
CA ARG A 106 2.02 20.70 1.18
C ARG A 106 2.29 21.87 0.22
N GLU A 107 1.76 21.75 -0.99
CA GLU A 107 1.93 22.80 -2.00
C GLU A 107 3.40 23.00 -2.33
N SER A 108 3.82 22.51 -3.49
CA SER A 108 5.20 22.64 -3.93
C SER A 108 5.33 22.38 -5.43
N MET A 1 -13.12 -14.72 -6.36
CA MET A 1 -14.02 -15.72 -5.74
C MET A 1 -13.54 -16.09 -4.34
N ALA A 2 -12.25 -16.45 -4.24
CA ALA A 2 -11.67 -16.83 -2.96
C ALA A 2 -11.10 -15.61 -2.25
N ALA A 3 -10.65 -14.63 -3.03
CA ALA A 3 -10.08 -13.41 -2.47
C ALA A 3 -10.35 -12.22 -3.40
N GLY A 4 -10.00 -11.02 -2.92
CA GLY A 4 -10.21 -9.83 -3.72
C GLY A 4 -10.19 -8.57 -2.88
N GLU A 5 -11.25 -8.37 -2.10
CA GLU A 5 -11.36 -7.19 -1.25
C GLU A 5 -10.91 -7.51 0.18
N LEU A 6 -10.04 -6.66 0.73
CA LEU A 6 -9.53 -6.85 2.08
C LEU A 6 -10.55 -6.32 3.10
N GLU A 7 -10.57 -5.01 3.27
CA GLU A 7 -11.50 -4.37 4.20
C GLU A 7 -12.12 -3.12 3.56
N GLY A 8 -11.95 -3.01 2.25
CA GLY A 8 -12.49 -1.87 1.53
C GLY A 8 -11.41 -1.02 0.90
N GLY A 9 -11.70 0.26 0.71
CA GLY A 9 -10.72 1.16 0.13
C GLY A 9 -9.74 1.71 1.15
N LYS A 10 -10.22 1.86 2.39
CA LYS A 10 -9.42 2.38 3.48
C LYS A 10 -8.11 1.58 3.68
N PRO A 11 -8.19 0.23 3.75
CA PRO A 11 -7.00 -0.61 3.96
C PRO A 11 -6.00 -0.52 2.83
N LEU A 12 -6.43 -0.91 1.62
CA LEU A 12 -5.57 -0.88 0.45
C LEU A 12 -4.96 0.49 0.23
N SER A 13 -5.65 1.53 0.69
CA SER A 13 -5.17 2.90 0.54
C SER A 13 -4.13 3.22 1.59
N GLY A 14 -4.31 2.66 2.78
CA GLY A 14 -3.37 2.90 3.86
C GLY A 14 -2.60 1.65 4.22
N LEU A 15 -2.38 0.79 3.23
CA LEU A 15 -1.65 -0.45 3.45
C LEU A 15 -0.15 -0.20 3.38
N LEU A 16 0.29 0.55 2.38
CA LEU A 16 1.70 0.87 2.24
C LEU A 16 2.22 1.45 3.55
N ASN A 17 1.27 1.93 4.35
CA ASN A 17 1.57 2.51 5.65
C ASN A 17 1.88 1.40 6.66
N ALA A 18 0.92 0.49 6.84
CA ALA A 18 1.08 -0.63 7.77
C ALA A 18 2.32 -1.45 7.41
N LEU A 19 2.57 -1.57 6.11
CA LEU A 19 3.72 -2.33 5.61
C LEU A 19 5.05 -1.69 5.98
N ALA A 20 5.02 -0.69 6.86
CA ALA A 20 6.24 0.00 7.28
C ALA A 20 7.14 -0.91 8.12
N GLN A 21 6.76 -2.19 8.21
CA GLN A 21 7.53 -3.17 8.97
C GLN A 21 9.02 -3.06 8.69
N ASP A 22 9.36 -2.75 7.44
CA ASP A 22 10.75 -2.61 7.03
C ASP A 22 10.96 -1.31 6.27
N THR A 23 10.40 -0.22 6.79
CA THR A 23 10.51 1.09 6.15
C THR A 23 11.85 1.75 6.49
N PHE A 24 12.52 1.20 7.49
CA PHE A 24 13.82 1.74 7.92
C PHE A 24 13.67 3.16 8.45
N HIS A 25 13.63 4.13 7.54
CA HIS A 25 13.48 5.52 7.92
C HIS A 25 12.05 6.00 7.67
N GLY A 26 11.24 5.95 8.73
CA GLY A 26 9.84 6.37 8.61
C GLY A 26 9.14 6.43 9.96
N TYR A 27 8.28 5.46 10.21
CA TYR A 27 7.53 5.40 11.46
C TYR A 27 8.09 4.30 12.38
N PRO A 28 8.81 4.68 13.44
CA PRO A 28 9.39 3.70 14.38
C PRO A 28 8.33 3.11 15.32
N GLY A 29 8.10 1.80 15.18
CA GLY A 29 7.12 1.14 16.02
C GLY A 29 6.02 0.49 15.21
N ILE A 30 6.40 -0.35 14.27
CA ILE A 30 5.44 -1.04 13.42
C ILE A 30 5.67 -2.55 13.44
N THR A 31 5.17 -3.21 14.48
CA THR A 31 5.31 -4.65 14.63
C THR A 31 4.55 -5.40 13.55
N GLU A 32 4.93 -6.65 13.30
CA GLU A 32 4.26 -7.46 12.29
C GLU A 32 2.78 -7.66 12.62
N GLU A 33 2.51 -8.04 13.87
CA GLU A 33 1.14 -8.24 14.32
C GLU A 33 0.42 -6.90 14.45
N LEU A 34 1.19 -5.83 14.30
CA LEU A 34 0.66 -4.48 14.41
C LEU A 34 0.06 -4.02 13.07
N LEU A 35 0.88 -4.07 12.02
CA LEU A 35 0.47 -3.66 10.69
C LEU A 35 -0.86 -4.29 10.31
N ARG A 36 -1.10 -5.50 10.78
CA ARG A 36 -2.35 -6.21 10.49
C ARG A 36 -3.54 -5.50 11.13
N SER A 37 -3.50 -5.42 12.47
CA SER A 37 -4.57 -4.79 13.22
C SER A 37 -4.80 -3.34 12.80
N GLN A 38 -3.79 -2.74 12.15
CA GLN A 38 -3.89 -1.36 11.70
C GLN A 38 -5.12 -1.12 10.82
N LEU A 39 -5.27 -1.91 9.77
CA LEU A 39 -6.39 -1.74 8.85
C LEU A 39 -7.10 -3.06 8.54
N TYR A 40 -6.38 -4.16 8.62
CA TYR A 40 -6.97 -5.48 8.32
C TYR A 40 -6.84 -6.43 9.50
N PRO A 41 -7.79 -6.39 10.44
CA PRO A 41 -7.79 -7.27 11.61
C PRO A 41 -8.40 -8.63 11.31
N GLU A 42 -8.56 -8.94 10.02
CA GLU A 42 -9.13 -10.22 9.61
C GLU A 42 -8.05 -11.18 9.11
N VAL A 43 -7.11 -10.65 8.31
CA VAL A 43 -6.04 -11.48 7.78
C VAL A 43 -4.86 -11.54 8.74
N PRO A 44 -4.43 -12.74 9.13
CA PRO A 44 -3.30 -12.93 10.06
C PRO A 44 -2.05 -12.18 9.62
N PRO A 45 -1.12 -11.90 10.55
CA PRO A 45 0.13 -11.19 10.24
C PRO A 45 1.12 -12.08 9.48
N GLU A 46 0.61 -13.03 8.72
CA GLU A 46 1.44 -13.93 7.94
C GLU A 46 0.89 -14.11 6.53
N GLU A 47 -0.41 -14.37 6.44
CA GLU A 47 -1.08 -14.56 5.15
C GLU A 47 -1.23 -13.24 4.39
N PHE A 48 -0.63 -12.17 4.92
CA PHE A 48 -0.71 -10.87 4.28
C PHE A 48 0.27 -10.78 3.12
N ARG A 49 1.39 -11.49 3.23
CA ARG A 49 2.43 -11.49 2.20
C ARG A 49 1.90 -12.02 0.85
N PRO A 50 1.24 -13.20 0.83
CA PRO A 50 0.71 -13.76 -0.42
C PRO A 50 -0.23 -12.78 -1.10
N PHE A 51 -0.92 -11.98 -0.30
CA PHE A 51 -1.82 -10.98 -0.82
C PHE A 51 -1.02 -9.79 -1.34
N LEU A 52 0.18 -9.63 -0.79
CA LEU A 52 1.06 -8.54 -1.20
C LEU A 52 1.74 -8.86 -2.52
N ALA A 53 1.65 -10.12 -2.95
CA ALA A 53 2.27 -10.53 -4.21
C ALA A 53 1.91 -9.56 -5.34
N LYS A 54 0.78 -8.88 -5.17
CA LYS A 54 0.32 -7.90 -6.14
C LYS A 54 0.21 -6.52 -5.51
N MET A 55 0.45 -6.46 -4.20
CA MET A 55 0.37 -5.20 -3.46
C MET A 55 1.69 -4.89 -2.76
N ARG A 56 2.77 -5.57 -3.16
CA ARG A 56 4.08 -5.35 -2.56
C ARG A 56 4.93 -4.41 -3.41
N GLY A 57 4.72 -4.45 -4.72
CA GLY A 57 5.47 -3.59 -5.63
C GLY A 57 5.41 -2.13 -5.21
N ILE A 58 4.44 -1.80 -4.37
CA ILE A 58 4.27 -0.44 -3.89
C ILE A 58 5.05 -0.22 -2.60
N LEU A 59 5.04 -1.22 -1.73
CA LEU A 59 5.74 -1.12 -0.44
C LEU A 59 7.23 -0.83 -0.64
N LYS A 60 7.93 -1.73 -1.33
CA LYS A 60 9.35 -1.55 -1.57
C LYS A 60 9.62 -0.30 -2.41
N SER A 61 8.59 0.21 -3.05
CA SER A 61 8.70 1.39 -3.90
C SER A 61 8.75 2.67 -3.06
N ILE A 62 7.82 2.80 -2.12
CA ILE A 62 7.74 3.98 -1.27
C ILE A 62 8.68 3.88 -0.07
N ALA A 63 8.72 2.73 0.57
CA ALA A 63 9.56 2.53 1.74
C ALA A 63 11.01 2.16 1.39
N SER A 64 11.18 1.02 0.72
CA SER A 64 12.51 0.53 0.37
C SER A 64 13.19 1.36 -0.72
N ALA A 65 12.43 2.16 -1.46
CA ALA A 65 13.00 2.97 -2.52
C ALA A 65 12.73 4.46 -2.33
N ASP A 66 11.53 4.80 -1.86
CA ASP A 66 11.13 6.19 -1.64
C ASP A 66 11.20 6.98 -2.94
N MET A 67 10.06 7.11 -3.59
CA MET A 67 9.98 7.85 -4.85
C MET A 67 9.28 9.20 -4.66
N ASP A 68 8.95 9.84 -5.78
CA ASP A 68 8.28 11.13 -5.75
C ASP A 68 6.80 10.99 -6.13
N PHE A 69 6.17 12.11 -6.48
CA PHE A 69 4.76 12.11 -6.86
C PHE A 69 4.59 11.77 -8.34
N ASN A 70 5.46 12.33 -9.18
CA ASN A 70 5.39 12.10 -10.62
C ASN A 70 6.21 10.86 -11.00
N GLN A 71 6.49 10.01 -10.01
CA GLN A 71 7.28 8.80 -10.25
C GLN A 71 6.41 7.55 -10.09
N LEU A 72 5.63 7.51 -9.02
CA LEU A 72 4.76 6.37 -8.74
C LEU A 72 3.53 6.39 -9.64
N GLU A 73 3.14 7.58 -10.08
CA GLU A 73 1.97 7.75 -10.94
C GLU A 73 2.01 6.78 -12.13
N ALA A 74 3.19 6.61 -12.70
CA ALA A 74 3.37 5.71 -13.84
C ALA A 74 3.54 4.26 -13.41
N PHE A 75 3.88 4.07 -12.14
CA PHE A 75 4.09 2.73 -11.60
C PHE A 75 2.77 2.00 -11.36
N LEU A 76 1.79 2.70 -10.81
CA LEU A 76 0.49 2.11 -10.52
C LEU A 76 -0.18 1.60 -11.79
N THR A 77 0.04 2.31 -12.90
CA THR A 77 -0.54 1.92 -14.17
C THR A 77 0.01 0.56 -14.61
N ALA A 78 1.18 0.21 -14.09
CA ALA A 78 1.83 -1.05 -14.43
C ALA A 78 1.15 -2.21 -13.72
N GLN A 79 0.50 -1.93 -12.60
CA GLN A 79 -0.18 -2.95 -11.83
C GLN A 79 -1.55 -3.26 -12.44
N THR A 80 -1.98 -2.42 -13.38
CA THR A 80 -3.27 -2.59 -14.03
C THR A 80 -3.09 -3.10 -15.46
N LYS A 81 -1.84 -3.33 -15.84
CA LYS A 81 -1.53 -3.82 -17.18
C LYS A 81 -0.73 -5.12 -17.10
N LYS A 82 -0.38 -5.53 -15.88
CA LYS A 82 0.38 -6.75 -15.67
C LYS A 82 -0.52 -7.97 -15.73
N GLN A 83 0.06 -9.14 -15.47
CA GLN A 83 -0.69 -10.38 -15.48
C GLN A 83 -1.67 -10.40 -14.32
N GLY A 84 -2.90 -9.98 -14.57
CA GLY A 84 -3.90 -9.94 -13.53
C GLY A 84 -3.84 -8.64 -12.73
N GLY A 85 -2.76 -8.48 -11.98
CA GLY A 85 -2.58 -7.27 -11.20
C GLY A 85 -3.79 -6.93 -10.34
N ILE A 86 -4.05 -5.65 -10.17
CA ILE A 86 -5.17 -5.19 -9.38
C ILE A 86 -6.30 -4.66 -10.26
N THR A 87 -7.47 -4.46 -9.67
CA THR A 87 -8.63 -3.96 -10.40
C THR A 87 -8.64 -2.44 -10.46
N SER A 88 -9.68 -1.88 -11.06
CA SER A 88 -9.82 -0.43 -11.19
C SER A 88 -9.95 0.23 -9.83
N ASP A 89 -10.92 -0.24 -9.05
CA ASP A 89 -11.16 0.32 -7.71
C ASP A 89 -9.90 0.22 -6.85
N GLN A 90 -9.11 -0.83 -7.07
CA GLN A 90 -7.88 -1.04 -6.32
C GLN A 90 -6.80 -0.08 -6.79
N ALA A 91 -6.86 0.30 -8.06
CA ALA A 91 -5.86 1.21 -8.62
C ALA A 91 -6.14 2.65 -8.25
N ALA A 92 -7.41 2.98 -8.04
CA ALA A 92 -7.81 4.34 -7.68
C ALA A 92 -7.46 4.66 -6.24
N VAL A 93 -7.36 3.63 -5.41
CA VAL A 93 -7.04 3.82 -4.00
C VAL A 93 -5.52 3.85 -3.77
N ILE A 94 -4.79 3.02 -4.51
CA ILE A 94 -3.35 2.94 -4.38
C ILE A 94 -2.64 4.06 -5.14
N SER A 95 -3.18 4.44 -6.30
CA SER A 95 -2.59 5.50 -7.12
C SER A 95 -2.49 6.82 -6.34
N LYS A 96 -3.21 6.90 -5.23
CA LYS A 96 -3.22 8.09 -4.39
C LYS A 96 -2.03 8.10 -3.44
N PHE A 97 -1.19 7.08 -3.54
CA PHE A 97 -0.01 6.94 -2.67
C PHE A 97 0.88 8.19 -2.63
N TRP A 98 0.60 9.21 -3.44
CA TRP A 98 1.41 10.42 -3.42
C TRP A 98 0.57 11.69 -3.36
N LYS A 99 -0.75 11.56 -3.47
CA LYS A 99 -1.63 12.72 -3.42
C LYS A 99 -2.37 12.79 -2.09
N SER A 100 -2.42 11.66 -1.38
CA SER A 100 -3.09 11.59 -0.10
C SER A 100 -2.26 12.27 0.99
N HIS A 101 -0.97 12.47 0.70
CA HIS A 101 -0.07 13.09 1.66
C HIS A 101 0.42 14.45 1.15
N LYS A 102 0.48 14.59 -0.17
CA LYS A 102 0.95 15.83 -0.77
C LYS A 102 -0.23 16.59 -1.41
N THR A 103 0.07 17.35 -2.46
CA THR A 103 -0.95 18.13 -3.16
C THR A 103 -1.71 19.02 -2.19
N LYS A 104 -1.17 20.22 -1.97
CA LYS A 104 -1.76 21.22 -1.07
C LYS A 104 -2.25 20.61 0.24
N ILE A 105 -1.45 19.71 0.81
CA ILE A 105 -1.80 19.07 2.09
C ILE A 105 -0.64 19.17 3.06
N ARG A 106 0.58 19.10 2.55
CA ARG A 106 1.78 19.17 3.38
C ARG A 106 1.84 20.51 4.11
N GLU A 107 1.47 21.58 3.42
CA GLU A 107 1.48 22.92 4.01
C GLU A 107 0.12 23.24 4.63
N SER A 108 0.10 24.23 5.53
CA SER A 108 -1.12 24.64 6.20
C SER A 108 -1.75 23.46 6.96
N MET A 1 -3.53 -19.63 3.02
CA MET A 1 -3.16 -18.78 1.85
C MET A 1 -4.40 -18.23 1.17
N ALA A 2 -5.56 -18.82 1.47
CA ALA A 2 -6.82 -18.39 0.88
C ALA A 2 -7.57 -17.45 1.82
N ALA A 3 -7.47 -16.15 1.53
CA ALA A 3 -8.15 -15.13 2.33
C ALA A 3 -9.37 -14.60 1.61
N GLY A 4 -9.14 -13.91 0.50
CA GLY A 4 -10.23 -13.36 -0.28
C GLY A 4 -10.91 -12.20 0.41
N GLU A 5 -11.13 -11.12 -0.34
CA GLU A 5 -11.78 -9.92 0.21
C GLU A 5 -11.00 -9.36 1.39
N LEU A 6 -10.21 -8.32 1.13
CA LEU A 6 -9.41 -7.70 2.18
C LEU A 6 -10.16 -6.52 2.79
N GLU A 7 -11.12 -6.81 3.66
CA GLU A 7 -11.91 -5.78 4.32
C GLU A 7 -12.68 -4.93 3.29
N GLY A 8 -11.99 -3.92 2.74
CA GLY A 8 -12.62 -3.06 1.76
C GLY A 8 -11.64 -2.08 1.14
N GLY A 9 -12.10 -0.84 0.93
CA GLY A 9 -11.25 0.18 0.34
C GLY A 9 -10.40 0.89 1.38
N LYS A 10 -10.84 0.83 2.63
CA LYS A 10 -10.12 1.48 3.74
C LYS A 10 -8.70 0.92 3.88
N PRO A 11 -8.53 -0.41 3.90
CA PRO A 11 -7.19 -1.03 4.05
C PRO A 11 -6.30 -0.78 2.85
N LEU A 12 -6.80 -1.13 1.66
CA LEU A 12 -6.04 -0.95 0.42
C LEU A 12 -5.48 0.45 0.31
N SER A 13 -6.21 1.43 0.86
CA SER A 13 -5.77 2.82 0.83
C SER A 13 -4.59 3.02 1.77
N GLY A 14 -4.78 2.70 3.04
CA GLY A 14 -3.73 2.84 4.02
C GLY A 14 -2.90 1.56 4.13
N LEU A 15 -2.85 0.83 3.02
CA LEU A 15 -2.12 -0.43 2.96
C LEU A 15 -0.63 -0.18 3.01
N LEU A 16 -0.12 0.58 2.04
CA LEU A 16 1.30 0.89 1.98
C LEU A 16 1.72 1.58 3.28
N ASN A 17 0.75 2.15 3.97
CA ASN A 17 0.99 2.83 5.24
C ASN A 17 1.33 1.81 6.31
N ALA A 18 0.56 0.73 6.35
CA ALA A 18 0.75 -0.35 7.31
C ALA A 18 1.98 -1.17 6.96
N LEU A 19 2.00 -1.71 5.74
CA LEU A 19 3.11 -2.54 5.27
C LEU A 19 4.45 -1.82 5.30
N ALA A 20 4.44 -0.54 5.72
CA ALA A 20 5.65 0.26 5.79
C ALA A 20 6.81 -0.53 6.42
N GLN A 21 6.70 -0.81 7.72
CA GLN A 21 7.73 -1.55 8.44
C GLN A 21 9.09 -0.87 8.29
N ASP A 22 9.79 -1.21 7.21
CA ASP A 22 11.10 -0.62 6.95
C ASP A 22 11.08 0.15 5.63
N THR A 23 10.82 1.44 5.71
CA THR A 23 10.76 2.29 4.52
C THR A 23 12.14 2.85 4.16
N PHE A 24 12.86 3.34 5.16
CA PHE A 24 14.19 3.90 4.94
C PHE A 24 15.28 2.95 5.42
N HIS A 25 15.03 2.30 6.56
CA HIS A 25 15.99 1.36 7.13
C HIS A 25 15.38 0.62 8.32
N GLY A 26 14.79 1.37 9.24
CA GLY A 26 14.18 0.77 10.41
C GLY A 26 12.73 1.18 10.59
N TYR A 27 12.12 0.74 11.68
CA TYR A 27 10.72 1.07 11.96
C TYR A 27 10.60 2.08 13.10
N PRO A 28 10.18 3.33 12.79
CA PRO A 28 10.02 4.37 13.80
C PRO A 28 8.95 4.03 14.82
N GLY A 29 7.75 3.77 14.34
CA GLY A 29 6.64 3.42 15.21
C GLY A 29 5.65 2.49 14.55
N ILE A 30 6.14 1.68 13.62
CA ILE A 30 5.30 0.74 12.90
C ILE A 30 5.71 -0.71 13.19
N THR A 31 4.81 -1.45 13.82
CA THR A 31 5.07 -2.84 14.16
C THR A 31 4.36 -3.78 13.20
N GLU A 32 4.88 -5.00 13.07
CA GLU A 32 4.28 -5.99 12.17
C GLU A 32 2.86 -6.35 12.59
N GLU A 33 2.68 -6.65 13.88
CA GLU A 33 1.36 -7.02 14.40
C GLU A 33 0.46 -5.79 14.48
N LEU A 34 1.08 -4.61 14.38
CA LEU A 34 0.35 -3.35 14.44
C LEU A 34 -0.26 -3.02 13.08
N LEU A 35 0.61 -2.88 12.09
CA LEU A 35 0.21 -2.55 10.75
C LEU A 35 -0.91 -3.46 10.25
N ARG A 36 -0.85 -4.73 10.62
CA ARG A 36 -1.87 -5.69 10.20
C ARG A 36 -3.22 -5.30 10.77
N SER A 37 -3.28 -5.16 12.08
CA SER A 37 -4.51 -4.80 12.76
C SER A 37 -4.89 -3.35 12.47
N GLN A 38 -3.90 -2.58 12.02
CA GLN A 38 -4.12 -1.16 11.72
C GLN A 38 -5.27 -0.96 10.73
N LEU A 39 -5.36 -1.84 9.74
CA LEU A 39 -6.43 -1.73 8.74
C LEU A 39 -7.06 -3.08 8.44
N TYR A 40 -6.24 -4.13 8.39
CA TYR A 40 -6.74 -5.48 8.10
C TYR A 40 -6.56 -6.41 9.29
N PRO A 41 -7.44 -6.34 10.29
CA PRO A 41 -7.37 -7.21 11.48
C PRO A 41 -7.78 -8.64 11.15
N GLU A 42 -8.31 -8.83 9.95
CA GLU A 42 -8.75 -10.15 9.51
C GLU A 42 -7.56 -10.97 9.03
N VAL A 43 -6.58 -10.30 8.43
CA VAL A 43 -5.39 -10.98 7.93
C VAL A 43 -4.35 -11.12 9.04
N PRO A 44 -3.64 -12.26 9.06
CA PRO A 44 -2.63 -12.50 10.06
C PRO A 44 -1.24 -12.06 9.62
N PRO A 45 -0.38 -11.64 10.58
CA PRO A 45 0.99 -11.20 10.29
C PRO A 45 1.89 -12.35 9.85
N GLU A 46 1.28 -13.39 9.30
CA GLU A 46 2.00 -14.56 8.83
C GLU A 46 1.54 -14.97 7.42
N GLU A 47 0.30 -14.64 7.09
CA GLU A 47 -0.25 -14.98 5.78
C GLU A 47 -0.64 -13.72 5.00
N PHE A 48 -0.04 -12.60 5.36
CA PHE A 48 -0.31 -11.34 4.68
C PHE A 48 0.42 -11.24 3.35
N ARG A 49 1.58 -11.88 3.27
CA ARG A 49 2.40 -11.85 2.06
C ARG A 49 1.65 -12.33 0.82
N PRO A 50 1.02 -13.52 0.86
CA PRO A 50 0.28 -14.06 -0.29
C PRO A 50 -0.66 -13.02 -0.90
N PHE A 51 -1.24 -12.19 -0.04
CA PHE A 51 -2.15 -11.15 -0.51
C PHE A 51 -1.35 -10.01 -1.12
N LEU A 52 -0.23 -9.67 -0.48
CA LEU A 52 0.63 -8.61 -0.97
C LEU A 52 1.24 -8.98 -2.31
N ALA A 53 1.10 -10.25 -2.69
CA ALA A 53 1.63 -10.70 -3.98
C ALA A 53 1.17 -9.78 -5.10
N LYS A 54 0.06 -9.09 -4.85
CA LYS A 54 -0.51 -8.15 -5.80
C LYS A 54 -0.44 -6.72 -5.24
N MET A 55 -0.10 -6.61 -3.96
CA MET A 55 0.01 -5.31 -3.30
C MET A 55 1.41 -5.09 -2.72
N ARG A 56 2.41 -5.78 -3.28
CA ARG A 56 3.78 -5.65 -2.81
C ARG A 56 4.61 -4.82 -3.78
N GLY A 57 4.22 -4.81 -5.05
CA GLY A 57 4.93 -4.04 -6.04
C GLY A 57 5.09 -2.60 -5.58
N ILE A 58 4.15 -2.17 -4.76
CA ILE A 58 4.16 -0.81 -4.22
C ILE A 58 5.07 -0.74 -2.99
N LEU A 59 5.14 -1.85 -2.26
CA LEU A 59 6.00 -1.92 -1.07
C LEU A 59 7.45 -1.70 -1.46
N LYS A 60 7.89 -2.39 -2.52
CA LYS A 60 9.24 -2.27 -3.02
C LYS A 60 9.45 -0.91 -3.70
N SER A 61 8.34 -0.27 -4.04
CA SER A 61 8.39 1.03 -4.70
C SER A 61 8.62 2.18 -3.70
N ILE A 62 7.84 2.16 -2.61
CA ILE A 62 7.94 3.20 -1.60
C ILE A 62 9.05 2.91 -0.58
N ALA A 63 9.17 1.66 -0.17
CA ALA A 63 10.19 1.27 0.82
C ALA A 63 11.56 1.01 0.21
N SER A 64 11.63 0.00 -0.67
CA SER A 64 12.90 -0.37 -1.29
C SER A 64 13.41 0.69 -2.26
N ALA A 65 12.52 1.22 -3.09
CA ALA A 65 12.91 2.23 -4.08
C ALA A 65 12.83 3.64 -3.51
N ASP A 66 11.79 3.89 -2.71
CA ASP A 66 11.60 5.21 -2.11
C ASP A 66 11.58 6.30 -3.18
N MET A 67 10.39 6.55 -3.73
CA MET A 67 10.23 7.55 -4.76
C MET A 67 9.70 8.86 -4.18
N ASP A 68 9.27 9.77 -5.05
CA ASP A 68 8.76 11.07 -4.62
C ASP A 68 7.23 11.11 -4.71
N PHE A 69 6.70 11.56 -5.84
CA PHE A 69 5.25 11.65 -6.02
C PHE A 69 4.86 11.26 -7.44
N ASN A 70 5.19 12.11 -8.40
CA ASN A 70 4.87 11.85 -9.81
C ASN A 70 5.52 10.56 -10.29
N GLN A 71 6.55 10.12 -9.56
CA GLN A 71 7.26 8.90 -9.91
C GLN A 71 6.37 7.67 -9.73
N LEU A 72 5.66 7.63 -8.59
CA LEU A 72 4.78 6.51 -8.29
C LEU A 72 3.53 6.57 -9.15
N GLU A 73 3.09 7.78 -9.49
CA GLU A 73 1.90 7.96 -10.31
C GLU A 73 1.96 7.11 -11.58
N ALA A 74 3.17 6.98 -12.13
CA ALA A 74 3.36 6.20 -13.34
C ALA A 74 3.48 4.71 -13.02
N PHE A 75 3.87 4.41 -11.79
CA PHE A 75 4.03 3.02 -11.36
C PHE A 75 2.67 2.35 -11.20
N LEU A 76 1.74 3.07 -10.59
CA LEU A 76 0.39 2.57 -10.36
C LEU A 76 -0.26 2.12 -11.68
N THR A 77 0.27 2.63 -12.79
CA THR A 77 -0.27 2.30 -14.10
C THR A 77 0.28 0.97 -14.59
N ALA A 78 1.50 0.64 -14.17
CA ALA A 78 2.14 -0.60 -14.58
C ALA A 78 1.58 -1.79 -13.81
N GLN A 79 1.15 -1.53 -12.59
CA GLN A 79 0.59 -2.58 -11.74
C GLN A 79 -0.85 -2.90 -12.14
N THR A 80 -1.39 -2.10 -13.05
CA THR A 80 -2.75 -2.30 -13.54
C THR A 80 -2.72 -2.86 -14.95
N LYS A 81 -1.53 -3.04 -15.48
CA LYS A 81 -1.34 -3.58 -16.82
C LYS A 81 -0.54 -4.88 -16.78
N LYS A 82 -0.05 -5.22 -15.59
CA LYS A 82 0.74 -6.44 -15.42
C LYS A 82 -0.14 -7.69 -15.49
N GLN A 83 0.39 -8.80 -15.00
CA GLN A 83 -0.34 -10.07 -14.99
C GLN A 83 -0.82 -10.41 -13.60
N GLY A 84 -2.12 -10.65 -13.47
CA GLY A 84 -2.69 -10.99 -12.16
C GLY A 84 -2.49 -9.87 -11.15
N GLY A 85 -2.25 -8.66 -11.64
CA GLY A 85 -2.06 -7.52 -10.76
C GLY A 85 -3.33 -7.11 -10.06
N ILE A 86 -3.61 -5.82 -10.09
CA ILE A 86 -4.80 -5.29 -9.45
C ILE A 86 -5.79 -4.75 -10.49
N THR A 87 -7.02 -4.46 -10.03
CA THR A 87 -8.05 -3.95 -10.92
C THR A 87 -8.09 -2.43 -10.90
N SER A 88 -9.02 -1.85 -11.68
CA SER A 88 -9.16 -0.41 -11.75
C SER A 88 -9.61 0.16 -10.41
N ASP A 89 -10.56 -0.51 -9.78
CA ASP A 89 -11.07 -0.08 -8.48
C ASP A 89 -9.95 -0.03 -7.45
N GLN A 90 -8.98 -0.92 -7.61
CA GLN A 90 -7.83 -0.98 -6.70
C GLN A 90 -6.80 0.08 -7.06
N ALA A 91 -6.88 0.59 -8.29
CA ALA A 91 -5.95 1.60 -8.75
C ALA A 91 -6.33 3.00 -8.27
N ALA A 92 -7.59 3.17 -7.87
CA ALA A 92 -8.07 4.47 -7.42
C ALA A 92 -7.63 4.77 -5.99
N VAL A 93 -7.60 3.76 -5.14
CA VAL A 93 -7.22 3.94 -3.75
C VAL A 93 -5.70 3.87 -3.54
N ILE A 94 -5.03 3.04 -4.32
CA ILE A 94 -3.58 2.89 -4.20
C ILE A 94 -2.83 4.02 -4.89
N SER A 95 -3.42 4.59 -5.93
CA SER A 95 -2.79 5.70 -6.66
C SER A 95 -2.66 6.93 -5.75
N LYS A 96 -3.39 6.90 -4.66
CA LYS A 96 -3.39 7.99 -3.69
C LYS A 96 -2.22 7.86 -2.70
N PHE A 97 -1.39 6.84 -2.90
CA PHE A 97 -0.24 6.59 -2.03
C PHE A 97 0.62 7.83 -1.76
N TRP A 98 0.41 8.93 -2.49
CA TRP A 98 1.20 10.14 -2.25
C TRP A 98 0.32 11.39 -2.14
N LYS A 99 -0.96 11.25 -2.42
CA LYS A 99 -1.88 12.39 -2.32
C LYS A 99 -2.66 12.35 -1.01
N SER A 100 -2.63 11.20 -0.35
CA SER A 100 -3.34 11.02 0.92
C SER A 100 -2.47 11.48 2.09
N HIS A 101 -1.17 11.60 1.85
CA HIS A 101 -0.24 12.01 2.89
C HIS A 101 0.54 13.26 2.49
N LYS A 102 -0.08 14.11 1.67
CA LYS A 102 0.58 15.33 1.22
C LYS A 102 -0.41 16.49 1.13
N THR A 103 -1.54 16.26 0.49
CA THR A 103 -2.57 17.28 0.33
C THR A 103 -2.96 17.93 1.65
N LYS A 104 -2.48 19.15 1.87
CA LYS A 104 -2.76 19.89 3.09
C LYS A 104 -2.28 19.15 4.33
N ILE A 105 -1.07 18.57 4.23
CA ILE A 105 -0.50 17.83 5.35
C ILE A 105 0.96 18.21 5.58
N ARG A 106 1.68 18.45 4.49
CA ARG A 106 3.09 18.81 4.56
C ARG A 106 3.28 20.08 5.39
N GLU A 107 2.73 21.19 4.91
CA GLU A 107 2.84 22.46 5.61
C GLU A 107 1.45 22.99 5.99
N SER A 108 1.18 23.04 7.28
CA SER A 108 -0.11 23.53 7.77
C SER A 108 -0.01 24.99 8.21
N MET A 1 -14.61 -11.49 -4.58
CA MET A 1 -14.44 -12.94 -4.87
C MET A 1 -12.97 -13.32 -4.94
N ALA A 2 -12.61 -14.44 -4.32
CA ALA A 2 -11.24 -14.92 -4.31
C ALA A 2 -10.31 -13.95 -3.59
N ALA A 3 -9.10 -14.40 -3.31
CA ALA A 3 -8.11 -13.57 -2.63
C ALA A 3 -7.66 -12.42 -3.51
N GLY A 4 -8.01 -11.19 -3.12
CA GLY A 4 -7.62 -10.03 -3.89
C GLY A 4 -8.14 -8.73 -3.28
N GLU A 5 -8.84 -8.84 -2.16
CA GLU A 5 -9.38 -7.67 -1.49
C GLU A 5 -9.65 -7.97 -0.01
N LEU A 6 -9.06 -7.16 0.87
CA LEU A 6 -9.23 -7.33 2.30
C LEU A 6 -10.61 -6.87 2.74
N GLU A 7 -10.82 -5.56 2.77
CA GLU A 7 -12.10 -4.98 3.16
C GLU A 7 -12.59 -4.00 2.11
N GLY A 8 -11.66 -3.49 1.31
CA GLY A 8 -12.01 -2.54 0.27
C GLY A 8 -10.96 -1.47 0.09
N GLY A 9 -11.39 -0.23 -0.05
CA GLY A 9 -10.47 0.88 -0.21
C GLY A 9 -9.94 1.41 1.11
N LYS A 10 -10.66 1.13 2.19
CA LYS A 10 -10.25 1.59 3.52
C LYS A 10 -8.91 0.99 3.95
N PRO A 11 -8.74 -0.34 3.88
CA PRO A 11 -7.49 -0.99 4.28
C PRO A 11 -6.38 -0.82 3.25
N LEU A 12 -6.75 -0.92 1.98
CA LEU A 12 -5.79 -0.80 0.89
C LEU A 12 -5.19 0.60 0.83
N SER A 13 -5.95 1.59 1.29
CA SER A 13 -5.49 2.98 1.28
C SER A 13 -4.35 3.17 2.28
N GLY A 14 -4.51 2.58 3.47
CA GLY A 14 -3.50 2.70 4.50
C GLY A 14 -2.73 1.41 4.70
N LEU A 15 -2.70 0.57 3.67
CA LEU A 15 -1.97 -0.70 3.74
C LEU A 15 -0.49 -0.46 3.60
N LEU A 16 -0.14 0.32 2.56
CA LEU A 16 1.25 0.66 2.29
C LEU A 16 1.86 1.30 3.53
N ASN A 17 0.97 1.79 4.39
CA ASN A 17 1.35 2.42 5.64
C ASN A 17 1.69 1.38 6.70
N ALA A 18 0.72 0.52 7.00
CA ALA A 18 0.90 -0.55 7.99
C ALA A 18 2.11 -1.40 7.64
N LEU A 19 2.35 -1.57 6.34
CA LEU A 19 3.46 -2.37 5.84
C LEU A 19 4.82 -1.72 6.12
N ALA A 20 4.82 -0.67 6.94
CA ALA A 20 6.07 0.01 7.29
C ALA A 20 6.82 -0.73 8.38
N GLN A 21 6.52 -2.02 8.53
CA GLN A 21 7.16 -2.85 9.54
C GLN A 21 8.35 -3.62 8.97
N ASP A 22 8.52 -3.56 7.66
CA ASP A 22 9.63 -4.27 7.02
C ASP A 22 10.80 -3.33 6.74
N THR A 23 10.64 -2.05 7.08
CA THR A 23 11.69 -1.07 6.86
C THR A 23 12.64 -1.02 8.05
N PHE A 24 12.12 -1.32 9.24
CA PHE A 24 12.91 -1.31 10.47
C PHE A 24 13.42 0.09 10.80
N HIS A 25 14.48 0.51 10.12
CA HIS A 25 15.07 1.83 10.35
C HIS A 25 14.05 2.94 10.09
N GLY A 26 12.94 2.59 9.46
CA GLY A 26 11.90 3.57 9.18
C GLY A 26 11.16 4.02 10.43
N TYR A 27 9.83 4.06 10.33
CA TYR A 27 9.01 4.47 11.46
C TYR A 27 9.18 3.51 12.64
N PRO A 28 9.68 4.00 13.79
CA PRO A 28 9.89 3.17 14.98
C PRO A 28 8.61 2.92 15.76
N GLY A 29 7.47 2.97 15.07
CA GLY A 29 6.19 2.74 15.73
C GLY A 29 5.30 1.79 14.96
N ILE A 30 5.82 0.62 14.65
CA ILE A 30 5.06 -0.38 13.91
C ILE A 30 5.63 -1.79 14.13
N THR A 31 4.79 -2.69 14.62
CA THR A 31 5.20 -4.07 14.87
C THR A 31 4.92 -4.96 13.67
N GLU A 32 5.66 -6.06 13.56
CA GLU A 32 5.48 -6.99 12.44
C GLU A 32 4.12 -7.66 12.51
N GLU A 33 3.46 -7.58 13.66
CA GLU A 33 2.14 -8.16 13.84
C GLU A 33 1.10 -7.07 14.00
N LEU A 34 1.58 -5.83 14.03
CA LEU A 34 0.72 -4.67 14.16
C LEU A 34 0.16 -4.24 12.81
N LEU A 35 0.97 -4.40 11.76
CA LEU A 35 0.58 -4.03 10.42
C LEU A 35 -0.77 -4.65 10.04
N ARG A 36 -1.14 -5.74 10.71
CA ARG A 36 -2.40 -6.42 10.45
C ARG A 36 -3.53 -5.73 11.20
N SER A 37 -3.42 -5.72 12.52
CA SER A 37 -4.43 -5.12 13.38
C SER A 37 -4.63 -3.64 13.06
N GLN A 38 -3.64 -3.02 12.42
CA GLN A 38 -3.72 -1.60 12.08
C GLN A 38 -4.92 -1.29 11.18
N LEU A 39 -5.19 -2.14 10.19
CA LEU A 39 -6.30 -1.89 9.27
C LEU A 39 -7.06 -3.17 8.90
N TYR A 40 -6.33 -4.28 8.80
CA TYR A 40 -6.95 -5.55 8.42
C TYR A 40 -6.83 -6.59 9.53
N PRO A 41 -7.79 -6.62 10.48
CA PRO A 41 -7.77 -7.57 11.58
C PRO A 41 -8.38 -8.92 11.19
N GLU A 42 -8.69 -9.08 9.90
CA GLU A 42 -9.28 -10.31 9.40
C GLU A 42 -8.23 -11.26 8.85
N VAL A 43 -7.28 -10.72 8.07
CA VAL A 43 -6.23 -11.53 7.49
C VAL A 43 -5.06 -11.69 8.48
N PRO A 44 -4.71 -12.94 8.85
CA PRO A 44 -3.62 -13.21 9.78
C PRO A 44 -2.32 -12.54 9.34
N PRO A 45 -1.38 -12.32 10.28
CA PRO A 45 -0.09 -11.69 9.98
C PRO A 45 0.82 -12.59 9.15
N GLU A 46 0.22 -13.56 8.46
CA GLU A 46 0.98 -14.49 7.62
C GLU A 46 0.41 -14.54 6.21
N GLU A 47 -0.92 -14.43 6.12
CA GLU A 47 -1.60 -14.47 4.82
C GLU A 47 -1.59 -13.10 4.15
N PHE A 48 -0.92 -12.14 4.78
CA PHE A 48 -0.83 -10.79 4.23
C PHE A 48 0.20 -10.73 3.11
N ARG A 49 1.19 -11.62 3.18
CA ARG A 49 2.26 -11.66 2.18
C ARG A 49 1.74 -12.08 0.80
N PRO A 50 0.99 -13.21 0.70
CA PRO A 50 0.47 -13.67 -0.59
C PRO A 50 -0.32 -12.58 -1.30
N PHE A 51 -1.02 -11.76 -0.52
CA PHE A 51 -1.78 -10.67 -1.09
C PHE A 51 -0.84 -9.56 -1.55
N LEU A 52 0.25 -9.39 -0.81
CA LEU A 52 1.24 -8.38 -1.13
C LEU A 52 1.89 -8.66 -2.48
N ALA A 53 1.78 -9.90 -2.95
CA ALA A 53 2.35 -10.25 -4.24
C ALA A 53 1.88 -9.26 -5.31
N LYS A 54 0.77 -8.59 -5.02
CA LYS A 54 0.20 -7.60 -5.92
C LYS A 54 0.22 -6.21 -5.26
N MET A 55 0.55 -6.19 -3.97
CA MET A 55 0.61 -4.94 -3.21
C MET A 55 1.96 -4.76 -2.50
N ARG A 56 3.01 -5.37 -3.04
CA ARG A 56 4.34 -5.27 -2.44
C ARG A 56 5.24 -4.33 -3.23
N GLY A 57 5.13 -4.38 -4.56
CA GLY A 57 5.93 -3.52 -5.40
C GLY A 57 5.77 -2.06 -5.06
N ILE A 58 4.63 -1.71 -4.48
CA ILE A 58 4.34 -0.34 -4.10
C ILE A 58 4.97 -0.01 -2.76
N LEU A 59 4.83 -0.92 -1.80
CA LEU A 59 5.40 -0.73 -0.47
C LEU A 59 6.91 -0.54 -0.59
N LYS A 60 7.50 -1.22 -1.57
CA LYS A 60 8.93 -1.12 -1.82
C LYS A 60 9.23 0.12 -2.65
N SER A 61 8.21 0.59 -3.36
CA SER A 61 8.35 1.77 -4.21
C SER A 61 8.44 3.06 -3.39
N ILE A 62 7.55 3.18 -2.41
CA ILE A 62 7.52 4.37 -1.57
C ILE A 62 8.51 4.29 -0.41
N ALA A 63 8.56 3.14 0.25
CA ALA A 63 9.46 2.96 1.39
C ALA A 63 10.89 2.58 0.99
N SER A 64 11.02 1.41 0.37
CA SER A 64 12.34 0.90 -0.02
C SER A 64 12.96 1.67 -1.19
N ALA A 65 12.17 2.48 -1.89
CA ALA A 65 12.69 3.24 -3.03
C ALA A 65 12.48 4.74 -2.86
N ASP A 66 11.33 5.13 -2.32
CA ASP A 66 11.01 6.54 -2.12
C ASP A 66 11.10 7.31 -3.43
N MET A 67 9.95 7.52 -4.06
CA MET A 67 9.89 8.23 -5.34
C MET A 67 9.33 9.64 -5.15
N ASP A 68 8.81 10.21 -6.24
CA ASP A 68 8.24 11.56 -6.18
C ASP A 68 6.83 11.61 -6.77
N PHE A 69 6.74 11.58 -8.09
CA PHE A 69 5.43 11.65 -8.77
C PHE A 69 5.51 11.07 -10.17
N ASN A 70 6.51 11.50 -10.94
CA ASN A 70 6.68 11.03 -12.31
C ASN A 70 7.03 9.53 -12.36
N GLN A 71 7.47 8.99 -11.23
CA GLN A 71 7.82 7.57 -11.17
C GLN A 71 6.63 6.73 -10.72
N LEU A 72 5.96 7.17 -9.66
CA LEU A 72 4.81 6.46 -9.12
C LEU A 72 3.62 6.50 -10.08
N GLU A 73 3.42 7.64 -10.72
CA GLU A 73 2.31 7.81 -11.66
C GLU A 73 2.28 6.66 -12.66
N ALA A 74 3.44 6.37 -13.23
CA ALA A 74 3.57 5.30 -14.21
C ALA A 74 3.74 3.94 -13.53
N PHE A 75 4.08 3.95 -12.25
CA PHE A 75 4.29 2.73 -11.51
C PHE A 75 2.96 2.05 -11.15
N LEU A 76 1.93 2.85 -10.93
CA LEU A 76 0.61 2.32 -10.58
C LEU A 76 0.01 1.58 -11.77
N THR A 77 0.10 2.17 -12.96
CA THR A 77 -0.44 1.55 -14.15
C THR A 77 0.20 0.18 -14.37
N ALA A 78 1.46 0.08 -13.99
CA ALA A 78 2.21 -1.17 -14.11
C ALA A 78 1.59 -2.27 -13.26
N GLN A 79 0.84 -1.85 -12.25
CA GLN A 79 0.18 -2.80 -11.35
C GLN A 79 -1.13 -3.30 -11.94
N THR A 80 -1.56 -2.65 -13.01
CA THR A 80 -2.81 -3.02 -13.68
C THR A 80 -2.54 -3.64 -15.04
N LYS A 81 -1.32 -3.46 -15.55
CA LYS A 81 -0.94 -4.00 -16.86
C LYS A 81 -0.16 -5.31 -16.69
N LYS A 82 -0.03 -5.77 -15.45
CA LYS A 82 0.69 -6.99 -15.15
C LYS A 82 -0.22 -8.21 -15.34
N GLN A 83 0.27 -9.38 -14.94
CA GLN A 83 -0.50 -10.62 -15.06
C GLN A 83 -1.67 -10.59 -14.09
N GLY A 84 -2.85 -10.19 -14.59
CA GLY A 84 -4.01 -10.10 -13.74
C GLY A 84 -4.05 -8.80 -12.96
N GLY A 85 -3.06 -8.62 -12.09
CA GLY A 85 -2.98 -7.41 -11.31
C GLY A 85 -4.23 -7.14 -10.50
N ILE A 86 -4.32 -5.92 -9.97
CA ILE A 86 -5.46 -5.52 -9.16
C ILE A 86 -6.57 -4.92 -10.03
N THR A 87 -7.70 -4.63 -9.41
CA THR A 87 -8.84 -4.06 -10.11
C THR A 87 -8.80 -2.53 -10.09
N SER A 88 -9.71 -1.91 -10.84
CA SER A 88 -9.77 -0.45 -10.91
C SER A 88 -10.07 0.15 -9.55
N ASP A 89 -10.85 -0.56 -8.74
CA ASP A 89 -11.22 -0.08 -7.41
C ASP A 89 -9.98 0.02 -6.51
N GLN A 90 -8.98 -0.81 -6.79
CA GLN A 90 -7.75 -0.82 -6.02
C GLN A 90 -6.76 0.22 -6.53
N ALA A 91 -6.56 0.25 -7.84
CA ALA A 91 -5.64 1.20 -8.46
C ALA A 91 -6.03 2.65 -8.17
N ALA A 92 -7.29 2.86 -7.79
CA ALA A 92 -7.79 4.19 -7.51
C ALA A 92 -7.30 4.73 -6.17
N VAL A 93 -7.22 3.87 -5.15
CA VAL A 93 -6.78 4.29 -3.83
C VAL A 93 -5.26 4.25 -3.69
N ILE A 94 -4.61 3.40 -4.46
CA ILE A 94 -3.16 3.28 -4.40
C ILE A 94 -2.47 4.39 -5.17
N SER A 95 -3.01 4.72 -6.35
CA SER A 95 -2.45 5.79 -7.18
C SER A 95 -2.36 7.10 -6.40
N LYS A 96 -3.09 7.17 -5.31
CA LYS A 96 -3.13 8.36 -4.46
C LYS A 96 -1.92 8.42 -3.52
N PHE A 97 -1.03 7.43 -3.64
CA PHE A 97 0.16 7.35 -2.79
C PHE A 97 1.04 8.61 -2.82
N TRP A 98 0.63 9.65 -3.56
CA TRP A 98 1.41 10.88 -3.60
C TRP A 98 0.54 12.12 -3.46
N LYS A 99 -0.78 11.94 -3.49
CA LYS A 99 -1.70 13.06 -3.36
C LYS A 99 -2.29 13.11 -1.96
N SER A 100 -2.37 11.96 -1.31
CA SER A 100 -2.91 11.87 0.04
C SER A 100 -2.01 12.59 1.04
N HIS A 101 -0.77 12.86 0.61
CA HIS A 101 0.19 13.55 1.45
C HIS A 101 0.53 14.92 0.86
N LYS A 102 -0.28 15.36 -0.10
CA LYS A 102 -0.07 16.64 -0.75
C LYS A 102 -1.28 17.57 -0.59
N THR A 103 -2.45 16.97 -0.40
CA THR A 103 -3.69 17.73 -0.23
C THR A 103 -3.74 18.41 1.12
N LYS A 104 -3.53 19.73 1.12
CA LYS A 104 -3.56 20.52 2.36
C LYS A 104 -2.57 19.99 3.39
N ILE A 105 -1.41 19.54 2.93
CA ILE A 105 -0.39 19.00 3.83
C ILE A 105 0.99 19.57 3.50
N ARG A 106 1.70 18.90 2.59
CA ARG A 106 3.04 19.32 2.18
C ARG A 106 3.98 19.44 3.38
N GLU A 107 3.57 18.85 4.50
CA GLU A 107 4.36 18.90 5.72
C GLU A 107 4.29 17.56 6.47
N SER A 108 5.40 16.85 6.52
CA SER A 108 5.45 15.56 7.20
C SER A 108 5.85 15.73 8.67
N MET A 1 -8.07 -14.77 -2.67
CA MET A 1 -6.99 -14.55 -3.67
C MET A 1 -7.59 -14.06 -4.99
N ALA A 2 -8.79 -14.52 -5.30
CA ALA A 2 -9.46 -14.13 -6.53
C ALA A 2 -10.14 -12.77 -6.39
N ALA A 3 -10.97 -12.64 -5.37
CA ALA A 3 -11.69 -11.39 -5.12
C ALA A 3 -11.08 -10.64 -3.93
N GLY A 4 -11.48 -9.39 -3.76
CA GLY A 4 -10.96 -8.59 -2.67
C GLY A 4 -11.37 -9.11 -1.30
N GLU A 5 -10.57 -10.00 -0.74
CA GLU A 5 -10.86 -10.58 0.57
C GLU A 5 -10.33 -9.67 1.67
N LEU A 6 -10.03 -8.42 1.32
CA LEU A 6 -9.51 -7.46 2.29
C LEU A 6 -10.55 -6.40 2.62
N GLU A 7 -11.43 -6.71 3.56
CA GLU A 7 -12.49 -5.81 4.01
C GLU A 7 -13.13 -5.06 2.83
N GLY A 8 -12.49 -3.97 2.40
CA GLY A 8 -13.01 -3.18 1.30
C GLY A 8 -11.98 -2.21 0.76
N GLY A 9 -12.40 -0.96 0.56
CA GLY A 9 -11.49 0.05 0.04
C GLY A 9 -10.66 0.70 1.13
N LYS A 10 -11.14 0.61 2.37
CA LYS A 10 -10.45 1.19 3.52
C LYS A 10 -9.04 0.62 3.69
N PRO A 11 -8.89 -0.72 3.72
CA PRO A 11 -7.56 -1.35 3.90
C PRO A 11 -6.60 -1.00 2.77
N LEU A 12 -7.00 -1.35 1.54
CA LEU A 12 -6.17 -1.09 0.37
C LEU A 12 -5.72 0.37 0.32
N SER A 13 -6.52 1.26 0.87
CA SER A 13 -6.19 2.68 0.89
C SER A 13 -4.98 2.94 1.79
N GLY A 14 -5.09 2.52 3.05
CA GLY A 14 -4.01 2.70 4.00
C GLY A 14 -3.13 1.46 4.10
N LEU A 15 -3.05 0.73 2.98
CA LEU A 15 -2.26 -0.49 2.93
C LEU A 15 -0.77 -0.17 2.94
N LEU A 16 -0.30 0.53 1.91
CA LEU A 16 1.11 0.90 1.81
C LEU A 16 1.56 1.59 3.10
N ASN A 17 0.59 2.12 3.84
CA ASN A 17 0.86 2.80 5.10
C ASN A 17 1.20 1.80 6.20
N ALA A 18 0.42 0.72 6.28
CA ALA A 18 0.64 -0.31 7.29
C ALA A 18 1.83 -1.19 6.94
N LEU A 19 1.98 -1.48 5.65
CA LEU A 19 3.06 -2.32 5.15
C LEU A 19 4.43 -1.80 5.59
N ALA A 20 4.48 -0.56 6.06
CA ALA A 20 5.73 0.03 6.51
C ALA A 20 6.27 -0.70 7.73
N GLN A 21 7.12 -1.69 7.49
CA GLN A 21 7.70 -2.49 8.58
C GLN A 21 8.52 -1.60 9.51
N ASP A 22 9.56 -0.99 8.98
CA ASP A 22 10.43 -0.11 9.77
C ASP A 22 10.64 1.22 9.08
N THR A 23 10.04 2.27 9.64
CA THR A 23 10.16 3.61 9.08
C THR A 23 11.60 4.11 9.17
N PHE A 24 12.42 3.43 9.96
CA PHE A 24 13.81 3.80 10.14
C PHE A 24 13.92 5.18 10.78
N HIS A 25 14.20 5.20 12.09
CA HIS A 25 14.32 6.45 12.83
C HIS A 25 13.03 7.24 12.78
N GLY A 26 12.19 7.06 13.79
CA GLY A 26 10.92 7.76 13.84
C GLY A 26 10.07 7.34 15.03
N TYR A 27 8.79 7.07 14.78
CA TYR A 27 7.88 6.66 15.84
C TYR A 27 7.63 5.15 15.79
N PRO A 28 7.57 4.49 16.97
CA PRO A 28 7.32 3.05 17.04
C PRO A 28 5.84 2.71 16.96
N GLY A 29 5.06 3.63 16.41
CA GLY A 29 3.62 3.41 16.29
C GLY A 29 3.26 2.51 15.13
N ILE A 30 4.27 1.90 14.51
CA ILE A 30 4.03 1.01 13.38
C ILE A 30 5.12 -0.07 13.30
N THR A 31 4.70 -1.32 13.19
CA THR A 31 5.63 -2.44 13.10
C THR A 31 5.02 -3.57 12.27
N GLU A 32 5.59 -4.77 12.39
CA GLU A 32 5.09 -5.91 11.64
C GLU A 32 3.76 -6.40 12.20
N GLU A 33 3.70 -6.56 13.52
CA GLU A 33 2.48 -7.02 14.17
C GLU A 33 1.38 -5.96 14.09
N LEU A 34 1.79 -4.72 13.87
CA LEU A 34 0.84 -3.61 13.77
C LEU A 34 0.29 -3.48 12.36
N LEU A 35 1.13 -3.73 11.37
CA LEU A 35 0.74 -3.63 9.96
C LEU A 35 -0.64 -4.26 9.73
N ARG A 36 -0.93 -5.32 10.48
CA ARG A 36 -2.22 -6.00 10.37
C ARG A 36 -3.30 -5.31 11.18
N SER A 37 -3.10 -5.24 12.49
CA SER A 37 -4.07 -4.64 13.41
C SER A 37 -4.38 -3.18 13.08
N GLN A 38 -3.50 -2.52 12.33
CA GLN A 38 -3.70 -1.12 11.99
C GLN A 38 -4.88 -0.92 11.04
N LEU A 39 -5.16 -1.91 10.20
CA LEU A 39 -6.27 -1.80 9.25
C LEU A 39 -7.03 -3.12 9.09
N TYR A 40 -6.29 -4.20 8.85
CA TYR A 40 -6.92 -5.51 8.67
C TYR A 40 -6.61 -6.45 9.83
N PRO A 41 -7.39 -6.37 10.92
CA PRO A 41 -7.19 -7.22 12.09
C PRO A 41 -7.77 -8.62 11.89
N GLU A 42 -8.26 -8.88 10.68
CA GLU A 42 -8.85 -10.17 10.34
C GLU A 42 -7.80 -11.12 9.78
N VAL A 43 -6.94 -10.61 8.89
CA VAL A 43 -5.91 -11.42 8.29
C VAL A 43 -4.60 -11.34 9.09
N PRO A 44 -4.05 -12.48 9.53
CA PRO A 44 -2.81 -12.51 10.30
C PRO A 44 -1.69 -11.76 9.60
N PRO A 45 -0.66 -11.32 10.36
CA PRO A 45 0.48 -10.58 9.80
C PRO A 45 1.34 -11.46 8.90
N GLU A 46 0.93 -12.71 8.74
CA GLU A 46 1.65 -13.66 7.90
C GLU A 46 0.80 -14.11 6.72
N GLU A 47 -0.50 -14.23 6.96
CA GLU A 47 -1.43 -14.65 5.91
C GLU A 47 -1.64 -13.53 4.89
N PHE A 48 -1.07 -12.37 5.17
CA PHE A 48 -1.19 -11.22 4.28
C PHE A 48 -0.24 -11.33 3.10
N ARG A 49 0.82 -12.11 3.27
CA ARG A 49 1.83 -12.29 2.23
C ARG A 49 1.22 -12.77 0.90
N PRO A 50 0.40 -13.85 0.92
CA PRO A 50 -0.21 -14.39 -0.30
C PRO A 50 -0.97 -13.33 -1.09
N PHE A 51 -1.68 -12.44 -0.38
CA PHE A 51 -2.44 -11.39 -1.05
C PHE A 51 -1.58 -10.16 -1.30
N LEU A 52 -0.51 -10.04 -0.53
CA LEU A 52 0.39 -8.91 -0.63
C LEU A 52 1.37 -9.11 -1.78
N ALA A 53 1.58 -10.36 -2.17
CA ALA A 53 2.50 -10.66 -3.28
C ALA A 53 2.19 -9.76 -4.47
N LYS A 54 0.92 -9.43 -4.63
CA LYS A 54 0.47 -8.57 -5.71
C LYS A 54 0.46 -7.12 -5.25
N MET A 55 0.35 -6.93 -3.95
CA MET A 55 0.32 -5.60 -3.33
C MET A 55 1.67 -5.28 -2.67
N ARG A 56 2.71 -6.00 -3.07
CA ARG A 56 4.05 -5.80 -2.52
C ARG A 56 4.92 -4.95 -3.44
N GLY A 57 4.54 -4.90 -4.71
CA GLY A 57 5.30 -4.11 -5.68
C GLY A 57 5.18 -2.62 -5.42
N ILE A 58 4.65 -2.26 -4.26
CA ILE A 58 4.48 -0.86 -3.91
C ILE A 58 5.27 -0.50 -2.66
N LEU A 59 5.16 -1.35 -1.63
CA LEU A 59 5.84 -1.12 -0.36
C LEU A 59 7.35 -0.97 -0.56
N LYS A 60 7.92 -1.80 -1.43
CA LYS A 60 9.35 -1.75 -1.69
C LYS A 60 9.69 -0.55 -2.59
N SER A 61 8.67 -0.03 -3.26
CA SER A 61 8.84 1.11 -4.16
C SER A 61 9.02 2.41 -3.37
N ILE A 62 8.22 2.57 -2.34
CA ILE A 62 8.26 3.78 -1.52
C ILE A 62 9.35 3.70 -0.44
N ALA A 63 9.66 2.50 0.01
CA ALA A 63 10.66 2.30 1.05
C ALA A 63 12.08 2.26 0.48
N SER A 64 12.33 1.30 -0.39
CA SER A 64 13.66 1.12 -0.99
C SER A 64 14.06 2.28 -1.91
N ALA A 65 13.10 2.80 -2.67
CA ALA A 65 13.39 3.88 -3.60
C ALA A 65 12.95 5.25 -3.08
N ASP A 66 11.79 5.28 -2.42
CA ASP A 66 11.26 6.54 -1.90
C ASP A 66 11.16 7.59 -3.00
N MET A 67 10.03 7.59 -3.70
CA MET A 67 9.80 8.52 -4.80
C MET A 67 9.09 9.78 -4.33
N ASP A 68 8.65 10.60 -5.29
CA ASP A 68 7.94 11.83 -4.98
C ASP A 68 6.43 11.66 -5.14
N PHE A 69 5.95 11.73 -6.38
CA PHE A 69 4.53 11.58 -6.66
C PHE A 69 4.28 11.38 -8.15
N ASN A 70 5.09 12.03 -8.97
CA ASN A 70 4.97 11.93 -10.42
C ASN A 70 5.49 10.59 -10.92
N GLN A 71 6.53 10.09 -10.26
CA GLN A 71 7.12 8.80 -10.63
C GLN A 71 6.18 7.66 -10.28
N LEU A 72 5.75 7.62 -9.03
CA LEU A 72 4.85 6.59 -8.54
C LEU A 72 3.55 6.58 -9.34
N GLU A 73 3.04 7.78 -9.65
CA GLU A 73 1.79 7.93 -10.38
C GLU A 73 1.79 7.05 -11.64
N ALA A 74 2.87 7.09 -12.39
CA ALA A 74 2.99 6.30 -13.62
C ALA A 74 3.37 4.85 -13.30
N PHE A 75 3.88 4.64 -12.10
CA PHE A 75 4.30 3.30 -11.68
C PHE A 75 3.11 2.45 -11.25
N LEU A 76 2.03 3.12 -10.87
CA LEU A 76 0.81 2.43 -10.44
C LEU A 76 0.04 1.88 -11.62
N THR A 77 -0.19 2.72 -12.63
CA THR A 77 -0.92 2.30 -13.82
C THR A 77 -0.27 1.07 -14.43
N ALA A 78 1.03 0.91 -14.19
CA ALA A 78 1.78 -0.22 -14.70
C ALA A 78 1.29 -1.53 -14.11
N GLN A 79 0.76 -1.46 -12.88
CA GLN A 79 0.25 -2.65 -12.20
C GLN A 79 -1.08 -3.08 -12.79
N THR A 80 -1.67 -2.23 -13.61
CA THR A 80 -2.95 -2.53 -14.22
C THR A 80 -2.77 -3.02 -15.65
N LYS A 81 -1.60 -2.77 -16.22
CA LYS A 81 -1.30 -3.18 -17.59
C LYS A 81 -0.89 -4.65 -17.61
N LYS A 82 -0.39 -5.14 -16.47
CA LYS A 82 0.03 -6.52 -16.34
C LYS A 82 -1.16 -7.46 -16.38
N GLN A 83 -0.90 -8.75 -16.14
CA GLN A 83 -1.96 -9.75 -16.14
C GLN A 83 -2.12 -10.34 -14.73
N GLY A 84 -3.37 -10.45 -14.30
CA GLY A 84 -3.64 -10.98 -12.98
C GLY A 84 -3.32 -9.99 -11.88
N GLY A 85 -2.96 -8.77 -12.30
CA GLY A 85 -2.63 -7.72 -11.34
C GLY A 85 -3.85 -7.22 -10.59
N ILE A 86 -4.00 -5.91 -10.52
CA ILE A 86 -5.13 -5.31 -9.82
C ILE A 86 -6.06 -4.60 -10.80
N THR A 87 -7.28 -4.33 -10.35
CA THR A 87 -8.28 -3.67 -11.18
C THR A 87 -8.18 -2.15 -11.08
N SER A 88 -9.11 -1.46 -11.71
CA SER A 88 -9.13 0.00 -11.68
C SER A 88 -9.52 0.50 -10.29
N ASP A 89 -10.45 -0.20 -9.65
CA ASP A 89 -10.90 0.17 -8.32
C ASP A 89 -9.73 0.11 -7.33
N GLN A 90 -8.92 -0.93 -7.45
CA GLN A 90 -7.76 -1.10 -6.58
C GLN A 90 -6.70 -0.06 -6.91
N ALA A 91 -6.37 0.05 -8.18
CA ALA A 91 -5.36 1.01 -8.65
C ALA A 91 -5.73 2.45 -8.30
N ALA A 92 -7.02 2.68 -8.03
CA ALA A 92 -7.50 4.02 -7.71
C ALA A 92 -7.11 4.44 -6.30
N VAL A 93 -7.21 3.53 -5.34
CA VAL A 93 -6.88 3.85 -3.96
C VAL A 93 -5.37 3.71 -3.69
N ILE A 94 -4.72 2.82 -4.43
CA ILE A 94 -3.29 2.60 -4.27
C ILE A 94 -2.48 3.71 -4.93
N SER A 95 -3.02 4.26 -6.02
CA SER A 95 -2.36 5.36 -6.73
C SER A 95 -2.22 6.57 -5.83
N LYS A 96 -2.95 6.56 -4.73
CA LYS A 96 -2.94 7.65 -3.76
C LYS A 96 -1.75 7.52 -2.81
N PHE A 97 -0.92 6.51 -3.05
CA PHE A 97 0.26 6.25 -2.21
C PHE A 97 1.22 7.44 -2.11
N TRP A 98 0.91 8.58 -2.76
CA TRP A 98 1.80 9.74 -2.67
C TRP A 98 1.06 11.01 -2.24
N LYS A 99 -0.25 10.91 -2.02
CA LYS A 99 -1.03 12.07 -1.61
C LYS A 99 -1.38 11.99 -0.12
N SER A 100 -1.31 10.78 0.44
CA SER A 100 -1.62 10.57 1.84
C SER A 100 -0.48 11.06 2.73
N HIS A 101 0.68 11.26 2.13
CA HIS A 101 1.86 11.71 2.86
C HIS A 101 2.41 13.01 2.27
N LYS A 102 1.59 13.69 1.46
CA LYS A 102 2.01 14.94 0.86
C LYS A 102 0.81 15.81 0.48
N THR A 103 0.21 16.42 1.49
CA THR A 103 -0.95 17.30 1.29
C THR A 103 -1.04 18.32 2.41
N LYS A 104 -1.47 17.87 3.58
CA LYS A 104 -1.58 18.74 4.76
C LYS A 104 -0.70 18.21 5.88
N ILE A 105 0.21 17.31 5.53
CA ILE A 105 1.13 16.72 6.49
C ILE A 105 2.01 17.79 7.14
N ARG A 106 2.72 18.54 6.30
CA ARG A 106 3.59 19.60 6.78
C ARG A 106 3.83 20.64 5.69
N GLU A 107 4.23 20.17 4.50
CA GLU A 107 4.50 21.05 3.37
C GLU A 107 3.88 20.51 2.10
N SER A 108 3.42 21.42 1.23
CA SER A 108 2.81 21.03 -0.03
C SER A 108 3.83 21.05 -1.16
N MET A 1 -18.07 -9.34 0.71
CA MET A 1 -19.06 -8.95 -0.33
C MET A 1 -18.41 -8.04 -1.37
N ALA A 2 -18.84 -8.20 -2.63
CA ALA A 2 -18.30 -7.41 -3.72
C ALA A 2 -16.78 -7.56 -3.82
N ALA A 3 -16.28 -8.72 -3.42
CA ALA A 3 -14.85 -8.99 -3.46
C ALA A 3 -14.08 -7.97 -2.64
N GLY A 4 -13.90 -8.26 -1.35
CA GLY A 4 -13.18 -7.35 -0.48
C GLY A 4 -12.69 -8.03 0.78
N GLU A 5 -11.53 -8.68 0.69
CA GLU A 5 -10.95 -9.38 1.83
C GLU A 5 -9.97 -8.47 2.56
N LEU A 6 -10.05 -7.17 2.29
CA LEU A 6 -9.18 -6.19 2.92
C LEU A 6 -9.97 -4.97 3.34
N GLU A 7 -11.16 -5.19 3.88
CA GLU A 7 -12.03 -4.11 4.33
C GLU A 7 -12.50 -3.29 3.13
N GLY A 8 -12.97 -2.07 3.40
CA GLY A 8 -13.43 -1.21 2.34
C GLY A 8 -12.29 -0.78 1.42
N GLY A 9 -12.61 0.06 0.45
CA GLY A 9 -11.59 0.53 -0.49
C GLY A 9 -10.67 1.56 0.14
N LYS A 10 -11.11 2.20 1.21
CA LYS A 10 -10.32 3.21 1.90
C LYS A 10 -9.12 2.61 2.63
N PRO A 11 -9.35 1.64 3.55
CA PRO A 11 -8.26 0.99 4.30
C PRO A 11 -7.05 0.62 3.43
N LEU A 12 -7.29 0.14 2.21
CA LEU A 12 -6.20 -0.25 1.32
C LEU A 12 -5.25 0.91 1.06
N SER A 13 -5.71 2.14 1.30
CA SER A 13 -4.88 3.31 1.11
C SER A 13 -3.80 3.38 2.19
N GLY A 14 -4.16 2.87 3.37
CA GLY A 14 -3.22 2.85 4.48
C GLY A 14 -2.34 1.62 4.46
N LEU A 15 -2.28 0.97 3.30
CA LEU A 15 -1.48 -0.25 3.14
C LEU A 15 0.00 0.08 3.23
N LEU A 16 0.47 0.91 2.30
CA LEU A 16 1.87 1.32 2.28
C LEU A 16 2.25 1.90 3.63
N ASN A 17 1.23 2.33 4.38
CA ASN A 17 1.42 2.89 5.71
C ASN A 17 1.64 1.77 6.72
N ALA A 18 0.78 0.76 6.66
CA ALA A 18 0.87 -0.39 7.55
C ALA A 18 2.17 -1.16 7.29
N LEU A 19 2.59 -1.14 6.03
CA LEU A 19 3.81 -1.84 5.62
C LEU A 19 5.07 -1.06 5.99
N ALA A 20 4.91 -0.02 6.80
CA ALA A 20 6.04 0.81 7.21
C ALA A 20 6.97 0.08 8.18
N GLN A 21 6.88 -1.26 8.19
CA GLN A 21 7.73 -2.07 9.06
C GLN A 21 9.18 -1.64 8.98
N ASP A 22 9.62 -0.86 9.97
CA ASP A 22 10.99 -0.36 10.02
C ASP A 22 11.38 0.27 8.68
N THR A 23 10.97 1.51 8.47
CA THR A 23 11.28 2.23 7.24
C THR A 23 12.67 2.86 7.28
N PHE A 24 13.07 3.29 8.47
CA PHE A 24 14.39 3.90 8.65
C PHE A 24 14.79 3.92 10.12
N HIS A 25 16.01 3.48 10.40
CA HIS A 25 16.53 3.44 11.77
C HIS A 25 15.68 2.52 12.65
N GLY A 26 14.59 3.06 13.20
CA GLY A 26 13.72 2.27 14.05
C GLY A 26 12.26 2.46 13.69
N TYR A 27 11.39 1.75 14.40
CA TYR A 27 9.96 1.84 14.15
C TYR A 27 9.31 2.89 15.05
N PRO A 28 8.65 3.91 14.46
CA PRO A 28 7.99 4.97 15.24
C PRO A 28 6.62 4.53 15.76
N GLY A 29 6.31 3.25 15.58
CA GLY A 29 5.04 2.72 16.03
C GLY A 29 4.42 1.78 15.01
N ILE A 30 5.23 0.88 14.46
CA ILE A 30 4.75 -0.06 13.46
C ILE A 30 5.34 -1.46 13.71
N THR A 31 4.61 -2.50 13.30
CA THR A 31 5.07 -3.87 13.49
C THR A 31 4.45 -4.79 12.44
N GLU A 32 5.10 -5.92 12.18
CA GLU A 32 4.63 -6.86 11.18
C GLU A 32 3.24 -7.40 11.54
N GLU A 33 3.06 -7.81 12.78
CA GLU A 33 1.77 -8.32 13.22
C GLU A 33 0.80 -7.17 13.47
N LEU A 34 1.34 -5.96 13.44
CA LEU A 34 0.55 -4.75 13.67
C LEU A 34 -0.13 -4.25 12.40
N LEU A 35 0.56 -4.33 11.27
CA LEU A 35 0.00 -3.85 10.01
C LEU A 35 -1.36 -4.47 9.72
N ARG A 36 -1.64 -5.58 10.38
CA ARG A 36 -2.90 -6.29 10.21
C ARG A 36 -3.97 -5.65 11.07
N SER A 37 -3.65 -5.47 12.34
CA SER A 37 -4.57 -4.88 13.29
C SER A 37 -4.83 -3.40 12.95
N GLN A 38 -3.92 -2.81 12.18
CA GLN A 38 -4.05 -1.39 11.82
C GLN A 38 -5.18 -1.15 10.81
N LEU A 39 -5.37 -2.06 9.86
CA LEU A 39 -6.40 -1.88 8.85
C LEU A 39 -7.14 -3.17 8.50
N TYR A 40 -6.39 -4.23 8.18
CA TYR A 40 -7.01 -5.51 7.82
C TYR A 40 -6.83 -6.56 8.92
N PRO A 41 -7.64 -6.49 9.99
CA PRO A 41 -7.56 -7.44 11.10
C PRO A 41 -8.16 -8.79 10.74
N GLU A 42 -8.67 -8.90 9.52
CA GLU A 42 -9.28 -10.14 9.04
C GLU A 42 -8.22 -11.09 8.49
N VAL A 43 -7.31 -10.58 7.67
CA VAL A 43 -6.26 -11.40 7.10
C VAL A 43 -5.05 -11.48 8.04
N PRO A 44 -4.60 -12.69 8.39
CA PRO A 44 -3.44 -12.86 9.28
C PRO A 44 -2.24 -12.07 8.79
N PRO A 45 -1.30 -11.74 9.70
CA PRO A 45 -0.10 -10.98 9.35
C PRO A 45 0.86 -11.78 8.47
N GLU A 46 0.48 -13.02 8.17
CA GLU A 46 1.29 -13.90 7.34
C GLU A 46 0.59 -14.21 6.02
N GLU A 47 -0.73 -14.37 6.09
CA GLU A 47 -1.51 -14.68 4.89
C GLU A 47 -1.63 -13.45 3.99
N PHE A 48 -1.06 -12.35 4.44
CA PHE A 48 -1.11 -11.11 3.67
C PHE A 48 -0.07 -11.10 2.55
N ARG A 49 0.98 -11.91 2.71
CA ARG A 49 2.04 -11.99 1.71
C ARG A 49 1.51 -12.36 0.32
N PRO A 50 0.71 -13.45 0.20
CA PRO A 50 0.17 -13.86 -1.10
C PRO A 50 -0.59 -12.72 -1.77
N PHE A 51 -1.21 -11.88 -0.95
CA PHE A 51 -1.94 -10.73 -1.45
C PHE A 51 -1.01 -9.56 -1.67
N LEU A 52 0.13 -9.59 -0.97
CA LEU A 52 1.13 -8.53 -1.08
C LEU A 52 1.95 -8.71 -2.34
N ALA A 53 1.92 -9.91 -2.91
CA ALA A 53 2.67 -10.19 -4.12
C ALA A 53 2.34 -9.17 -5.21
N LYS A 54 1.21 -8.51 -5.06
CA LYS A 54 0.75 -7.50 -5.99
C LYS A 54 0.62 -6.14 -5.32
N MET A 55 0.74 -6.13 -3.99
CA MET A 55 0.63 -4.90 -3.21
C MET A 55 1.96 -4.56 -2.53
N ARG A 56 3.03 -5.25 -2.95
CA ARG A 56 4.36 -5.03 -2.38
C ARG A 56 5.15 -4.08 -3.26
N GLY A 57 4.84 -4.07 -4.55
CA GLY A 57 5.53 -3.20 -5.49
C GLY A 57 5.48 -1.75 -5.06
N ILE A 58 4.53 -1.41 -4.20
CA ILE A 58 4.37 -0.05 -3.72
C ILE A 58 5.12 0.16 -2.40
N LEU A 59 5.31 -0.93 -1.66
CA LEU A 59 6.01 -0.87 -0.37
C LEU A 59 7.51 -0.72 -0.57
N LYS A 60 8.13 -1.69 -1.23
CA LYS A 60 9.57 -1.65 -1.47
C LYS A 60 9.94 -0.42 -2.30
N SER A 61 8.95 0.17 -2.95
CA SER A 61 9.16 1.34 -3.78
C SER A 61 9.33 2.60 -2.93
N ILE A 62 8.40 2.82 -2.02
CA ILE A 62 8.42 3.99 -1.16
C ILE A 62 9.32 3.81 0.07
N ALA A 63 9.51 2.56 0.50
CA ALA A 63 10.31 2.28 1.69
C ALA A 63 11.82 2.22 1.40
N SER A 64 12.24 1.27 0.57
CA SER A 64 13.65 1.10 0.28
C SER A 64 14.16 2.08 -0.78
N ALA A 65 13.24 2.73 -1.50
CA ALA A 65 13.65 3.69 -2.53
C ALA A 65 13.07 5.07 -2.29
N ASP A 66 11.82 5.12 -1.83
CA ASP A 66 11.15 6.40 -1.57
C ASP A 66 11.16 7.29 -2.80
N MET A 67 10.12 7.18 -3.61
CA MET A 67 10.02 7.98 -4.83
C MET A 67 9.34 9.32 -4.56
N ASP A 68 9.22 10.15 -5.60
CA ASP A 68 8.59 11.45 -5.47
C ASP A 68 7.10 11.37 -5.74
N PHE A 69 6.72 11.39 -7.01
CA PHE A 69 5.30 11.32 -7.39
C PHE A 69 5.15 11.00 -8.87
N ASN A 70 6.01 11.59 -9.69
CA ASN A 70 5.95 11.38 -11.13
C ASN A 70 6.50 10.00 -11.50
N GLN A 71 7.09 9.32 -10.52
CA GLN A 71 7.65 8.00 -10.74
C GLN A 71 6.62 6.91 -10.43
N LEU A 72 5.88 7.10 -9.35
CA LEU A 72 4.86 6.13 -8.94
C LEU A 72 3.63 6.23 -9.83
N GLU A 73 3.36 7.44 -10.33
CA GLU A 73 2.20 7.68 -11.18
C GLU A 73 2.07 6.62 -12.28
N ALA A 74 3.18 6.35 -12.97
CA ALA A 74 3.19 5.37 -14.04
C ALA A 74 3.35 3.94 -13.51
N PHE A 75 3.81 3.83 -12.26
CA PHE A 75 4.02 2.52 -11.65
C PHE A 75 2.70 1.81 -11.37
N LEU A 76 1.73 2.53 -10.83
CA LEU A 76 0.42 1.95 -10.52
C LEU A 76 -0.22 1.39 -11.79
N THR A 77 -0.08 2.10 -12.89
CA THR A 77 -0.65 1.66 -14.16
C THR A 77 -0.10 0.29 -14.55
N ALA A 78 1.06 -0.05 -14.00
CA ALA A 78 1.70 -1.33 -14.30
C ALA A 78 1.04 -2.45 -13.50
N GLN A 79 0.50 -2.10 -12.33
CA GLN A 79 -0.16 -3.07 -11.47
C GLN A 79 -1.53 -3.44 -12.02
N THR A 80 -2.00 -2.66 -12.98
CA THR A 80 -3.30 -2.89 -13.60
C THR A 80 -3.14 -3.42 -15.03
N LYS A 81 -1.91 -3.73 -15.41
CA LYS A 81 -1.63 -4.24 -16.75
C LYS A 81 -0.82 -5.54 -16.70
N LYS A 82 -0.20 -5.81 -15.55
CA LYS A 82 0.59 -7.01 -15.39
C LYS A 82 -0.30 -8.26 -15.38
N GLN A 83 0.31 -9.41 -15.09
CA GLN A 83 -0.42 -10.66 -15.04
C GLN A 83 -1.36 -10.68 -13.84
N GLY A 84 -2.59 -10.22 -14.04
CA GLY A 84 -3.55 -10.17 -12.96
C GLY A 84 -3.53 -8.85 -12.23
N GLY A 85 -2.51 -8.64 -11.41
CA GLY A 85 -2.38 -7.40 -10.67
C GLY A 85 -3.58 -7.14 -9.78
N ILE A 86 -3.93 -5.87 -9.61
CA ILE A 86 -5.04 -5.49 -8.77
C ILE A 86 -6.22 -5.01 -9.60
N THR A 87 -7.36 -4.78 -8.94
CA THR A 87 -8.57 -4.33 -9.62
C THR A 87 -8.60 -2.81 -9.73
N SER A 88 -9.67 -2.29 -10.33
CA SER A 88 -9.84 -0.86 -10.49
C SER A 88 -10.07 -0.18 -9.14
N ASP A 89 -10.83 -0.85 -8.28
CA ASP A 89 -11.13 -0.32 -6.95
C ASP A 89 -9.87 -0.24 -6.11
N GLN A 90 -9.01 -1.24 -6.24
CA GLN A 90 -7.76 -1.30 -5.49
C GLN A 90 -6.75 -0.31 -6.06
N ALA A 91 -6.80 -0.12 -7.37
CA ALA A 91 -5.88 0.79 -8.05
C ALA A 91 -6.29 2.24 -7.85
N ALA A 92 -7.55 2.45 -7.48
CA ALA A 92 -8.07 3.80 -7.27
C ALA A 92 -7.54 4.42 -5.98
N VAL A 93 -7.36 3.60 -4.95
CA VAL A 93 -6.88 4.09 -3.66
C VAL A 93 -5.35 4.15 -3.60
N ILE A 94 -4.68 3.15 -4.16
CA ILE A 94 -3.22 3.10 -4.15
C ILE A 94 -2.61 4.16 -5.05
N SER A 95 -3.24 4.42 -6.19
CA SER A 95 -2.75 5.42 -7.13
C SER A 95 -2.68 6.80 -6.48
N LYS A 96 -3.34 6.92 -5.33
CA LYS A 96 -3.38 8.17 -4.58
C LYS A 96 -2.18 8.30 -3.65
N PHE A 97 -1.30 7.31 -3.69
CA PHE A 97 -0.10 7.27 -2.85
C PHE A 97 0.66 8.61 -2.79
N TRP A 98 0.44 9.52 -3.74
CA TRP A 98 1.14 10.80 -3.70
C TRP A 98 0.24 12.01 -3.98
N LYS A 99 -0.97 11.76 -4.46
CA LYS A 99 -1.88 12.86 -4.77
C LYS A 99 -2.35 13.56 -3.50
N SER A 100 -2.32 12.84 -2.39
CA SER A 100 -2.74 13.38 -1.10
C SER A 100 -1.85 14.55 -0.68
N HIS A 101 -0.70 14.68 -1.31
CA HIS A 101 0.23 15.75 -0.99
C HIS A 101 0.58 16.58 -2.22
N LYS A 102 0.36 16.01 -3.41
CA LYS A 102 0.65 16.70 -4.66
C LYS A 102 -0.63 16.99 -5.43
N THR A 103 -1.40 17.98 -4.96
CA THR A 103 -2.65 18.36 -5.61
C THR A 103 -3.01 19.81 -5.29
N LYS A 104 -3.30 20.07 -4.02
CA LYS A 104 -3.66 21.41 -3.58
C LYS A 104 -2.90 21.78 -2.31
N ILE A 105 -1.92 20.95 -1.94
CA ILE A 105 -1.11 21.19 -0.75
C ILE A 105 0.12 22.02 -1.10
N ARG A 106 0.77 21.67 -2.21
CA ARG A 106 1.97 22.38 -2.64
C ARG A 106 1.68 23.20 -3.90
N GLU A 107 1.01 22.58 -4.86
CA GLU A 107 0.65 23.23 -6.12
C GLU A 107 1.91 23.72 -6.85
N SER A 108 3.06 23.20 -6.45
CA SER A 108 4.34 23.58 -7.05
C SER A 108 4.57 25.09 -6.95
#